data_6GS8
#
_entry.id   6GS8
#
_cell.length_a   127.910
_cell.length_b   87.420
_cell.length_c   130.270
_cell.angle_alpha   90.000
_cell.angle_beta   119.480
_cell.angle_gamma   90.000
#
_symmetry.space_group_name_H-M   'P 1 21 1'
#
loop_
_entity.id
_entity.type
_entity.pdbx_description
1 polymer 'Uncharacterized protein'
2 non-polymer "9,9'-[(2R,3R,3aS,5S,7aR,9R,10R,10aS,12S,14aR)-3,5,10,12-tetrahydroxy-5,12-dioxidooctahydro-2H,7H-difuro[3,2-d:3',2'-j][1,3,7,9,2,8]tetraoxadiphosphacyclododecine-2,9-diyl]bis(2-amino-1,9-dihydro-6H-purin-6-one)"
3 non-polymer 'MAGNESIUM ION'
4 water water
#
_entity_poly.entity_id   1
_entity_poly.type   'polypeptide(L)'
_entity_poly.pdbx_seq_one_letter_code
;(MSE)RYRPFGSTGVAVSALTLRLADNPRLRANDWRALVFTALENGVNSFQIDGDAPELLKGAGEAFASVERHLLFLTWR
LRGDAKQLGPHTLDALKRSAFEGLSLDYLDLLLINDPQSASLP(MSE)AFESGLQDLQKGRALRGLGVASRGDIDPGLLA
NDLVTAVSSPYNLSSGWAERHRIRQASQNNFAVIGEDFWPQALREVVADKAPPKPSFWQRRTDPLADVGGYEFLTNTPGW
SAEDICLGYALTEPSLATVRVTADNRQEIERLAAVVERDLPTGVCAQIE(MSE)ARFSAQEREKAARRPKLAAALEHHHH
;
_entity_poly.pdbx_strand_id   A,B,C,D,E,F
#
loop_
_chem_comp.id
_chem_comp.type
_chem_comp.name
_chem_comp.formula
C2E non-polymer 9,9'-[(2R,3R,3aS,5S,7aR,9R,10R,10aS,12S,14aR)-3,5,10,12-tetrahydroxy-5,12-dioxidooctahydro-2H,7H-difuro[3,2-d:3',2'-j][1,3,7,9,2,8]tetraoxadiphosphacyclododecine-2,9-diyl]bis(2-amino-1,9-dihydro-6H-purin-6-one) 'C20 H24 N10 O14 P2'
MG non-polymer 'MAGNESIUM ION' 'Mg 2'
#
# COMPACT_ATOMS: atom_id res chain seq x y z
N MSE A 1 10.22 -30.32 -13.83
CA MSE A 1 11.17 -29.30 -14.27
C MSE A 1 10.91 -27.97 -13.56
O MSE A 1 9.75 -27.62 -13.45
CB MSE A 1 11.02 -29.07 -15.77
CG MSE A 1 12.18 -28.27 -16.38
SE MSE A 1 13.91 -29.16 -16.01
CE MSE A 1 14.92 -27.92 -15.00
N ARG A 2 11.96 -27.27 -13.16
CA ARG A 2 11.91 -25.83 -12.73
C ARG A 2 12.43 -24.94 -13.85
N TYR A 3 12.06 -23.67 -13.85
CA TYR A 3 12.46 -22.70 -14.90
C TYR A 3 13.09 -21.49 -14.23
N ARG A 4 13.86 -20.72 -14.98
CA ARG A 4 14.58 -19.55 -14.45
C ARG A 4 14.69 -18.51 -15.53
N PRO A 5 14.71 -17.23 -15.13
CA PRO A 5 14.77 -16.14 -16.12
C PRO A 5 16.12 -16.23 -16.80
N PHE A 6 16.16 -16.11 -18.10
CA PHE A 6 17.41 -15.99 -18.88
C PHE A 6 17.81 -14.50 -18.89
N GLY A 7 18.45 -13.99 -17.83
CA GLY A 7 18.16 -12.70 -17.18
C GLY A 7 18.02 -11.53 -18.14
N SER A 8 16.97 -10.73 -17.99
CA SER A 8 16.69 -9.40 -18.64
C SER A 8 15.80 -9.65 -19.87
N THR A 9 15.95 -10.77 -20.58
CA THR A 9 14.85 -11.33 -21.42
C THR A 9 13.70 -11.61 -20.43
N GLY A 10 12.46 -11.60 -20.84
CA GLY A 10 11.37 -12.20 -20.02
C GLY A 10 11.22 -13.67 -20.36
N VAL A 11 12.24 -14.34 -20.88
CA VAL A 11 12.13 -15.74 -21.34
C VAL A 11 12.63 -16.63 -20.23
N ALA A 12 11.83 -17.66 -19.95
CA ALA A 12 12.11 -18.66 -18.91
C ALA A 12 12.82 -19.83 -19.61
N VAL A 13 13.91 -20.33 -19.04
CA VAL A 13 14.56 -21.53 -19.57
C VAL A 13 14.48 -22.60 -18.49
N SER A 14 14.29 -23.85 -18.92
CA SER A 14 14.47 -25.04 -18.06
C SER A 14 15.85 -25.01 -17.40
N ALA A 15 15.92 -25.40 -16.13
CA ALA A 15 17.19 -25.50 -15.40
C ALA A 15 18.13 -26.51 -16.07
N LEU A 16 17.61 -27.45 -16.86
CA LEU A 16 18.47 -28.26 -17.76
C LEU A 16 18.33 -27.71 -19.17
N THR A 17 19.46 -27.51 -19.84
CA THR A 17 19.54 -27.21 -21.28
C THR A 17 20.11 -28.46 -21.95
N LEU A 18 19.39 -29.06 -22.89
CA LEU A 18 19.86 -30.31 -23.53
C LEU A 18 20.74 -29.92 -24.72
N ARG A 19 21.94 -30.44 -24.74
CA ARG A 19 22.89 -30.26 -25.85
C ARG A 19 22.69 -31.41 -26.84
N LEU A 20 22.50 -31.10 -28.11
CA LEU A 20 22.43 -32.05 -29.24
C LEU A 20 23.70 -31.85 -30.06
N ALA A 21 24.49 -32.90 -30.22
CA ALA A 21 25.84 -32.88 -30.83
C ALA A 21 25.95 -34.10 -31.73
N ASP A 22 26.72 -34.01 -32.81
CA ASP A 22 26.67 -35.05 -33.89
C ASP A 22 26.90 -36.42 -33.25
N ASN A 23 26.14 -37.43 -33.70
CA ASN A 23 26.31 -38.83 -33.24
C ASN A 23 25.86 -39.79 -34.33
N PRO A 24 26.81 -40.42 -35.06
CA PRO A 24 26.47 -41.18 -36.26
C PRO A 24 25.60 -42.43 -36.01
N ARG A 25 25.52 -42.92 -34.77
CA ARG A 25 24.68 -44.10 -34.39
C ARG A 25 23.20 -43.73 -34.32
N LEU A 26 22.79 -42.44 -34.35
CA LEU A 26 21.36 -42.00 -34.30
C LEU A 26 20.88 -41.61 -35.70
N ARG A 27 19.59 -41.78 -36.00
CA ARG A 27 18.90 -41.30 -37.22
C ARG A 27 18.00 -40.11 -36.86
N ALA A 28 17.39 -39.47 -37.86
CA ALA A 28 16.34 -38.45 -37.69
C ALA A 28 15.35 -38.90 -36.59
N ASN A 29 14.71 -40.07 -36.72
CA ASN A 29 13.62 -40.50 -35.78
C ASN A 29 14.11 -40.52 -34.35
N ASP A 30 15.39 -40.84 -34.13
CA ASP A 30 15.98 -40.94 -32.77
C ASP A 30 16.13 -39.53 -32.18
N TRP A 31 16.75 -38.61 -32.92
CA TRP A 31 16.83 -37.18 -32.54
C TRP A 31 15.43 -36.65 -32.25
N ARG A 32 14.48 -36.93 -33.13
CA ARG A 32 13.06 -36.52 -32.95
C ARG A 32 12.56 -37.05 -31.59
N ALA A 33 12.74 -38.33 -31.27
CA ALA A 33 12.24 -38.94 -30.01
C ALA A 33 13.06 -38.44 -28.82
N LEU A 34 14.34 -38.12 -29.03
CA LEU A 34 15.23 -37.59 -27.96
C LEU A 34 14.64 -36.28 -27.46
N VAL A 35 14.32 -35.40 -28.41
CA VAL A 35 13.75 -34.08 -28.14
C VAL A 35 12.31 -34.25 -27.65
N PHE A 36 11.51 -35.21 -28.17
CA PHE A 36 10.12 -35.44 -27.65
C PHE A 36 10.20 -35.80 -26.17
N THR A 37 11.18 -36.60 -25.77
CA THR A 37 11.30 -37.06 -24.36
C THR A 37 11.71 -35.85 -23.52
N ALA A 38 12.65 -35.05 -24.00
CA ALA A 38 13.06 -33.81 -23.33
C ALA A 38 11.81 -32.96 -23.14
N LEU A 39 11.08 -32.74 -24.23
CA LEU A 39 9.91 -31.84 -24.23
C LEU A 39 8.90 -32.38 -23.22
N GLU A 40 8.68 -33.69 -23.16
CA GLU A 40 7.70 -34.30 -22.22
C GLU A 40 8.18 -34.14 -20.78
N ASN A 41 9.49 -34.10 -20.53
CA ASN A 41 9.97 -33.93 -19.14
C ASN A 41 10.09 -32.45 -18.84
N GLY A 42 9.64 -31.57 -19.72
CA GLY A 42 9.54 -30.13 -19.44
C GLY A 42 10.81 -29.37 -19.80
N VAL A 43 11.78 -30.00 -20.46
CA VAL A 43 12.95 -29.27 -21.02
C VAL A 43 12.48 -28.43 -22.20
N ASN A 44 12.78 -27.14 -22.17
CA ASN A 44 12.43 -26.24 -23.30
C ASN A 44 13.65 -25.52 -23.85
N SER A 45 14.86 -25.74 -23.32
CA SER A 45 16.10 -25.05 -23.77
C SER A 45 17.00 -26.07 -24.44
N PHE A 46 17.43 -25.81 -25.67
CA PHE A 46 18.27 -26.73 -26.46
C PHE A 46 19.47 -25.95 -26.99
N GLN A 47 20.61 -26.63 -27.05
CA GLN A 47 21.82 -26.09 -27.69
C GLN A 47 22.21 -27.08 -28.79
N ILE A 48 22.14 -26.64 -30.03
CA ILE A 48 22.50 -27.50 -31.19
C ILE A 48 23.98 -27.24 -31.44
N ASP A 49 24.78 -28.30 -31.33
CA ASP A 49 26.27 -28.27 -31.40
C ASP A 49 26.69 -29.31 -32.43
N GLY A 50 26.37 -29.04 -33.70
CA GLY A 50 26.38 -30.06 -34.78
C GLY A 50 25.51 -29.66 -35.93
N ASP A 51 25.80 -30.16 -37.13
CA ASP A 51 25.06 -29.79 -38.38
C ASP A 51 24.81 -31.03 -39.23
N ALA A 52 24.93 -32.25 -38.67
CA ALA A 52 24.60 -33.49 -39.40
C ALA A 52 23.18 -33.36 -39.94
N PRO A 53 22.95 -33.54 -41.26
CA PRO A 53 21.62 -33.40 -41.83
C PRO A 53 20.55 -34.17 -41.03
N GLU A 54 20.89 -35.40 -40.57
CA GLU A 54 19.99 -36.28 -39.79
C GLU A 54 19.52 -35.54 -38.54
N LEU A 55 20.44 -34.88 -37.84
CA LEU A 55 20.21 -34.16 -36.54
C LEU A 55 19.29 -32.96 -36.77
N LEU A 56 19.58 -32.15 -37.78
CA LEU A 56 18.79 -30.95 -38.09
C LEU A 56 17.38 -31.38 -38.50
N LYS A 57 17.22 -32.45 -39.28
CA LYS A 57 15.86 -32.91 -39.68
C LYS A 57 15.10 -33.29 -38.41
N GLY A 58 15.69 -34.13 -37.57
CA GLY A 58 15.00 -34.74 -36.41
C GLY A 58 14.67 -33.70 -35.35
N ALA A 59 15.65 -32.89 -34.97
CA ALA A 59 15.51 -31.78 -34.02
C ALA A 59 14.47 -30.79 -34.56
N GLY A 60 14.62 -30.44 -35.84
CA GLY A 60 13.67 -29.58 -36.58
C GLY A 60 12.23 -30.03 -36.37
N GLU A 61 11.94 -31.28 -36.71
CA GLU A 61 10.56 -31.86 -36.60
C GLU A 61 10.10 -31.69 -35.15
N ALA A 62 10.90 -32.08 -34.18
CA ALA A 62 10.41 -32.17 -32.78
C ALA A 62 10.11 -30.75 -32.25
N PHE A 63 10.97 -29.77 -32.56
CA PHE A 63 10.77 -28.34 -32.19
C PHE A 63 9.44 -27.86 -32.75
N ALA A 64 9.14 -28.23 -34.00
CA ALA A 64 7.89 -27.87 -34.68
C ALA A 64 6.68 -28.43 -33.91
N SER A 65 6.81 -29.51 -33.16
CA SER A 65 5.68 -30.15 -32.42
C SER A 65 5.11 -29.14 -31.43
N VAL A 66 5.86 -28.13 -30.97
CA VAL A 66 5.27 -27.12 -30.04
C VAL A 66 5.50 -25.72 -30.62
N GLU A 67 4.85 -24.74 -30.00
CA GLU A 67 4.93 -23.33 -30.41
C GLU A 67 6.35 -22.80 -30.16
N ARG A 68 6.98 -22.24 -31.20
CA ARG A 68 8.33 -21.66 -31.17
C ARG A 68 8.57 -20.83 -29.91
N HIS A 69 7.60 -20.05 -29.44
CA HIS A 69 7.85 -19.07 -28.36
C HIS A 69 8.01 -19.80 -27.02
N LEU A 70 7.78 -21.11 -26.96
CA LEU A 70 7.97 -21.92 -25.71
C LEU A 70 9.41 -22.41 -25.61
N LEU A 71 10.19 -22.21 -26.67
CA LEU A 71 11.53 -22.82 -26.79
C LEU A 71 12.60 -21.73 -26.70
N PHE A 72 13.72 -22.08 -26.09
CA PHE A 72 14.97 -21.31 -26.13
C PHE A 72 15.98 -22.13 -26.94
N LEU A 73 16.30 -21.67 -28.15
CA LEU A 73 17.18 -22.43 -29.05
C LEU A 73 18.46 -21.64 -29.16
N THR A 74 19.56 -22.23 -28.68
CA THR A 74 20.92 -21.72 -28.85
C THR A 74 21.64 -22.50 -29.94
N TRP A 75 22.33 -21.80 -30.81
CA TRP A 75 23.22 -22.41 -31.81
C TRP A 75 24.67 -22.19 -31.41
N ARG A 76 25.38 -23.29 -31.20
CA ARG A 76 26.79 -23.25 -30.78
C ARG A 76 27.64 -23.07 -32.04
N LEU A 77 28.50 -22.09 -32.06
CA LEU A 77 29.34 -21.81 -33.24
C LEU A 77 30.80 -21.78 -32.78
N ARG A 78 31.57 -22.81 -33.11
CA ARG A 78 32.97 -22.95 -32.67
C ARG A 78 33.90 -22.36 -33.72
N GLY A 79 35.20 -22.55 -33.52
CA GLY A 79 36.25 -22.05 -34.40
C GLY A 79 36.88 -20.82 -33.80
N ASP A 80 38.10 -20.50 -34.24
CA ASP A 80 38.74 -19.21 -33.90
C ASP A 80 37.68 -18.16 -34.24
N ALA A 81 37.23 -17.40 -33.23
CA ALA A 81 36.20 -16.35 -33.36
C ALA A 81 36.75 -15.19 -34.21
N LYS A 82 38.07 -15.04 -34.22
CA LYS A 82 38.77 -13.97 -34.98
C LYS A 82 38.68 -14.24 -36.48
N GLN A 83 38.31 -15.44 -36.94
CA GLN A 83 38.26 -15.79 -38.40
C GLN A 83 36.82 -15.95 -38.91
N LEU A 84 35.82 -15.62 -38.09
CA LEU A 84 34.38 -15.61 -38.52
C LEU A 84 34.18 -14.48 -39.55
N GLY A 85 33.24 -14.69 -40.47
CA GLY A 85 32.95 -13.75 -41.57
C GLY A 85 31.66 -14.14 -42.29
N PRO A 86 31.37 -13.51 -43.45
CA PRO A 86 30.17 -13.82 -44.23
C PRO A 86 29.90 -15.31 -44.52
N HIS A 87 30.93 -16.11 -44.78
CA HIS A 87 30.85 -17.58 -44.97
C HIS A 87 30.15 -18.21 -43.75
N THR A 88 30.46 -17.70 -42.57
CA THR A 88 29.86 -18.16 -41.30
C THR A 88 28.35 -17.93 -41.35
N LEU A 89 27.95 -16.74 -41.80
CA LEU A 89 26.52 -16.36 -41.82
C LEU A 89 25.78 -17.17 -42.88
N ASP A 90 26.48 -17.59 -43.96
CA ASP A 90 25.89 -18.45 -45.01
C ASP A 90 25.59 -19.83 -44.40
N ALA A 91 26.59 -20.43 -43.77
CA ALA A 91 26.49 -21.71 -43.03
C ALA A 91 25.33 -21.65 -42.04
N LEU A 92 25.19 -20.49 -41.41
CA LEU A 92 24.18 -20.28 -40.36
C LEU A 92 22.79 -20.22 -40.98
N LYS A 93 22.61 -19.56 -42.14
CA LYS A 93 21.29 -19.50 -42.85
C LYS A 93 20.91 -20.93 -43.25
N ARG A 94 21.91 -21.74 -43.66
CA ARG A 94 21.63 -23.09 -44.21
C ARG A 94 21.24 -24.02 -43.07
N SER A 95 22.10 -24.12 -42.06
CA SER A 95 22.01 -25.14 -40.97
C SER A 95 21.01 -24.71 -39.92
N ALA A 96 21.21 -23.53 -39.34
CA ALA A 96 20.48 -23.10 -38.13
C ALA A 96 19.08 -22.62 -38.50
N PHE A 97 18.91 -21.94 -39.63
CA PHE A 97 17.60 -21.34 -39.98
C PHE A 97 16.82 -22.32 -40.86
N GLU A 98 17.35 -22.67 -42.03
CA GLU A 98 16.68 -23.61 -43.00
C GLU A 98 16.69 -25.03 -42.42
N GLY A 99 17.86 -25.56 -42.05
CA GLY A 99 17.98 -26.88 -41.39
C GLY A 99 16.99 -27.13 -40.25
N LEU A 100 16.89 -26.19 -39.30
CA LEU A 100 16.04 -26.36 -38.08
C LEU A 100 14.62 -25.83 -38.33
N SER A 101 14.37 -25.18 -39.47
CA SER A 101 13.04 -24.59 -39.83
C SER A 101 12.67 -23.51 -38.80
N LEU A 102 13.57 -22.55 -38.60
CA LEU A 102 13.48 -21.47 -37.61
C LEU A 102 13.58 -20.15 -38.37
N ASP A 103 12.99 -19.08 -37.87
CA ASP A 103 13.26 -17.74 -38.44
C ASP A 103 13.91 -16.86 -37.39
N TYR A 104 14.12 -17.34 -36.16
CA TYR A 104 15.03 -16.66 -35.20
C TYR A 104 15.73 -17.69 -34.33
N LEU A 105 16.92 -17.34 -33.88
CA LEU A 105 17.66 -18.04 -32.83
C LEU A 105 17.53 -17.19 -31.56
N ASP A 106 17.28 -17.81 -30.41
CA ASP A 106 17.29 -17.08 -29.13
C ASP A 106 18.71 -16.65 -28.81
N LEU A 107 19.72 -17.45 -29.17
CA LEU A 107 21.14 -17.15 -28.83
C LEU A 107 22.10 -17.82 -29.80
N LEU A 108 23.13 -17.09 -30.20
CA LEU A 108 24.27 -17.65 -30.97
C LEU A 108 25.46 -17.63 -30.02
N LEU A 109 26.01 -18.79 -29.66
CA LEU A 109 27.06 -18.87 -28.62
C LEU A 109 28.41 -19.15 -29.29
N ILE A 110 29.31 -18.16 -29.31
CA ILE A 110 30.64 -18.26 -29.97
C ILE A 110 31.71 -18.52 -28.92
N ASN A 111 32.92 -18.82 -29.37
CA ASN A 111 34.10 -18.88 -28.47
C ASN A 111 34.52 -17.47 -28.09
N ASP A 112 34.98 -17.28 -26.87
CA ASP A 112 35.76 -16.10 -26.48
C ASP A 112 36.81 -15.83 -27.56
N PRO A 113 36.75 -14.68 -28.25
CA PRO A 113 37.83 -14.29 -29.15
C PRO A 113 39.08 -13.67 -28.50
N GLN A 114 39.13 -13.55 -27.18
CA GLN A 114 40.32 -13.09 -26.39
C GLN A 114 40.80 -11.77 -26.99
N SER A 115 39.96 -10.74 -26.92
CA SER A 115 40.00 -9.47 -27.69
C SER A 115 38.73 -8.66 -27.31
N ALA A 116 38.78 -7.34 -27.34
CA ALA A 116 37.57 -6.48 -27.11
C ALA A 116 36.64 -6.59 -28.34
N SER A 117 37.17 -7.04 -29.47
CA SER A 117 36.57 -6.87 -30.82
C SER A 117 36.26 -8.20 -31.48
N LEU A 118 35.18 -8.17 -32.27
CA LEU A 118 34.83 -9.25 -33.24
C LEU A 118 35.20 -8.72 -34.62
N PRO A 119 35.44 -9.58 -35.62
CA PRO A 119 35.65 -9.13 -37.01
C PRO A 119 34.50 -8.27 -37.57
N MSE A 120 34.86 -7.14 -38.21
CA MSE A 120 33.95 -6.14 -38.79
C MSE A 120 32.75 -6.80 -39.46
O MSE A 120 31.65 -6.49 -39.08
CB MSE A 120 34.76 -5.36 -39.84
CG MSE A 120 34.04 -4.28 -40.62
SE MSE A 120 34.83 -2.60 -40.04
CE MSE A 120 34.63 -2.65 -38.06
N ALA A 121 32.99 -7.66 -40.47
CA ALA A 121 31.96 -8.19 -41.40
C ALA A 121 30.96 -9.04 -40.63
N PHE A 122 31.48 -9.89 -39.73
CA PHE A 122 30.68 -10.80 -38.88
C PHE A 122 29.77 -9.96 -37.99
N GLU A 123 30.30 -8.96 -37.28
CA GLU A 123 29.52 -8.11 -36.35
C GLU A 123 28.42 -7.42 -37.11
N SER A 124 28.72 -6.93 -38.31
CA SER A 124 27.77 -6.24 -39.21
C SER A 124 26.61 -7.20 -39.49
N GLY A 125 26.94 -8.43 -39.86
CA GLY A 125 25.97 -9.50 -40.19
C GLY A 125 25.09 -9.82 -38.99
N LEU A 126 25.65 -9.84 -37.77
CA LEU A 126 24.88 -10.12 -36.55
C LEU A 126 23.93 -8.95 -36.34
N GLN A 127 24.43 -7.73 -36.52
CA GLN A 127 23.61 -6.51 -36.37
C GLN A 127 22.41 -6.59 -37.33
N ASP A 128 22.65 -7.02 -38.56
CA ASP A 128 21.58 -7.22 -39.59
C ASP A 128 20.58 -8.28 -39.08
N LEU A 129 21.06 -9.47 -38.66
CA LEU A 129 20.20 -10.57 -38.13
C LEU A 129 19.31 -10.03 -36.99
N GLN A 130 19.85 -9.15 -36.15
CA GLN A 130 19.09 -8.62 -35.00
C GLN A 130 18.08 -7.60 -35.51
N LYS A 131 18.47 -6.67 -36.38
CA LYS A 131 17.53 -5.71 -37.01
C LYS A 131 16.34 -6.49 -37.58
N GLY A 132 16.57 -7.69 -38.13
CA GLY A 132 15.52 -8.53 -38.73
C GLY A 132 14.81 -9.44 -37.72
N ARG A 133 15.11 -9.32 -36.42
CA ARG A 133 14.52 -10.17 -35.34
C ARG A 133 14.77 -11.66 -35.57
N ALA A 134 15.95 -12.00 -36.07
CA ALA A 134 16.38 -13.39 -36.33
C ALA A 134 17.37 -13.86 -35.28
N LEU A 135 17.93 -12.94 -34.48
CA LEU A 135 18.89 -13.26 -33.40
C LEU A 135 18.65 -12.39 -32.17
N ARG A 136 18.20 -12.97 -31.07
CA ARG A 136 17.89 -12.22 -29.83
C ARG A 136 19.15 -11.86 -29.04
N GLY A 137 20.27 -12.59 -29.18
CA GLY A 137 21.45 -12.31 -28.36
C GLY A 137 22.68 -13.05 -28.84
N LEU A 138 23.88 -12.51 -28.60
CA LEU A 138 25.16 -13.19 -28.78
C LEU A 138 25.64 -13.64 -27.40
N GLY A 139 26.08 -14.88 -27.27
CA GLY A 139 26.73 -15.38 -26.05
C GLY A 139 28.20 -15.70 -26.28
N VAL A 140 29.01 -15.68 -25.24
CA VAL A 140 30.46 -16.00 -25.33
C VAL A 140 30.77 -17.13 -24.35
N ALA A 141 31.45 -18.16 -24.81
CA ALA A 141 32.00 -19.25 -23.97
C ALA A 141 33.43 -18.92 -23.55
N SER A 142 33.77 -19.07 -22.27
CA SER A 142 35.11 -18.73 -21.76
C SER A 142 35.42 -19.61 -20.57
N ARG A 143 36.72 -19.73 -20.28
CA ARG A 143 37.23 -20.41 -19.06
C ARG A 143 38.04 -19.38 -18.26
N GLY A 144 38.00 -18.15 -18.74
CA GLY A 144 38.72 -16.98 -18.18
C GLY A 144 37.87 -15.73 -18.16
N ASP A 145 38.49 -14.60 -17.93
CA ASP A 145 37.85 -13.25 -17.82
C ASP A 145 37.70 -12.72 -19.24
N ILE A 146 36.49 -12.48 -19.70
CA ILE A 146 36.21 -11.97 -21.05
C ILE A 146 36.54 -10.48 -21.03
N ASP A 147 37.12 -10.00 -22.12
CA ASP A 147 37.50 -8.57 -22.24
C ASP A 147 36.27 -7.75 -21.93
N PRO A 148 36.35 -6.73 -21.06
CA PRO A 148 35.16 -5.93 -20.73
C PRO A 148 34.60 -5.15 -21.93
N GLY A 149 35.45 -4.87 -22.90
CA GLY A 149 35.06 -4.17 -24.15
C GLY A 149 34.07 -4.97 -24.94
N LEU A 150 34.22 -6.30 -24.88
CA LEU A 150 33.35 -7.27 -25.57
C LEU A 150 32.04 -7.39 -24.79
N LEU A 151 32.07 -7.54 -23.47
CA LEU A 151 30.86 -7.66 -22.61
C LEU A 151 29.98 -6.41 -22.77
N ALA A 152 30.63 -5.26 -22.93
CA ALA A 152 29.94 -3.96 -23.12
C ALA A 152 29.27 -3.92 -24.50
N ASN A 153 29.71 -4.70 -25.47
CA ASN A 153 28.99 -4.83 -26.76
C ASN A 153 27.49 -5.09 -26.50
N ASP A 154 26.63 -4.31 -27.18
CA ASP A 154 25.15 -4.42 -27.01
C ASP A 154 24.70 -5.82 -27.40
N LEU A 155 25.35 -6.44 -28.38
CA LEU A 155 25.04 -7.81 -28.87
C LEU A 155 25.15 -8.84 -27.75
N VAL A 156 26.08 -8.64 -26.81
CA VAL A 156 26.46 -9.74 -25.89
C VAL A 156 25.55 -9.71 -24.66
N THR A 157 24.69 -10.72 -24.56
CA THR A 157 23.72 -10.90 -23.45
C THR A 157 24.03 -12.14 -22.62
N ALA A 158 24.98 -12.97 -22.97
CA ALA A 158 25.14 -14.22 -22.18
C ALA A 158 26.58 -14.71 -22.16
N VAL A 159 26.92 -15.50 -21.16
CA VAL A 159 28.24 -16.17 -21.10
C VAL A 159 27.99 -17.61 -20.72
N SER A 160 28.84 -18.49 -21.17
CA SER A 160 28.83 -19.93 -20.90
C SER A 160 30.21 -20.22 -20.28
N SER A 161 30.23 -20.85 -19.14
CA SER A 161 31.45 -21.13 -18.40
C SER A 161 31.27 -22.45 -17.67
N PRO A 162 32.34 -23.18 -17.36
CA PRO A 162 32.20 -24.42 -16.61
C PRO A 162 31.93 -24.01 -15.17
N TYR A 163 31.00 -24.67 -14.51
CA TYR A 163 30.80 -24.59 -13.05
C TYR A 163 30.39 -25.97 -12.53
N ASN A 164 31.12 -26.46 -11.52
CA ASN A 164 31.02 -27.78 -10.83
C ASN A 164 31.68 -27.68 -9.45
N LEU A 165 31.51 -28.64 -8.57
CA LEU A 165 32.05 -28.45 -7.17
C LEU A 165 33.60 -28.61 -7.17
N SER A 166 34.26 -28.75 -8.30
CA SER A 166 35.73 -28.56 -8.47
C SER A 166 36.06 -27.07 -8.67
N SER A 167 35.08 -26.26 -8.98
CA SER A 167 35.32 -24.90 -9.50
C SER A 167 36.00 -24.13 -8.38
N GLY A 168 37.08 -23.41 -8.74
CA GLY A 168 37.87 -22.50 -7.90
C GLY A 168 37.04 -21.39 -7.32
N TRP A 169 37.69 -20.44 -6.64
CA TRP A 169 37.05 -19.18 -6.20
C TRP A 169 36.92 -18.27 -7.44
N ALA A 170 38.00 -18.06 -8.21
CA ALA A 170 38.05 -17.10 -9.34
C ALA A 170 36.85 -17.34 -10.27
N GLU A 171 36.50 -18.62 -10.50
CA GLU A 171 35.37 -19.04 -11.37
C GLU A 171 34.04 -18.67 -10.71
N ARG A 172 33.79 -19.18 -9.52
CA ARG A 172 32.57 -18.95 -8.71
C ARG A 172 32.18 -17.47 -8.75
N HIS A 173 33.20 -16.61 -8.68
CA HIS A 173 33.10 -15.14 -8.55
C HIS A 173 32.83 -14.54 -9.93
N ARG A 174 33.59 -14.95 -10.96
CA ARG A 174 33.35 -14.51 -12.36
C ARG A 174 31.87 -14.68 -12.71
N ILE A 175 31.25 -15.81 -12.41
CA ILE A 175 29.86 -16.06 -12.89
C ILE A 175 28.86 -15.34 -11.98
N ARG A 176 29.10 -15.18 -10.69
CA ARG A 176 28.16 -14.35 -9.89
C ARG A 176 28.27 -12.90 -10.35
N GLN A 177 29.47 -12.42 -10.62
CA GLN A 177 29.73 -11.03 -11.07
C GLN A 177 29.00 -10.79 -12.38
N ALA A 178 29.11 -11.72 -13.30
CA ALA A 178 28.43 -11.66 -14.63
C ALA A 178 26.93 -11.59 -14.41
N SER A 179 26.40 -12.51 -13.60
CA SER A 179 24.94 -12.60 -13.35
C SER A 179 24.43 -11.34 -12.64
N GLN A 180 25.21 -10.75 -11.77
CA GLN A 180 24.79 -9.51 -11.06
C GLN A 180 24.87 -8.35 -12.05
N ASN A 181 25.64 -8.44 -13.13
CA ASN A 181 25.63 -7.41 -14.21
C ASN A 181 24.61 -7.76 -15.32
N ASN A 182 23.67 -8.67 -15.09
CA ASN A 182 22.49 -8.96 -15.95
C ASN A 182 22.90 -9.69 -17.23
N PHE A 183 23.96 -10.47 -17.17
CA PHE A 183 24.30 -11.49 -18.19
C PHE A 183 23.66 -12.81 -17.77
N ALA A 184 23.04 -13.50 -18.70
CA ALA A 184 22.62 -14.88 -18.48
C ALA A 184 23.91 -15.67 -18.39
N VAL A 185 23.93 -16.69 -17.55
CA VAL A 185 25.10 -17.61 -17.45
C VAL A 185 24.60 -19.04 -17.64
N ILE A 186 25.15 -19.71 -18.63
CA ILE A 186 24.93 -21.14 -18.90
C ILE A 186 26.07 -21.88 -18.25
N GLY A 187 25.77 -22.91 -17.49
CA GLY A 187 26.74 -23.78 -16.78
C GLY A 187 27.15 -24.95 -17.64
N GLU A 188 28.45 -25.13 -17.80
CA GLU A 188 29.10 -26.24 -18.52
C GLU A 188 29.82 -27.18 -17.55
N ASP A 189 29.93 -28.45 -17.91
CA ASP A 189 30.88 -29.41 -17.35
C ASP A 189 30.53 -29.68 -15.89
N PHE A 190 29.30 -30.01 -15.60
CA PHE A 190 28.83 -30.19 -14.20
C PHE A 190 29.52 -31.41 -13.58
N TRP A 191 29.96 -32.33 -14.45
CA TRP A 191 30.58 -33.63 -14.13
C TRP A 191 31.94 -33.69 -14.78
N PRO A 192 32.93 -32.86 -14.33
CA PRO A 192 34.20 -32.68 -15.01
C PRO A 192 35.15 -33.86 -14.91
N GLN A 193 36.26 -33.82 -15.65
CA GLN A 193 37.18 -34.97 -15.85
C GLN A 193 37.86 -35.27 -14.51
N ALA A 194 38.42 -34.23 -13.90
CA ALA A 194 39.08 -34.29 -12.59
C ALA A 194 38.28 -35.21 -11.65
N LEU A 195 36.95 -35.19 -11.61
CA LEU A 195 36.20 -36.04 -10.65
C LEU A 195 35.71 -37.36 -11.29
N ARG A 196 36.41 -37.97 -12.22
CA ARG A 196 36.14 -39.38 -12.62
C ARG A 196 37.46 -40.17 -12.54
N GLU A 197 37.37 -41.41 -12.04
CA GLU A 197 38.45 -42.42 -11.85
C GLU A 197 37.86 -43.83 -12.14
N VAL A 198 37.99 -44.86 -11.27
CA VAL A 198 37.18 -46.13 -11.40
C VAL A 198 35.77 -45.88 -10.82
N LYS A 206 43.25 -44.37 -18.90
CA LYS A 206 43.06 -44.49 -20.38
C LYS A 206 43.93 -43.41 -21.06
N PRO A 207 43.57 -42.75 -22.19
CA PRO A 207 44.35 -41.59 -22.64
C PRO A 207 44.16 -40.37 -21.69
N SER A 208 43.26 -39.42 -21.98
CA SER A 208 42.88 -38.28 -21.10
C SER A 208 43.70 -37.03 -21.37
N PHE A 209 43.08 -36.00 -21.97
CA PHE A 209 43.68 -34.69 -22.31
C PHE A 209 43.52 -33.69 -21.16
N TRP A 210 44.52 -32.83 -20.98
CA TRP A 210 44.58 -31.74 -19.95
C TRP A 210 45.16 -30.48 -20.59
N GLN A 211 44.50 -29.91 -21.60
CA GLN A 211 45.02 -28.76 -22.40
C GLN A 211 44.32 -27.45 -21.97
N ARG A 212 43.53 -27.45 -20.92
CA ARG A 212 42.79 -26.24 -20.48
C ARG A 212 43.72 -25.40 -19.60
N ARG A 213 43.78 -24.08 -19.82
CA ARG A 213 44.68 -23.19 -19.04
C ARG A 213 44.34 -23.33 -17.55
N THR A 214 43.10 -23.63 -17.17
CA THR A 214 42.73 -23.79 -15.73
C THR A 214 43.11 -25.18 -15.19
N ASP A 215 43.75 -26.07 -15.94
CA ASP A 215 43.87 -27.50 -15.55
C ASP A 215 44.99 -27.69 -14.52
N PRO A 216 46.24 -27.23 -14.83
CA PRO A 216 47.39 -27.43 -13.94
C PRO A 216 47.15 -27.02 -12.47
N LEU A 217 46.42 -25.92 -12.26
CA LEU A 217 45.93 -25.44 -10.94
C LEU A 217 44.56 -26.06 -10.65
N ALA A 218 44.44 -27.15 -9.87
CA ALA A 218 43.18 -27.92 -9.68
C ALA A 218 43.33 -28.98 -8.58
N ASP A 219 42.90 -28.67 -7.36
CA ASP A 219 42.78 -29.62 -6.20
C ASP A 219 41.54 -30.49 -6.41
N VAL A 220 41.55 -31.78 -6.03
CA VAL A 220 40.38 -32.72 -6.13
C VAL A 220 40.38 -33.66 -4.91
N GLY A 221 41.33 -33.45 -3.97
CA GLY A 221 41.26 -33.97 -2.60
C GLY A 221 39.94 -33.61 -1.93
N GLY A 222 39.29 -34.63 -1.38
CA GLY A 222 38.17 -34.47 -0.44
C GLY A 222 36.85 -34.89 -1.02
N TYR A 223 36.80 -35.28 -2.31
CA TYR A 223 35.49 -35.55 -3.00
C TYR A 223 35.14 -37.02 -2.91
N GLU A 224 35.74 -37.76 -2.01
CA GLU A 224 35.51 -39.23 -1.88
C GLU A 224 34.04 -39.50 -1.56
N PHE A 225 33.36 -38.64 -0.81
CA PHE A 225 31.91 -38.76 -0.50
C PHE A 225 31.06 -38.89 -1.78
N LEU A 226 31.60 -38.56 -2.97
CA LEU A 226 30.84 -38.64 -4.25
C LEU A 226 30.41 -40.08 -4.51
N THR A 227 31.25 -41.02 -4.07
CA THR A 227 31.15 -42.48 -4.26
C THR A 227 30.32 -43.08 -3.12
N ASN A 228 30.42 -42.56 -1.90
CA ASN A 228 29.94 -43.19 -0.66
C ASN A 228 28.70 -42.45 -0.14
N THR A 229 27.75 -42.11 -1.02
CA THR A 229 26.48 -41.43 -0.60
C THR A 229 25.27 -42.27 -0.95
N PRO A 230 24.65 -42.97 0.01
CA PRO A 230 23.64 -43.98 -0.34
C PRO A 230 22.47 -43.42 -1.15
N GLY A 231 22.13 -44.10 -2.26
CA GLY A 231 21.00 -43.75 -3.15
C GLY A 231 21.39 -42.82 -4.28
N TRP A 232 22.64 -42.40 -4.37
CA TRP A 232 23.14 -41.37 -5.32
C TRP A 232 24.42 -41.81 -6.03
N SER A 233 24.44 -41.66 -7.36
CA SER A 233 25.64 -41.70 -8.23
C SER A 233 26.40 -40.37 -8.09
N ALA A 234 27.71 -40.39 -8.34
CA ALA A 234 28.57 -39.20 -8.37
C ALA A 234 28.06 -38.19 -9.41
N GLU A 235 27.65 -38.66 -10.60
CA GLU A 235 27.10 -37.77 -11.67
C GLU A 235 25.92 -36.99 -11.06
N ASP A 236 24.96 -37.69 -10.45
CA ASP A 236 23.69 -37.10 -9.95
C ASP A 236 24.01 -36.07 -8.86
N ILE A 237 24.98 -36.31 -7.98
CA ILE A 237 25.38 -35.35 -6.92
C ILE A 237 25.94 -34.11 -7.62
N CYS A 238 26.87 -34.27 -8.54
CA CYS A 238 27.56 -33.15 -9.22
C CYS A 238 26.58 -32.17 -9.89
N LEU A 239 25.48 -32.72 -10.43
CA LEU A 239 24.40 -32.03 -11.16
C LEU A 239 23.48 -31.31 -10.16
N GLY A 240 23.02 -32.09 -9.17
CA GLY A 240 22.23 -31.58 -8.04
C GLY A 240 22.88 -30.35 -7.45
N TYR A 241 24.21 -30.39 -7.37
CA TYR A 241 25.01 -29.28 -6.81
C TYR A 241 25.00 -28.08 -7.77
N ALA A 242 25.22 -28.32 -9.06
CA ALA A 242 25.22 -27.25 -10.04
C ALA A 242 23.85 -26.58 -10.06
N LEU A 243 22.81 -27.35 -9.81
CA LEU A 243 21.42 -26.80 -9.83
C LEU A 243 21.16 -25.88 -8.63
N THR A 244 22.03 -25.80 -7.63
CA THR A 244 21.79 -24.95 -6.43
C THR A 244 22.55 -23.63 -6.61
N GLU A 245 23.45 -23.54 -7.57
CA GLU A 245 24.18 -22.27 -7.80
C GLU A 245 23.20 -21.26 -8.35
N PRO A 246 22.84 -20.21 -7.60
CA PRO A 246 21.80 -19.28 -8.04
C PRO A 246 22.17 -18.37 -9.22
N SER A 247 23.44 -18.19 -9.53
CA SER A 247 23.88 -17.31 -10.65
C SER A 247 23.74 -17.95 -12.04
N LEU A 248 23.48 -19.25 -12.11
CA LEU A 248 23.30 -19.98 -13.40
C LEU A 248 21.84 -19.86 -13.84
N ALA A 249 21.61 -19.32 -15.03
CA ALA A 249 20.32 -19.42 -15.71
C ALA A 249 19.98 -20.88 -15.93
N THR A 250 20.92 -21.69 -16.40
CA THR A 250 20.64 -23.13 -16.73
C THR A 250 21.94 -23.90 -16.72
N VAL A 251 21.83 -25.21 -16.57
CA VAL A 251 22.97 -26.17 -16.58
C VAL A 251 22.92 -26.99 -17.86
N ARG A 252 23.96 -26.95 -18.68
CA ARG A 252 24.00 -27.77 -19.91
C ARG A 252 24.21 -29.25 -19.58
N VAL A 253 23.42 -30.13 -20.17
CA VAL A 253 23.65 -31.60 -20.10
C VAL A 253 23.63 -32.19 -21.51
N THR A 254 24.29 -33.31 -21.70
CA THR A 254 24.27 -34.12 -22.95
C THR A 254 23.66 -35.49 -22.65
N ALA A 255 22.77 -36.01 -23.46
CA ALA A 255 22.15 -37.33 -23.22
C ALA A 255 21.82 -37.99 -24.56
N ASP A 256 22.00 -39.32 -24.65
CA ASP A 256 21.89 -40.11 -25.89
C ASP A 256 20.58 -40.89 -25.97
N ASN A 257 19.88 -41.12 -24.87
CA ASN A 257 18.67 -42.00 -24.90
C ASN A 257 17.60 -41.45 -23.96
N ARG A 258 16.36 -41.91 -24.10
CA ARG A 258 15.20 -41.49 -23.27
C ARG A 258 15.53 -41.60 -21.77
N GLN A 259 15.98 -42.75 -21.31
CA GLN A 259 16.02 -42.99 -19.84
C GLN A 259 17.12 -42.09 -19.25
N GLU A 260 18.16 -41.72 -20.00
CA GLU A 260 19.20 -40.78 -19.52
C GLU A 260 18.56 -39.39 -19.31
N ILE A 261 17.71 -38.94 -20.23
CA ILE A 261 16.95 -37.67 -20.08
C ILE A 261 16.12 -37.75 -18.79
N GLU A 262 15.22 -38.71 -18.69
CA GLU A 262 14.29 -38.95 -17.55
C GLU A 262 15.06 -38.90 -16.22
N ARG A 263 16.22 -39.57 -16.12
CA ARG A 263 17.06 -39.62 -14.89
C ARG A 263 17.58 -38.22 -14.61
N LEU A 264 18.04 -37.47 -15.63
CA LEU A 264 18.60 -36.12 -15.46
C LEU A 264 17.49 -35.18 -14.98
N ALA A 265 16.28 -35.30 -15.52
CA ALA A 265 15.10 -34.50 -15.12
C ALA A 265 14.73 -34.79 -13.64
N ALA A 266 14.68 -36.06 -13.24
CA ALA A 266 14.47 -36.53 -11.83
C ALA A 266 15.32 -35.70 -10.88
N VAL A 267 16.61 -35.43 -11.22
CA VAL A 267 17.59 -34.82 -10.29
C VAL A 267 17.13 -33.41 -9.92
N VAL A 268 16.44 -32.72 -10.84
CA VAL A 268 15.98 -31.31 -10.66
C VAL A 268 15.06 -31.24 -9.44
N GLU A 269 14.29 -32.29 -9.18
CA GLU A 269 13.12 -32.29 -8.23
C GLU A 269 13.52 -33.02 -6.95
N ARG A 270 14.67 -33.71 -6.96
CA ARG A 270 15.33 -34.28 -5.76
C ARG A 270 16.26 -33.19 -5.18
N ASP A 271 16.41 -33.17 -3.86
CA ASP A 271 17.31 -32.22 -3.14
C ASP A 271 18.60 -32.94 -2.80
N LEU A 272 19.71 -32.23 -2.70
CA LEU A 272 20.98 -32.83 -2.28
C LEU A 272 20.78 -33.60 -0.98
N PRO A 273 21.41 -34.79 -0.83
CA PRO A 273 21.45 -35.49 0.44
C PRO A 273 21.94 -34.61 1.59
N THR A 274 21.62 -35.04 2.80
CA THR A 274 21.52 -34.15 4.00
C THR A 274 22.92 -33.59 4.33
N GLY A 275 23.98 -34.41 4.36
CA GLY A 275 25.32 -33.97 4.81
C GLY A 275 26.20 -33.26 3.77
N VAL A 276 25.79 -33.20 2.51
CA VAL A 276 26.71 -32.96 1.36
C VAL A 276 27.26 -31.52 1.39
N CYS A 277 26.38 -30.54 1.58
CA CYS A 277 26.76 -29.11 1.53
C CYS A 277 27.90 -28.93 2.54
N ALA A 278 27.74 -29.41 3.77
CA ALA A 278 28.80 -29.43 4.80
C ALA A 278 30.14 -29.96 4.24
N GLN A 279 30.13 -31.14 3.58
CA GLN A 279 31.36 -31.81 3.09
C GLN A 279 32.04 -31.00 1.98
N ILE A 280 31.25 -30.31 1.15
CA ILE A 280 31.80 -29.44 0.07
C ILE A 280 32.65 -28.32 0.71
N GLU A 281 32.21 -27.84 1.87
CA GLU A 281 32.91 -26.80 2.63
C GLU A 281 34.20 -27.42 3.16
N MSE A 282 34.15 -28.61 3.78
CA MSE A 282 35.33 -29.33 4.34
C MSE A 282 36.40 -29.43 3.25
O MSE A 282 37.56 -29.12 3.52
CB MSE A 282 34.93 -30.69 4.91
CG MSE A 282 35.51 -31.02 6.32
SE MSE A 282 37.01 -29.79 6.98
CE MSE A 282 37.86 -30.66 8.59
N ALA A 283 36.03 -29.78 2.02
CA ALA A 283 36.95 -30.04 0.89
C ALA A 283 37.51 -28.72 0.36
N ARG A 284 36.71 -27.65 0.32
CA ARG A 284 37.18 -26.33 -0.16
C ARG A 284 38.09 -25.67 0.90
N PHE A 285 37.85 -25.97 2.19
CA PHE A 285 38.62 -25.42 3.35
C PHE A 285 39.98 -26.14 3.38
N SER A 286 40.05 -27.37 2.85
CA SER A 286 41.32 -28.12 2.71
C SER A 286 42.01 -27.68 1.42
N ALA A 287 41.25 -27.49 0.30
CA ALA A 287 41.73 -26.90 -0.96
C ALA A 287 42.57 -25.64 -0.66
N GLN A 288 42.08 -24.75 0.22
CA GLN A 288 42.67 -23.39 0.39
C GLN A 288 43.74 -23.41 1.49
N GLU A 289 43.77 -24.40 2.41
CA GLU A 289 44.89 -24.61 3.37
C GLU A 289 46.18 -25.09 2.65
N ARG A 290 46.04 -25.59 1.43
CA ARG A 290 47.05 -26.26 0.57
C ARG A 290 47.53 -25.17 -0.39
N GLU A 291 46.63 -24.41 -1.03
CA GLU A 291 47.01 -23.21 -1.83
C GLU A 291 47.70 -22.16 -0.95
N LYS A 292 47.38 -22.03 0.35
CA LYS A 292 48.09 -21.14 1.33
C LYS A 292 49.48 -21.72 1.63
N ALA A 293 49.54 -22.95 2.18
CA ALA A 293 50.75 -23.68 2.61
C ALA A 293 51.73 -23.94 1.45
N ALA A 294 51.32 -23.73 0.19
CA ALA A 294 52.15 -23.86 -1.03
C ALA A 294 52.14 -22.53 -1.81
N ARG A 295 52.35 -21.38 -1.13
CA ARG A 295 52.44 -20.02 -1.74
C ARG A 295 53.70 -19.32 -1.26
N ARG A 296 54.28 -18.46 -2.11
CA ARG A 296 55.48 -17.62 -1.85
C ARG A 296 54.99 -16.21 -1.48
N PRO A 297 55.83 -15.27 -0.95
CA PRO A 297 55.43 -13.86 -0.83
C PRO A 297 55.26 -13.25 -2.23
N LYS A 298 54.10 -12.66 -2.50
CA LYS A 298 53.63 -12.40 -3.89
C LYS A 298 54.55 -11.31 -4.49
N LEU A 299 55.15 -10.44 -3.66
CA LEU A 299 56.13 -9.44 -4.16
C LEU A 299 57.41 -10.16 -4.56
N ALA A 300 58.22 -10.59 -3.58
CA ALA A 300 59.59 -11.10 -3.83
C ALA A 300 59.53 -12.10 -4.99
N ALA A 301 58.42 -12.84 -5.15
CA ALA A 301 58.20 -13.81 -6.26
C ALA A 301 58.26 -13.05 -7.58
N ALA A 302 57.22 -12.25 -7.85
CA ALA A 302 57.08 -11.38 -9.04
C ALA A 302 58.37 -10.60 -9.29
N LEU A 303 59.05 -10.12 -8.24
CA LEU A 303 60.22 -9.23 -8.41
C LEU A 303 61.40 -10.02 -8.95
N GLU A 304 61.58 -11.28 -8.50
CA GLU A 304 62.63 -12.22 -9.00
C GLU A 304 62.33 -12.57 -10.46
N HIS A 305 61.11 -13.06 -10.75
CA HIS A 305 60.56 -13.28 -12.12
C HIS A 305 60.96 -12.09 -13.04
N HIS A 306 60.76 -10.81 -12.66
CA HIS A 306 61.38 -9.63 -13.33
C HIS A 306 62.83 -9.58 -12.86
N HIS A 307 63.81 -9.53 -13.77
CA HIS A 307 65.25 -9.85 -13.52
C HIS A 307 65.56 -11.21 -14.19
N HIS A 308 64.68 -11.69 -15.10
CA HIS A 308 64.99 -12.36 -16.39
C HIS A 308 64.44 -11.47 -17.52
N MSE B 1 27.95 -36.20 20.38
CA MSE B 1 28.93 -35.16 20.32
C MSE B 1 30.07 -35.49 19.35
O MSE B 1 30.55 -36.58 19.40
CB MSE B 1 29.55 -34.88 21.69
CG MSE B 1 30.31 -33.54 21.74
SE MSE B 1 29.12 -32.13 21.31
CE MSE B 1 29.87 -31.25 19.77
N ARG B 2 30.47 -34.52 18.53
CA ARG B 2 31.69 -34.54 17.70
C ARG B 2 32.79 -33.69 18.36
N TYR B 3 34.04 -33.95 18.05
CA TYR B 3 35.20 -33.23 18.63
C TYR B 3 36.06 -32.70 17.49
N ARG B 4 36.86 -31.69 17.79
CA ARG B 4 37.73 -31.06 16.79
C ARG B 4 38.99 -30.59 17.47
N PRO B 5 40.12 -30.59 16.74
CA PRO B 5 41.37 -30.11 17.31
C PRO B 5 41.20 -28.61 17.56
N PHE B 6 41.60 -28.15 18.75
CA PHE B 6 41.62 -26.71 19.10
C PHE B 6 42.96 -26.17 18.61
N GLY B 7 43.09 -25.81 17.31
CA GLY B 7 44.26 -26.10 16.44
C GLY B 7 45.61 -25.78 17.09
N SER B 8 46.56 -26.71 17.05
CA SER B 8 47.99 -26.60 17.51
C SER B 8 48.11 -27.12 18.94
N THR B 9 47.13 -26.89 19.82
CA THR B 9 47.12 -27.45 21.20
C THR B 9 47.35 -28.95 21.13
N GLY B 10 46.80 -29.64 20.14
CA GLY B 10 46.62 -31.10 20.19
C GLY B 10 45.56 -31.55 21.19
N VAL B 11 44.75 -30.64 21.73
CA VAL B 11 43.57 -31.01 22.57
C VAL B 11 42.31 -30.99 21.71
N ALA B 12 41.42 -31.91 21.99
CA ALA B 12 40.15 -32.09 21.26
C ALA B 12 39.09 -31.38 22.07
N VAL B 13 38.28 -30.51 21.44
CA VAL B 13 37.16 -29.86 22.15
C VAL B 13 35.89 -30.32 21.48
N SER B 14 34.85 -30.49 22.28
CA SER B 14 33.45 -30.64 21.79
C SER B 14 33.11 -29.48 20.85
N ALA B 15 32.40 -29.76 19.78
CA ALA B 15 31.90 -28.75 18.83
C ALA B 15 30.95 -27.77 19.52
N LEU B 16 30.35 -28.15 20.65
CA LEU B 16 29.67 -27.17 21.53
C LEU B 16 30.59 -26.85 22.70
N THR B 17 30.75 -25.57 23.01
CA THR B 17 31.37 -25.08 24.25
C THR B 17 30.24 -24.48 25.09
N LEU B 18 30.02 -24.98 26.30
CA LEU B 18 28.91 -24.45 27.14
C LEU B 18 29.44 -23.24 27.92
N ARG B 19 28.77 -22.11 27.80
CA ARG B 19 29.05 -20.89 28.58
C ARG B 19 28.21 -20.93 29.86
N LEU B 20 28.85 -20.74 31.01
CA LEU B 20 28.22 -20.62 32.34
C LEU B 20 28.37 -19.15 32.75
N ALA B 21 27.27 -18.46 32.96
CA ALA B 21 27.23 -17.02 33.25
C ALA B 21 26.27 -16.80 34.40
N ASP B 22 26.47 -15.76 35.20
CA ASP B 22 25.76 -15.62 36.51
C ASP B 22 24.25 -15.74 36.24
N ASN B 23 23.53 -16.44 37.11
CA ASN B 23 22.07 -16.60 37.02
C ASN B 23 21.52 -16.79 38.43
N PRO B 24 20.89 -15.75 39.03
CA PRO B 24 20.54 -15.76 40.44
C PRO B 24 19.53 -16.85 40.84
N ARG B 25 18.77 -17.41 39.89
CA ARG B 25 17.71 -18.41 40.12
C ARG B 25 18.33 -19.81 40.32
N LEU B 26 19.63 -20.01 40.03
CA LEU B 26 20.33 -21.32 40.22
C LEU B 26 21.14 -21.30 41.52
N ARG B 27 21.27 -22.46 42.17
CA ARG B 27 22.15 -22.71 43.35
C ARG B 27 23.34 -23.55 42.88
N ALA B 28 24.33 -23.77 43.74
CA ALA B 28 25.43 -24.72 43.54
C ALA B 28 24.89 -26.03 42.91
N ASN B 29 23.94 -26.73 43.53
CA ASN B 29 23.47 -28.08 43.06
C ASN B 29 23.02 -28.02 41.60
N ASP B 30 22.42 -26.91 41.21
CA ASP B 30 21.86 -26.74 39.84
C ASP B 30 23.01 -26.60 38.84
N TRP B 31 23.97 -25.69 39.10
CA TRP B 31 25.22 -25.56 38.32
C TRP B 31 25.92 -26.91 38.23
N ARG B 32 26.04 -27.62 39.35
CA ARG B 32 26.65 -28.97 39.38
C ARG B 32 25.91 -29.88 38.38
N ALA B 33 24.56 -29.94 38.44
CA ALA B 33 23.77 -30.83 37.55
C ALA B 33 23.80 -30.30 36.11
N LEU B 34 23.92 -28.99 35.92
CA LEU B 34 23.98 -28.37 34.58
C LEU B 34 25.20 -28.92 33.85
N VAL B 35 26.33 -28.88 34.54
CA VAL B 35 27.63 -29.37 34.01
C VAL B 35 27.58 -30.90 33.93
N PHE B 36 26.95 -31.62 34.87
CA PHE B 36 26.85 -33.11 34.78
C PHE B 36 26.07 -33.47 33.50
N THR B 37 25.04 -32.71 33.15
CA THR B 37 24.21 -33.01 31.97
C THR B 37 25.05 -32.74 30.74
N ALA B 38 25.77 -31.62 30.73
CA ALA B 38 26.70 -31.29 29.63
C ALA B 38 27.69 -32.45 29.47
N LEU B 39 28.31 -32.84 30.58
CA LEU B 39 29.35 -33.89 30.56
C LEU B 39 28.73 -35.18 30.01
N GLU B 40 27.51 -35.52 30.40
CA GLU B 40 26.83 -36.77 29.94
C GLU B 40 26.53 -36.67 28.44
N ASN B 41 26.28 -35.47 27.93
CA ASN B 41 25.97 -35.33 26.48
C ASN B 41 27.27 -35.10 25.71
N GLY B 42 28.41 -35.28 26.36
CA GLY B 42 29.72 -35.35 25.70
C GLY B 42 30.39 -34.00 25.56
N VAL B 43 29.84 -32.96 26.14
CA VAL B 43 30.45 -31.61 26.13
C VAL B 43 31.61 -31.65 27.09
N ASN B 44 32.79 -31.26 26.64
CA ASN B 44 34.00 -31.22 27.51
C ASN B 44 34.63 -29.83 27.56
N SER B 45 34.05 -28.83 26.86
CA SER B 45 34.60 -27.46 26.79
C SER B 45 33.64 -26.53 27.52
N PHE B 46 34.13 -25.76 28.49
CA PHE B 46 33.29 -24.85 29.28
C PHE B 46 33.95 -23.48 29.34
N GLN B 47 33.12 -22.44 29.33
CA GLN B 47 33.58 -21.04 29.41
C GLN B 47 32.87 -20.43 30.61
N ILE B 48 33.62 -20.11 31.66
CA ILE B 48 33.03 -19.53 32.89
C ILE B 48 33.06 -18.02 32.69
N ASP B 49 31.88 -17.38 32.68
CA ASP B 49 31.67 -15.95 32.37
C ASP B 49 30.87 -15.37 33.54
N GLY B 50 31.49 -15.32 34.72
CA GLY B 50 30.83 -15.04 35.99
C GLY B 50 31.66 -15.47 37.18
N ASP B 51 31.40 -14.89 38.36
CA ASP B 51 32.17 -15.20 39.59
C ASP B 51 31.23 -15.37 40.78
N ALA B 52 29.93 -15.57 40.56
CA ALA B 52 28.98 -15.84 41.67
C ALA B 52 29.52 -17.03 42.46
N PRO B 53 29.69 -16.89 43.79
CA PRO B 53 30.23 -17.99 44.59
C PRO B 53 29.50 -19.32 44.31
N GLU B 54 28.17 -19.26 44.15
CA GLU B 54 27.27 -20.40 43.86
C GLU B 54 27.79 -21.14 42.62
N LEU B 55 28.09 -20.38 41.57
CA LEU B 55 28.49 -20.90 40.23
C LEU B 55 29.87 -21.59 40.32
N LEU B 56 30.83 -20.94 40.96
CA LEU B 56 32.19 -21.49 41.11
C LEU B 56 32.13 -22.77 41.94
N LYS B 57 31.32 -22.81 43.02
CA LYS B 57 31.24 -24.03 43.85
C LYS B 57 30.70 -25.16 42.97
N GLY B 58 29.58 -24.92 42.29
CA GLY B 58 28.86 -25.98 41.58
C GLY B 58 29.64 -26.49 40.37
N ALA B 59 30.12 -25.57 39.53
CA ALA B 59 30.97 -25.88 38.37
C ALA B 59 32.23 -26.61 38.84
N GLY B 60 32.86 -26.06 39.90
CA GLY B 60 34.04 -26.66 40.56
C GLY B 60 33.82 -28.15 40.84
N GLU B 61 32.76 -28.47 41.60
CA GLU B 61 32.44 -29.87 41.99
C GLU B 61 32.32 -30.71 40.72
N ALA B 62 31.55 -30.27 39.74
CA ALA B 62 31.19 -31.13 38.60
C ALA B 62 32.46 -31.44 37.79
N PHE B 63 33.32 -30.43 37.57
CA PHE B 63 34.61 -30.58 36.84
C PHE B 63 35.44 -31.66 37.54
N ALA B 64 35.48 -31.63 38.87
CA ALA B 64 36.24 -32.60 39.70
C ALA B 64 35.74 -34.04 39.42
N SER B 65 34.49 -34.24 39.03
CA SER B 65 33.91 -35.58 38.76
C SER B 65 34.72 -36.31 37.69
N VAL B 66 35.41 -35.61 36.80
CA VAL B 66 36.21 -36.30 35.74
C VAL B 66 37.64 -35.77 35.78
N GLU B 67 38.52 -36.44 35.07
CA GLU B 67 39.97 -36.12 35.09
C GLU B 67 40.18 -34.79 34.38
N ARG B 68 40.82 -33.84 35.04
CA ARG B 68 41.15 -32.48 34.53
C ARG B 68 41.58 -32.52 33.04
N HIS B 69 42.38 -33.47 32.61
CA HIS B 69 42.97 -33.42 31.26
C HIS B 69 41.91 -33.76 30.19
N LEU B 70 40.70 -34.15 30.58
CA LEU B 70 39.58 -34.42 29.64
C LEU B 70 38.76 -33.14 29.40
N LEU B 71 39.09 -32.05 30.09
CA LEU B 71 38.31 -30.80 30.04
C LEU B 71 39.14 -29.72 29.38
N PHE B 72 38.47 -28.84 28.64
CA PHE B 72 39.02 -27.56 28.16
C PHE B 72 38.26 -26.45 28.90
N LEU B 73 38.93 -25.76 29.81
CA LEU B 73 38.29 -24.75 30.65
C LEU B 73 38.82 -23.40 30.23
N THR B 74 37.91 -22.55 29.77
CA THR B 74 38.21 -21.16 29.41
C THR B 74 37.62 -20.25 30.48
N TRP B 75 38.38 -19.26 30.90
CA TRP B 75 37.90 -18.22 31.82
C TRP B 75 37.75 -16.92 31.04
N ARG B 76 36.53 -16.40 31.02
CA ARG B 76 36.23 -15.13 30.32
C ARG B 76 36.58 -13.97 31.23
N LEU B 77 37.38 -13.04 30.78
CA LEU B 77 37.79 -11.88 31.59
C LEU B 77 37.47 -10.59 30.82
N ARG B 78 36.43 -9.89 31.26
CA ARG B 78 35.93 -8.66 30.60
C ARG B 78 36.62 -7.46 31.26
N GLY B 79 36.24 -6.26 30.83
CA GLY B 79 36.92 -5.03 31.28
C GLY B 79 37.86 -4.52 30.21
N ASP B 80 37.99 -3.20 30.14
CA ASP B 80 39.00 -2.55 29.29
C ASP B 80 40.30 -3.28 29.59
N ALA B 81 40.85 -3.91 28.56
CA ALA B 81 42.08 -4.74 28.61
C ALA B 81 43.28 -3.85 28.93
N LYS B 82 43.20 -2.56 28.59
CA LYS B 82 44.31 -1.60 28.83
C LYS B 82 44.46 -1.29 30.32
N GLN B 83 43.48 -1.63 31.18
CA GLN B 83 43.51 -1.28 32.63
C GLN B 83 43.70 -2.53 33.51
N LEU B 84 43.98 -3.68 32.88
CA LEU B 84 44.34 -4.94 33.60
C LEU B 84 45.70 -4.75 34.26
N GLY B 85 45.90 -5.40 35.41
CA GLY B 85 47.12 -5.29 36.23
C GLY B 85 47.14 -6.39 37.28
N PRO B 86 48.11 -6.32 38.24
CA PRO B 86 48.21 -7.31 39.32
C PRO B 86 46.91 -7.64 40.10
N HIS B 87 46.06 -6.63 40.34
CA HIS B 87 44.70 -6.80 40.96
C HIS B 87 43.91 -7.84 40.17
N THR B 88 44.03 -7.79 38.85
CA THR B 88 43.34 -8.74 37.94
C THR B 88 43.81 -10.15 38.23
N LEU B 89 45.11 -10.33 38.40
CA LEU B 89 45.72 -11.65 38.63
C LEU B 89 45.33 -12.16 40.02
N ASP B 90 45.10 -11.26 40.98
CA ASP B 90 44.63 -11.62 42.34
C ASP B 90 43.20 -12.18 42.24
N ALA B 91 42.30 -11.42 41.60
CA ALA B 91 40.91 -11.81 41.29
C ALA B 91 40.90 -13.19 40.60
N LEU B 92 41.87 -13.38 39.71
CA LEU B 92 41.97 -14.61 38.90
C LEU B 92 42.41 -15.78 39.79
N LYS B 93 43.35 -15.59 40.73
CA LYS B 93 43.78 -16.67 41.67
C LYS B 93 42.59 -17.03 42.53
N ARG B 94 41.76 -16.05 42.91
CA ARG B 94 40.65 -16.28 43.88
C ARG B 94 39.55 -17.06 43.15
N SER B 95 39.06 -16.53 42.03
CA SER B 95 37.83 -17.00 41.35
C SER B 95 38.15 -18.23 40.51
N ALA B 96 39.11 -18.09 39.60
CA ALA B 96 39.33 -19.10 38.54
C ALA B 96 40.10 -20.29 39.11
N PHE B 97 41.07 -20.08 39.98
CA PHE B 97 41.98 -21.15 40.43
C PHE B 97 41.43 -21.75 41.72
N GLU B 98 41.30 -20.95 42.79
CA GLU B 98 40.75 -21.40 44.10
C GLU B 98 39.25 -21.69 43.96
N GLY B 99 38.45 -20.73 43.48
CA GLY B 99 36.99 -20.92 43.26
C GLY B 99 36.65 -22.22 42.51
N LEU B 100 37.29 -22.47 41.37
CA LEU B 100 36.96 -23.64 40.51
C LEU B 100 37.81 -24.86 40.90
N SER B 101 38.76 -24.74 41.83
CA SER B 101 39.64 -25.85 42.31
C SER B 101 40.48 -26.40 41.15
N LEU B 102 41.19 -25.51 40.47
CA LEU B 102 41.98 -25.77 39.25
C LEU B 102 43.42 -25.36 39.54
N ASP B 103 44.42 -25.96 38.90
CA ASP B 103 45.78 -25.37 38.97
C ASP B 103 46.22 -24.95 37.57
N TYR B 104 45.41 -25.17 36.53
CA TYR B 104 45.67 -24.53 35.23
C TYR B 104 44.35 -24.19 34.54
N LEU B 105 44.37 -23.14 33.73
CA LEU B 105 43.32 -22.81 32.76
C LEU B 105 43.82 -23.19 31.38
N ASP B 106 42.98 -23.81 30.55
CA ASP B 106 43.35 -24.06 29.13
C ASP B 106 43.44 -22.73 28.39
N LEU B 107 42.61 -21.77 28.73
CA LEU B 107 42.51 -20.50 27.98
C LEU B 107 41.94 -19.39 28.87
N LEU B 108 42.57 -18.22 28.81
CA LEU B 108 42.07 -16.98 29.41
C LEU B 108 41.64 -16.09 28.25
N LEU B 109 40.36 -15.74 28.16
CA LEU B 109 39.83 -15.02 26.97
C LEU B 109 39.50 -13.58 27.40
N ILE B 110 40.28 -12.61 26.92
CA ILE B 110 40.13 -11.19 27.27
C ILE B 110 39.43 -10.46 26.15
N ASN B 111 39.08 -9.21 26.36
CA ASN B 111 38.59 -8.32 25.28
C ASN B 111 39.78 -7.86 24.43
N ASP B 112 39.58 -7.76 23.13
CA ASP B 112 40.50 -7.01 22.25
C ASP B 112 40.83 -5.68 22.93
N PRO B 113 42.10 -5.41 23.25
CA PRO B 113 42.50 -4.10 23.76
C PRO B 113 42.72 -3.00 22.70
N GLN B 114 42.54 -3.32 21.41
CA GLN B 114 42.68 -2.38 20.27
C GLN B 114 44.04 -1.68 20.42
N SER B 115 45.10 -2.47 20.33
CA SER B 115 46.50 -2.12 20.69
C SER B 115 47.39 -3.34 20.37
N ALA B 116 48.64 -3.15 19.97
CA ALA B 116 49.60 -4.26 19.74
C ALA B 116 50.02 -4.84 21.09
N SER B 117 49.80 -4.09 22.18
CA SER B 117 50.40 -4.33 23.51
C SER B 117 49.32 -4.64 24.54
N LEU B 118 49.73 -5.43 25.54
CA LEU B 118 49.02 -5.56 26.84
C LEU B 118 49.79 -4.73 27.85
N PRO B 119 49.17 -4.32 28.98
CA PRO B 119 49.91 -3.67 30.07
C PRO B 119 51.09 -4.51 30.60
N MSE B 120 52.26 -3.89 30.79
CA MSE B 120 53.52 -4.52 31.25
C MSE B 120 53.24 -5.57 32.33
O MSE B 120 53.58 -6.73 32.10
CB MSE B 120 54.43 -3.43 31.82
CG MSE B 120 55.79 -3.89 32.31
SE MSE B 120 57.13 -3.14 31.09
CE MSE B 120 56.43 -3.56 29.27
N ALA B 121 52.69 -5.16 33.47
CA ALA B 121 52.59 -5.96 34.72
C ALA B 121 51.70 -7.17 34.48
N PHE B 122 50.58 -6.96 33.79
CA PHE B 122 49.61 -8.02 33.44
C PHE B 122 50.30 -9.09 32.56
N GLU B 123 50.96 -8.69 31.49
CA GLU B 123 51.62 -9.62 30.53
C GLU B 123 52.69 -10.42 31.28
N SER B 124 53.43 -9.74 32.17
CA SER B 124 54.49 -10.36 33.02
C SER B 124 53.85 -11.48 33.85
N GLY B 125 52.71 -11.18 34.47
CA GLY B 125 51.94 -12.11 35.33
C GLY B 125 51.49 -13.32 34.53
N LEU B 126 51.04 -13.09 33.29
CA LEU B 126 50.57 -14.17 32.40
C LEU B 126 51.78 -15.03 32.06
N GLN B 127 52.89 -14.39 31.73
CA GLN B 127 54.17 -15.08 31.40
C GLN B 127 54.56 -15.99 32.55
N ASP B 128 54.46 -15.49 33.79
CA ASP B 128 54.75 -16.30 35.02
C ASP B 128 53.76 -17.48 35.09
N LEU B 129 52.44 -17.23 34.98
CA LEU B 129 51.41 -18.30 35.00
C LEU B 129 51.72 -19.36 33.94
N GLN B 130 52.24 -18.98 32.77
CA GLN B 130 52.57 -19.95 31.70
C GLN B 130 53.83 -20.71 32.11
N LYS B 131 54.90 -20.02 32.52
CA LYS B 131 56.14 -20.66 33.01
C LYS B 131 55.77 -21.71 34.05
N GLY B 132 54.76 -21.44 34.88
CA GLY B 132 54.33 -22.36 35.96
C GLY B 132 53.29 -23.36 35.51
N ARG B 133 53.01 -23.47 34.20
CA ARG B 133 52.02 -24.42 33.63
C ARG B 133 50.63 -24.23 34.18
N ALA B 134 50.23 -22.99 34.45
CA ALA B 134 48.88 -22.63 34.99
C ALA B 134 47.98 -22.03 33.90
N LEU B 135 48.56 -21.64 32.75
CA LEU B 135 47.80 -20.99 31.66
C LEU B 135 48.34 -21.43 30.30
N ARG B 136 47.57 -22.24 29.56
CA ARG B 136 48.02 -22.82 28.28
C ARG B 136 47.93 -21.81 27.13
N GLY B 137 47.12 -20.77 27.25
CA GLY B 137 46.98 -19.80 26.17
C GLY B 137 46.13 -18.62 26.57
N LEU B 138 46.38 -17.50 25.92
CA LEU B 138 45.56 -16.27 25.94
C LEU B 138 44.71 -16.24 24.69
N GLY B 139 43.43 -15.96 24.81
CA GLY B 139 42.55 -15.70 23.67
C GLY B 139 42.08 -14.25 23.63
N VAL B 140 41.73 -13.76 22.47
CA VAL B 140 41.21 -12.38 22.30
C VAL B 140 39.83 -12.44 21.63
N ALA B 141 38.84 -11.80 22.24
CA ALA B 141 37.49 -11.69 21.67
C ALA B 141 37.37 -10.35 20.92
N SER B 142 36.86 -10.38 19.70
CA SER B 142 36.83 -9.22 18.81
C SER B 142 35.66 -9.33 17.85
N ARG B 143 35.22 -8.17 17.33
CA ARG B 143 34.20 -8.07 16.25
C ARG B 143 34.86 -7.33 15.08
N GLY B 144 36.16 -7.09 15.23
CA GLY B 144 37.02 -6.46 14.22
C GLY B 144 38.36 -7.16 14.06
N ASP B 145 39.28 -6.45 13.42
CA ASP B 145 40.64 -6.93 13.09
C ASP B 145 41.49 -6.74 14.34
N ILE B 146 42.07 -7.82 14.86
CA ILE B 146 42.99 -7.69 16.04
C ILE B 146 44.33 -7.20 15.53
N ASP B 147 44.97 -6.30 16.27
CA ASP B 147 46.29 -5.78 15.88
C ASP B 147 47.19 -6.97 15.65
N PRO B 148 47.91 -7.04 14.51
CA PRO B 148 48.78 -8.20 14.23
C PRO B 148 49.95 -8.35 15.22
N GLY B 149 50.32 -7.25 15.88
CA GLY B 149 51.38 -7.23 16.91
C GLY B 149 51.00 -8.10 18.09
N LEU B 150 49.70 -8.08 18.39
CA LEU B 150 49.11 -8.84 19.51
C LEU B 150 49.00 -10.29 19.10
N LEU B 151 48.51 -10.59 17.90
CA LEU B 151 48.35 -12.00 17.41
C LEU B 151 49.71 -12.70 17.39
N ALA B 152 50.75 -11.96 17.04
CA ALA B 152 52.12 -12.49 16.97
C ALA B 152 52.65 -12.81 18.37
N ASN B 153 52.12 -12.17 19.42
CA ASN B 153 52.46 -12.54 20.83
C ASN B 153 52.33 -14.08 20.99
N ASP B 154 53.36 -14.68 21.59
CA ASP B 154 53.46 -16.15 21.78
C ASP B 154 52.31 -16.62 22.65
N LEU B 155 51.89 -15.81 23.63
CA LEU B 155 50.75 -16.08 24.56
C LEU B 155 49.46 -16.33 23.77
N VAL B 156 49.26 -15.68 22.64
CA VAL B 156 47.90 -15.61 22.02
C VAL B 156 47.72 -16.79 21.06
N THR B 157 46.86 -17.73 21.49
CA THR B 157 46.60 -18.98 20.75
C THR B 157 45.18 -19.03 20.20
N ALA B 158 44.30 -18.10 20.54
CA ALA B 158 42.90 -18.24 20.04
C ALA B 158 42.25 -16.88 19.85
N VAL B 159 41.19 -16.87 19.04
CA VAL B 159 40.33 -15.67 18.87
C VAL B 159 38.89 -16.14 18.99
N SER B 160 38.05 -15.29 19.51
CA SER B 160 36.62 -15.55 19.68
C SER B 160 35.92 -14.44 18.91
N SER B 161 35.06 -14.81 18.01
CA SER B 161 34.43 -13.86 17.08
C SER B 161 33.03 -14.37 16.76
N PRO B 162 32.07 -13.51 16.42
CA PRO B 162 30.72 -13.97 16.18
C PRO B 162 30.77 -14.59 14.79
N TYR B 163 30.08 -15.72 14.61
CA TYR B 163 29.81 -16.31 13.29
C TYR B 163 28.42 -16.95 13.31
N ASN B 164 27.58 -16.57 12.35
CA ASN B 164 26.16 -16.97 12.13
C ASN B 164 25.78 -16.69 10.66
N LEU B 165 24.65 -17.15 10.17
CA LEU B 165 24.40 -17.02 8.69
C LEU B 165 24.04 -15.57 8.32
N SER B 166 24.08 -14.63 9.27
CA SER B 166 24.07 -13.16 9.03
C SER B 166 25.48 -12.66 8.72
N SER B 167 26.50 -13.45 8.98
CA SER B 167 27.88 -12.93 9.06
C SER B 167 28.26 -12.40 7.66
N GLY B 168 28.84 -11.19 7.64
CA GLY B 168 29.34 -10.50 6.43
C GLY B 168 30.41 -11.30 5.69
N TRP B 169 31.04 -10.72 4.68
CA TRP B 169 32.22 -11.35 4.03
C TRP B 169 33.45 -11.09 4.90
N ALA B 170 33.72 -9.85 5.31
CA ALA B 170 34.95 -9.46 6.04
C ALA B 170 35.12 -10.33 7.29
N GLU B 171 34.02 -10.71 7.94
CA GLU B 171 33.97 -11.62 9.12
C GLU B 171 34.37 -13.04 8.72
N ARG B 172 33.61 -13.63 7.81
CA ARG B 172 33.83 -14.99 7.26
C ARG B 172 35.32 -15.23 6.93
N HIS B 173 35.94 -14.18 6.41
CA HIS B 173 37.33 -14.15 5.90
C HIS B 173 38.30 -14.03 7.07
N ARG B 174 38.07 -13.09 7.99
CA ARG B 174 38.90 -12.91 9.23
C ARG B 174 39.05 -14.27 9.91
N ILE B 175 37.96 -15.04 10.10
CA ILE B 175 38.06 -16.29 10.89
C ILE B 175 38.67 -17.43 10.05
N ARG B 176 38.45 -17.51 8.76
CA ARG B 176 39.19 -18.57 8.00
C ARG B 176 40.67 -18.21 7.97
N GLN B 177 41.00 -16.92 7.82
CA GLN B 177 42.41 -16.43 7.79
C GLN B 177 43.10 -16.80 9.11
N ALA B 178 42.42 -16.55 10.23
CA ALA B 178 42.92 -16.86 11.58
C ALA B 178 43.15 -18.35 11.67
N SER B 179 42.16 -19.15 11.30
CA SER B 179 42.21 -20.63 11.43
C SER B 179 43.34 -21.19 10.56
N GLN B 180 43.57 -20.62 9.40
CA GLN B 180 44.63 -21.14 8.51
C GLN B 180 45.98 -20.68 9.05
N ASN B 181 46.04 -19.65 9.89
CA ASN B 181 47.31 -19.27 10.58
C ASN B 181 47.45 -19.96 11.94
N ASN B 182 46.68 -21.03 12.22
CA ASN B 182 46.85 -21.95 13.38
C ASN B 182 46.40 -21.29 14.68
N PHE B 183 45.46 -20.36 14.60
CA PHE B 183 44.69 -19.87 15.75
C PHE B 183 43.44 -20.72 15.87
N ALA B 184 43.11 -21.13 17.06
CA ALA B 184 41.79 -21.71 17.34
C ALA B 184 40.83 -20.54 17.22
N VAL B 185 39.62 -20.84 16.72
CA VAL B 185 38.55 -19.82 16.63
C VAL B 185 37.33 -20.39 17.33
N ILE B 186 36.83 -19.63 18.29
CA ILE B 186 35.61 -19.92 19.03
C ILE B 186 34.55 -19.10 18.36
N GLY B 187 33.41 -19.71 18.01
CA GLY B 187 32.25 -19.05 17.40
C GLY B 187 31.28 -18.56 18.46
N GLU B 188 30.94 -17.28 18.39
CA GLU B 188 29.96 -16.57 19.24
C GLU B 188 28.70 -16.25 18.46
N ASP B 189 27.58 -16.11 19.14
CA ASP B 189 26.35 -15.46 18.65
C ASP B 189 25.78 -16.22 17.45
N PHE B 190 25.58 -17.53 17.57
CA PHE B 190 25.10 -18.35 16.43
C PHE B 190 23.66 -17.95 16.06
N TRP B 191 22.94 -17.37 17.02
CA TRP B 191 21.52 -16.98 16.95
C TRP B 191 21.38 -15.49 17.21
N PRO B 192 21.91 -14.59 16.34
CA PRO B 192 22.04 -13.17 16.64
C PRO B 192 20.72 -12.39 16.61
N GLN B 193 20.77 -11.12 17.01
CA GLN B 193 19.54 -10.30 17.30
C GLN B 193 18.78 -10.02 15.99
N ALA B 194 19.53 -9.56 15.00
CA ALA B 194 19.02 -9.30 13.63
C ALA B 194 18.06 -10.43 13.21
N LEU B 195 18.32 -11.69 13.48
CA LEU B 195 17.41 -12.78 13.02
C LEU B 195 16.43 -13.23 14.10
N ARG B 196 15.93 -12.36 14.98
CA ARG B 196 14.72 -12.70 15.79
C ARG B 196 13.63 -11.62 15.54
N GLU B 197 12.39 -12.10 15.35
CA GLU B 197 11.15 -11.28 15.17
C GLU B 197 9.94 -12.04 15.79
N VAL B 198 8.72 -11.65 15.40
CA VAL B 198 7.42 -12.06 16.03
C VAL B 198 7.03 -13.45 15.49
N LYS B 206 10.94 -4.69 21.52
CA LYS B 206 10.78 -4.47 22.99
C LYS B 206 11.78 -3.39 23.43
N PRO B 207 12.81 -3.57 24.33
CA PRO B 207 13.96 -2.65 24.30
C PRO B 207 14.80 -2.85 23.00
N SER B 208 15.92 -3.56 23.08
CA SER B 208 16.79 -4.00 21.94
C SER B 208 17.91 -3.00 21.64
N PHE B 209 19.15 -3.31 22.05
CA PHE B 209 20.33 -2.41 21.91
C PHE B 209 21.08 -2.76 20.62
N TRP B 210 21.69 -1.75 20.00
CA TRP B 210 22.47 -1.81 18.74
C TRP B 210 23.72 -0.94 18.89
N GLN B 211 24.61 -1.25 19.83
CA GLN B 211 25.83 -0.44 20.13
C GLN B 211 27.08 -1.10 19.52
N ARG B 212 26.95 -2.14 18.72
CA ARG B 212 28.12 -2.81 18.08
C ARG B 212 28.52 -2.02 16.80
N ARG B 213 29.79 -1.67 16.63
CA ARG B 213 30.27 -0.94 15.42
C ARG B 213 29.82 -1.68 14.15
N THR B 214 29.74 -3.00 14.15
CA THR B 214 29.31 -3.77 12.95
C THR B 214 27.78 -3.82 12.80
N ASP B 215 26.98 -3.10 13.61
CA ASP B 215 25.50 -3.27 13.61
C ASP B 215 24.83 -2.59 12.41
N PRO B 216 25.07 -1.30 12.14
CA PRO B 216 24.42 -0.58 11.04
C PRO B 216 24.49 -1.31 9.67
N LEU B 217 25.64 -1.96 9.38
CA LEU B 217 25.93 -2.86 8.22
C LEU B 217 25.47 -4.29 8.58
N ALA B 218 24.30 -4.77 8.13
CA ALA B 218 23.86 -6.20 8.19
C ALA B 218 22.49 -6.44 7.53
N ASP B 219 22.47 -7.16 6.41
CA ASP B 219 21.27 -7.53 5.59
C ASP B 219 20.54 -8.68 6.29
N VAL B 220 19.20 -8.77 6.20
CA VAL B 220 18.39 -9.87 6.85
C VAL B 220 17.31 -10.35 5.87
N GLY B 221 17.23 -9.77 4.67
CA GLY B 221 16.40 -10.29 3.56
C GLY B 221 16.71 -11.75 3.25
N GLY B 222 15.67 -12.59 3.26
CA GLY B 222 15.71 -13.93 2.65
C GLY B 222 15.66 -15.05 3.66
N TYR B 223 15.65 -14.75 4.96
CA TYR B 223 15.80 -15.80 6.01
C TYR B 223 14.42 -16.27 6.49
N GLU B 224 13.36 -15.99 5.73
CA GLU B 224 11.97 -16.36 6.09
C GLU B 224 11.87 -17.88 6.27
N PHE B 225 12.60 -18.66 5.46
CA PHE B 225 12.65 -20.14 5.54
C PHE B 225 13.03 -20.62 6.95
N LEU B 226 13.54 -19.76 7.83
CA LEU B 226 13.94 -20.15 9.22
C LEU B 226 12.70 -20.61 10.00
N THR B 227 11.55 -20.04 9.68
CA THR B 227 10.22 -20.30 10.29
C THR B 227 9.53 -21.49 9.61
N ASN B 228 9.71 -21.63 8.29
CA ASN B 228 8.92 -22.48 7.36
C ASN B 228 9.73 -23.73 6.98
N THR B 229 10.44 -24.36 7.93
CA THR B 229 11.19 -25.61 7.73
C THR B 229 10.66 -26.68 8.68
N PRO B 230 9.85 -27.63 8.19
CA PRO B 230 9.26 -28.65 9.07
C PRO B 230 10.29 -29.47 9.86
N GLY B 231 10.07 -29.62 11.16
CA GLY B 231 10.84 -30.48 12.09
C GLY B 231 11.94 -29.70 12.78
N TRP B 232 12.09 -28.39 12.49
CA TRP B 232 13.21 -27.51 12.94
C TRP B 232 12.70 -26.18 13.47
N SER B 233 13.22 -25.70 14.60
CA SER B 233 13.20 -24.27 15.05
C SER B 233 14.26 -23.46 14.29
N ALA B 234 14.06 -22.14 14.16
CA ALA B 234 15.04 -21.15 13.65
C ALA B 234 16.36 -21.21 14.45
N GLU B 235 16.30 -21.28 15.78
CA GLU B 235 17.50 -21.39 16.65
C GLU B 235 18.30 -22.64 16.17
N ASP B 236 17.64 -23.80 16.07
CA ASP B 236 18.28 -25.10 15.74
C ASP B 236 18.96 -25.01 14.37
N ILE B 237 18.33 -24.38 13.38
CA ILE B 237 18.91 -24.20 12.03
C ILE B 237 20.18 -23.34 12.17
N CYS B 238 20.08 -22.19 12.82
CA CYS B 238 21.21 -21.23 12.94
C CYS B 238 22.49 -21.87 13.52
N LEU B 239 22.30 -22.81 14.43
CA LEU B 239 23.35 -23.56 15.17
C LEU B 239 23.94 -24.65 14.25
N GLY B 240 23.03 -25.47 13.70
CA GLY B 240 23.35 -26.48 12.67
C GLY B 240 24.23 -25.89 11.58
N TYR B 241 23.95 -24.64 11.23
CA TYR B 241 24.69 -23.90 10.19
C TYR B 241 26.06 -23.53 10.71
N ALA B 242 26.14 -22.99 11.91
CA ALA B 242 27.42 -22.62 12.52
C ALA B 242 28.31 -23.86 12.64
N LEU B 243 27.71 -25.00 12.87
CA LEU B 243 28.45 -26.28 13.03
C LEU B 243 29.05 -26.75 11.69
N THR B 244 28.69 -26.17 10.55
CA THR B 244 29.20 -26.61 9.22
C THR B 244 30.35 -25.71 8.80
N GLU B 245 30.57 -24.61 9.51
CA GLU B 245 31.72 -23.74 9.19
C GLU B 245 32.99 -24.46 9.62
N PRO B 246 33.84 -24.90 8.69
CA PRO B 246 35.03 -25.67 9.05
C PRO B 246 36.12 -24.93 9.81
N SER B 247 36.16 -23.60 9.81
CA SER B 247 37.24 -22.82 10.46
C SER B 247 37.04 -22.68 11.99
N LEU B 248 35.86 -23.04 12.50
CA LEU B 248 35.57 -22.88 13.94
C LEU B 248 35.99 -24.14 14.67
N ALA B 249 36.84 -24.00 15.66
CA ALA B 249 37.21 -25.11 16.56
C ALA B 249 35.96 -25.52 17.33
N THR B 250 35.18 -24.56 17.82
CA THR B 250 33.93 -24.88 18.55
C THR B 250 32.97 -23.70 18.48
N VAL B 251 31.70 -23.96 18.75
CA VAL B 251 30.59 -22.97 18.76
C VAL B 251 30.15 -22.76 20.21
N ARG B 252 30.16 -21.54 20.70
CA ARG B 252 29.76 -21.22 22.08
C ARG B 252 28.23 -21.22 22.16
N VAL B 253 27.68 -21.86 23.16
CA VAL B 253 26.21 -21.81 23.45
C VAL B 253 26.00 -21.54 24.94
N THR B 254 24.85 -21.01 25.34
CA THR B 254 24.46 -20.73 26.73
C THR B 254 23.17 -21.48 27.04
N ALA B 255 23.04 -22.14 28.17
CA ALA B 255 21.85 -22.97 28.47
C ALA B 255 21.61 -22.97 29.98
N ASP B 256 20.33 -22.91 30.40
CA ASP B 256 19.90 -22.69 31.80
C ASP B 256 19.39 -23.97 32.44
N ASN B 257 19.00 -24.98 31.67
CA ASN B 257 18.37 -26.21 32.24
C ASN B 257 18.83 -27.43 31.46
N ARG B 258 18.62 -28.63 32.00
CA ARG B 258 19.02 -29.91 31.36
C ARG B 258 18.48 -30.01 29.93
N GLN B 259 17.18 -29.82 29.74
CA GLN B 259 16.56 -30.20 28.45
C GLN B 259 17.07 -29.22 27.38
N GLU B 260 17.45 -28.00 27.73
CA GLU B 260 18.04 -27.03 26.77
C GLU B 260 19.42 -27.55 26.29
N ILE B 261 20.23 -28.10 27.20
CA ILE B 261 21.53 -28.74 26.85
C ILE B 261 21.24 -29.88 25.86
N GLU B 262 20.44 -30.86 26.27
CA GLU B 262 20.06 -32.07 25.49
C GLU B 262 19.64 -31.66 24.07
N ARG B 263 18.79 -30.66 23.92
CA ARG B 263 18.28 -30.20 22.60
C ARG B 263 19.45 -29.64 21.78
N LEU B 264 20.33 -28.84 22.39
CA LEU B 264 21.50 -28.23 21.70
C LEU B 264 22.46 -29.34 21.25
N ALA B 265 22.68 -30.37 22.08
CA ALA B 265 23.52 -31.54 21.77
C ALA B 265 22.91 -32.33 20.60
N ALA B 266 21.60 -32.62 20.59
CA ALA B 266 20.84 -33.23 19.46
C ALA B 266 21.25 -32.62 18.13
N VAL B 267 21.40 -31.29 18.06
CA VAL B 267 21.63 -30.55 16.78
C VAL B 267 22.97 -30.96 16.17
N VAL B 268 23.95 -31.31 16.99
CA VAL B 268 25.33 -31.66 16.55
C VAL B 268 25.26 -32.87 15.63
N GLU B 269 24.35 -33.80 15.93
CA GLU B 269 24.31 -35.17 15.35
C GLU B 269 23.20 -35.26 14.31
N ARG B 270 22.39 -34.21 14.19
CA ARG B 270 21.46 -33.96 13.05
C ARG B 270 22.23 -33.19 11.98
N ASP B 271 21.89 -33.42 10.72
CA ASP B 271 22.42 -32.73 9.52
C ASP B 271 21.37 -31.69 9.14
N LEU B 272 21.81 -30.58 8.56
CA LEU B 272 20.88 -29.55 8.02
C LEU B 272 19.90 -30.23 7.08
N PRO B 273 18.61 -29.84 7.11
CA PRO B 273 17.63 -30.39 6.19
C PRO B 273 18.05 -30.20 4.73
N THR B 274 17.34 -30.92 3.87
CA THR B 274 17.66 -31.16 2.45
C THR B 274 17.79 -29.81 1.71
N GLY B 275 16.80 -28.90 1.81
CA GLY B 275 16.75 -27.68 1.00
C GLY B 275 17.63 -26.53 1.50
N VAL B 276 18.08 -26.57 2.74
CA VAL B 276 18.42 -25.35 3.53
C VAL B 276 19.73 -24.74 3.02
N CYS B 277 20.75 -25.57 2.82
CA CYS B 277 22.10 -25.08 2.41
C CYS B 277 21.89 -24.26 1.13
N ALA B 278 21.17 -24.82 0.15
CA ALA B 278 20.77 -24.12 -1.08
C ALA B 278 20.16 -22.73 -0.77
N GLN B 279 19.18 -22.63 0.12
CA GLN B 279 18.45 -21.37 0.43
C GLN B 279 19.38 -20.34 1.10
N ILE B 280 20.35 -20.77 1.89
CA ILE B 280 21.35 -19.86 2.52
C ILE B 280 22.14 -19.14 1.42
N GLU B 281 22.41 -19.86 0.33
CA GLU B 281 23.10 -19.32 -0.86
C GLU B 281 22.19 -18.30 -1.52
N MSE B 282 20.91 -18.65 -1.75
CA MSE B 282 19.87 -17.76 -2.37
C MSE B 282 19.85 -16.42 -1.60
O MSE B 282 19.84 -15.38 -2.24
CB MSE B 282 18.48 -18.43 -2.34
CG MSE B 282 17.63 -18.43 -3.57
SE MSE B 282 18.21 -17.18 -4.94
CE MSE B 282 17.27 -17.73 -6.62
N ALA B 283 19.88 -16.46 -0.26
CA ALA B 283 19.74 -15.28 0.61
C ALA B 283 21.04 -14.45 0.58
N ARG B 284 22.21 -15.10 0.52
CA ARG B 284 23.51 -14.39 0.44
C ARG B 284 23.71 -13.79 -0.95
N PHE B 285 23.12 -14.38 -2.00
CA PHE B 285 23.18 -13.91 -3.40
C PHE B 285 22.19 -12.75 -3.61
N SER B 286 21.20 -12.63 -2.72
CA SER B 286 20.31 -11.43 -2.61
C SER B 286 21.01 -10.36 -1.76
N ALA B 287 21.65 -10.74 -0.64
CA ALA B 287 22.50 -9.89 0.21
C ALA B 287 23.50 -9.13 -0.68
N GLN B 288 24.09 -10.72 -2.51
CA GLN B 288 25.00 -9.53 -2.53
C GLN B 288 24.67 -8.64 -3.75
N GLU B 289 23.41 -8.64 -4.21
CA GLU B 289 22.78 -7.73 -5.23
C GLU B 289 22.24 -6.45 -4.52
N ARG B 290 22.83 -6.12 -3.36
CA ARG B 290 22.55 -4.97 -2.45
C ARG B 290 23.91 -4.38 -2.02
N GLU B 291 24.59 -3.65 -2.93
CA GLU B 291 25.61 -2.57 -2.68
C GLU B 291 25.23 -1.75 -1.42
N LYS B 292 26.03 -1.74 -0.32
CA LYS B 292 25.61 -1.19 1.03
C LYS B 292 26.54 -0.10 1.60
N ALA B 293 26.04 1.14 1.84
CA ALA B 293 24.65 1.58 1.70
C ALA B 293 24.36 1.88 0.22
N ALA B 294 23.20 2.45 -0.17
CA ALA B 294 22.76 2.58 -1.59
C ALA B 294 22.77 4.03 -2.14
N ARG B 295 23.04 5.05 -1.31
CA ARG B 295 23.27 6.48 -1.69
C ARG B 295 24.21 7.16 -0.67
N ARG B 296 25.06 6.38 0.01
CA ARG B 296 25.76 6.64 1.30
C ARG B 296 25.50 8.06 1.87
N PRO B 297 25.77 9.21 1.18
CA PRO B 297 25.25 10.50 1.64
C PRO B 297 23.76 10.72 1.28
N LYS B 298 22.86 10.76 2.28
CA LYS B 298 21.51 11.37 2.13
C LYS B 298 21.73 12.86 1.82
N LEU B 299 22.88 13.43 2.21
CA LEU B 299 23.25 14.82 1.84
C LEU B 299 23.58 14.84 0.34
N ALA B 300 24.74 14.29 -0.06
CA ALA B 300 25.23 14.36 -1.46
C ALA B 300 24.08 14.11 -2.43
N ALA B 301 23.15 13.19 -2.07
CA ALA B 301 21.94 12.86 -2.87
C ALA B 301 21.12 14.13 -3.06
N ALA B 302 20.47 14.59 -1.97
CA ALA B 302 19.63 15.81 -1.90
C ALA B 302 20.35 17.01 -2.54
N LEU B 303 21.68 17.12 -2.37
CA LEU B 303 22.44 18.30 -2.86
C LEU B 303 22.52 18.30 -4.39
N GLU B 304 22.67 17.11 -5.00
CA GLU B 304 22.63 16.93 -6.49
C GLU B 304 21.21 17.18 -7.00
N HIS B 305 20.22 16.45 -6.46
CA HIS B 305 18.76 16.60 -6.72
C HIS B 305 18.46 18.10 -6.85
N HIS B 306 19.12 18.96 -6.04
CA HIS B 306 19.33 20.40 -6.35
C HIS B 306 20.37 20.51 -7.48
N HIS B 307 20.06 21.22 -8.55
CA HIS B 307 20.91 21.49 -9.75
C HIS B 307 20.14 20.96 -10.97
N HIS B 308 18.88 21.44 -11.13
CA HIS B 308 17.82 20.87 -12.01
C HIS B 308 16.55 21.71 -11.83
N MSE C 1 -5.40 -10.03 35.57
CA MSE C 1 -4.58 -8.82 35.31
C MSE C 1 -4.67 -8.43 33.83
O MSE C 1 -4.58 -9.31 33.02
CB MSE C 1 -3.12 -9.05 35.74
CG MSE C 1 -2.33 -7.79 35.76
SE MSE C 1 -3.14 -6.52 37.03
CE MSE C 1 -3.60 -4.93 36.01
N ARG C 2 -4.77 -7.14 33.52
CA ARG C 2 -4.60 -6.55 32.16
C ARG C 2 -3.22 -5.87 32.09
N TYR C 3 -2.67 -5.71 30.90
CA TYR C 3 -1.34 -5.11 30.69
C TYR C 3 -1.46 -3.98 29.68
N ARG C 4 -0.54 -3.04 29.72
CA ARG C 4 -0.67 -1.78 28.96
C ARG C 4 0.72 -1.31 28.60
N PRO C 5 0.85 -0.73 27.40
CA PRO C 5 2.12 -0.19 26.95
C PRO C 5 2.53 0.91 27.90
N PHE C 6 3.78 0.87 28.37
CA PHE C 6 4.37 1.92 29.23
C PHE C 6 4.92 2.98 28.27
N GLY C 7 4.09 3.91 27.77
CA GLY C 7 4.08 4.40 26.36
C GLY C 7 5.44 4.67 25.75
N SER C 8 5.78 4.08 24.59
CA SER C 8 7.02 4.30 23.78
C SER C 8 8.08 3.24 24.14
N THR C 9 8.20 2.84 25.40
CA THR C 9 9.23 1.85 25.84
C THR C 9 9.13 0.60 24.96
N GLY C 10 7.94 0.19 24.54
CA GLY C 10 7.69 -1.15 23.99
C GLY C 10 7.66 -2.20 25.09
N VAL C 11 7.59 -1.79 26.35
CA VAL C 11 7.38 -2.74 27.49
C VAL C 11 5.93 -2.67 27.91
N ALA C 12 5.38 -3.82 28.31
CA ALA C 12 4.00 -3.93 28.83
C ALA C 12 4.11 -3.95 30.34
N VAL C 13 3.33 -3.16 31.06
CA VAL C 13 3.27 -3.26 32.55
C VAL C 13 1.86 -3.67 32.95
N SER C 14 1.73 -4.41 34.04
CA SER C 14 0.44 -4.61 34.75
C SER C 14 -0.23 -3.26 35.03
N ALA C 15 -1.54 -3.17 34.86
CA ALA C 15 -2.31 -1.95 35.18
C ALA C 15 -2.22 -1.64 36.69
N LEU C 16 -1.87 -2.60 37.53
CA LEU C 16 -1.41 -2.29 38.92
C LEU C 16 0.11 -2.35 38.99
N THR C 17 0.71 -1.34 39.60
CA THR C 17 2.13 -1.31 40.02
C THR C 17 2.15 -1.39 41.56
N LEU C 18 2.79 -2.40 42.13
CA LEU C 18 2.85 -2.53 43.60
C LEU C 18 4.04 -1.70 44.14
N ARG C 19 3.77 -0.81 45.07
CA ARG C 19 4.80 -0.06 45.81
C ARG C 19 5.20 -0.84 47.06
N LEU C 20 6.49 -1.03 47.28
CA LEU C 20 7.11 -1.65 48.49
C LEU C 20 7.87 -0.54 49.23
N ALA C 21 7.60 -0.35 50.51
CA ALA C 21 8.13 0.80 51.25
C ALA C 21 8.54 0.34 52.63
N ASP C 22 9.54 0.98 53.25
CA ASP C 22 9.98 0.64 54.63
C ASP C 22 8.73 0.52 55.52
N ASN C 23 8.69 -0.50 56.37
CA ASN C 23 7.60 -0.74 57.34
C ASN C 23 8.18 -1.61 58.45
N PRO C 24 8.39 -1.05 59.66
CA PRO C 24 9.21 -1.73 60.69
C PRO C 24 8.62 -3.06 61.19
N ARG C 25 7.31 -3.30 60.98
CA ARG C 25 6.60 -4.54 61.42
C ARG C 25 6.92 -5.73 60.50
N LEU C 26 7.52 -5.51 59.30
CA LEU C 26 7.81 -6.56 58.28
C LEU C 26 9.30 -6.96 58.34
N ARG C 27 9.59 -8.24 58.07
CA ARG C 27 10.95 -8.81 57.88
C ARG C 27 11.13 -9.16 56.40
N ALA C 28 12.35 -9.61 56.04
CA ALA C 28 12.66 -10.14 54.70
C ALA C 28 11.53 -11.06 54.21
N ASN C 29 11.19 -12.13 54.95
CA ASN C 29 10.23 -13.18 54.48
C ASN C 29 8.91 -12.56 54.09
N ASP C 30 8.50 -11.49 54.78
CA ASP C 30 7.18 -10.82 54.54
C ASP C 30 7.22 -10.11 53.18
N TRP C 31 8.23 -9.27 52.96
CA TRP C 31 8.47 -8.61 51.65
C TRP C 31 8.55 -9.66 50.54
N ARG C 32 9.31 -10.74 50.78
CA ARG C 32 9.42 -11.87 49.81
C ARG C 32 8.02 -12.40 49.47
N ALA C 33 7.18 -12.69 50.46
CA ALA C 33 5.84 -13.27 50.24
C ALA C 33 4.89 -12.23 49.61
N LEU C 34 5.12 -10.96 49.94
CA LEU C 34 4.28 -9.86 49.42
C LEU C 34 4.41 -9.83 47.90
N VAL C 35 5.65 -9.87 47.44
CA VAL C 35 6.00 -9.89 45.99
C VAL C 35 5.56 -11.22 45.38
N PHE C 36 5.69 -12.36 46.07
CA PHE C 36 5.25 -13.67 45.48
C PHE C 36 3.74 -13.62 45.22
N THR C 37 2.98 -12.99 46.11
CA THR C 37 1.51 -12.94 45.96
C THR C 37 1.17 -12.01 44.79
N ALA C 38 1.88 -10.87 44.70
CA ALA C 38 1.72 -9.94 43.58
C ALA C 38 2.00 -10.70 42.29
N LEU C 39 3.12 -11.42 42.26
CA LEU C 39 3.57 -12.12 41.04
C LEU C 39 2.48 -13.12 40.66
N GLU C 40 1.91 -13.83 41.64
CA GLU C 40 0.89 -14.88 41.39
C GLU C 40 -0.39 -14.22 40.85
N ASN C 41 -0.70 -12.98 41.24
CA ASN C 41 -1.93 -12.32 40.75
C ASN C 41 -1.63 -11.54 39.47
N GLY C 42 -0.45 -11.75 38.88
CA GLY C 42 -0.15 -11.25 37.53
C GLY C 42 0.46 -9.86 37.52
N VAL C 43 0.79 -9.32 38.70
CA VAL C 43 1.46 -8.00 38.80
C VAL C 43 2.91 -8.22 38.42
N ASN C 44 3.42 -7.44 37.48
CA ASN C 44 4.84 -7.55 37.06
C ASN C 44 5.59 -6.23 37.22
N SER C 45 4.95 -5.16 37.71
CA SER C 45 5.55 -3.82 37.88
C SER C 45 5.65 -3.51 39.37
N PHE C 46 6.83 -3.14 39.85
CA PHE C 46 7.08 -2.88 41.29
C PHE C 46 7.85 -1.59 41.43
N GLN C 47 7.59 -0.87 42.50
CA GLN C 47 8.25 0.41 42.85
C GLN C 47 8.82 0.20 44.24
N ILE C 48 10.13 0.23 44.38
CA ILE C 48 10.80 0.15 45.71
C ILE C 48 10.96 1.58 46.21
N ASP C 49 10.34 1.91 47.34
CA ASP C 49 10.31 3.24 47.99
C ASP C 49 10.81 3.07 49.41
N GLY C 50 12.12 2.81 49.55
CA GLY C 50 12.78 2.61 50.85
C GLY C 50 14.13 1.91 50.66
N ASP C 51 14.97 1.88 51.69
CA ASP C 51 16.29 1.20 51.62
C ASP C 51 16.54 0.30 52.83
N ALA C 52 15.52 -0.02 53.63
CA ALA C 52 15.70 -0.90 54.80
C ALA C 52 16.35 -2.21 54.33
N PRO C 53 17.50 -2.62 54.91
CA PRO C 53 18.19 -3.83 54.46
C PRO C 53 17.25 -5.03 54.30
N GLU C 54 16.31 -5.18 55.24
CA GLU C 54 15.31 -6.28 55.27
C GLU C 54 14.46 -6.24 54.00
N LEU C 55 14.05 -5.05 53.55
CA LEU C 55 13.17 -4.83 52.35
C LEU C 55 13.94 -5.23 51.08
N LEU C 56 15.18 -4.77 50.96
CA LEU C 56 16.00 -5.05 49.77
C LEU C 56 16.31 -6.55 49.73
N LYS C 57 16.56 -7.21 50.87
CA LYS C 57 16.83 -8.67 50.87
C LYS C 57 15.58 -9.37 50.34
N GLY C 58 14.43 -9.07 50.90
CA GLY C 58 13.19 -9.80 50.63
C GLY C 58 12.69 -9.59 49.21
N ALA C 59 12.61 -8.31 48.81
CA ALA C 59 12.19 -7.92 47.44
C ALA C 59 13.20 -8.53 46.44
N GLY C 60 14.48 -8.41 46.76
CA GLY C 60 15.58 -8.95 45.95
C GLY C 60 15.34 -10.41 45.65
N GLU C 61 15.18 -11.25 46.70
CA GLU C 61 14.97 -12.71 46.55
C GLU C 61 13.78 -12.92 45.60
N ALA C 62 12.65 -12.26 45.84
CA ALA C 62 11.41 -12.59 45.11
C ALA C 62 11.57 -12.24 43.62
N PHE C 63 12.18 -11.11 43.31
CA PHE C 63 12.45 -10.65 41.91
C PHE C 63 13.30 -11.71 41.21
N ALA C 64 14.30 -12.23 41.91
CA ALA C 64 15.21 -13.26 41.39
C ALA C 64 14.42 -14.52 41.01
N SER C 65 13.27 -14.80 41.63
CA SER C 65 12.46 -16.00 41.37
C SER C 65 12.05 -16.04 39.89
N VAL C 66 11.97 -14.91 39.19
CA VAL C 66 11.57 -14.95 37.76
C VAL C 66 12.63 -14.22 36.92
N GLU C 67 12.52 -14.42 35.61
CA GLU C 67 13.48 -13.85 34.63
C GLU C 67 13.33 -12.32 34.61
N ARG C 68 14.42 -11.61 34.84
CA ARG C 68 14.46 -10.12 34.96
C ARG C 68 13.61 -9.43 33.90
N HIS C 69 13.61 -9.90 32.67
CA HIS C 69 12.97 -9.17 31.55
C HIS C 69 11.44 -9.28 31.65
N LEU C 70 10.90 -10.07 32.58
CA LEU C 70 9.43 -10.16 32.82
C LEU C 70 8.97 -9.11 33.85
N LEU C 71 9.91 -8.35 34.41
CA LEU C 71 9.61 -7.39 35.49
C LEU C 71 9.87 -5.97 34.98
N PHE C 72 9.08 -5.03 35.47
CA PHE C 72 9.35 -3.59 35.39
C PHE C 72 9.68 -3.11 36.81
N LEU C 73 10.93 -2.75 37.07
CA LEU C 73 11.33 -2.36 38.42
C LEU C 73 11.66 -0.89 38.40
N THR C 74 10.91 -0.13 39.18
CA THR C 74 11.14 1.32 39.41
C THR C 74 11.79 1.52 40.77
N TRP C 75 12.82 2.35 40.83
CA TRP C 75 13.41 2.78 42.11
C TRP C 75 12.99 4.22 42.39
N ARG C 76 12.33 4.42 43.50
CA ARG C 76 11.87 5.76 43.91
C ARG C 76 13.01 6.45 44.63
N LEU C 77 13.38 7.64 44.20
CA LEU C 77 14.55 8.35 44.76
C LEU C 77 14.08 9.72 45.23
N ARG C 78 14.01 9.88 46.55
CA ARG C 78 13.46 11.09 47.18
C ARG C 78 14.60 12.07 47.44
N GLY C 79 14.26 13.20 48.03
CA GLY C 79 15.22 14.31 48.24
C GLY C 79 15.04 15.38 47.19
N ASP C 80 15.35 16.61 47.59
CA ASP C 80 15.46 17.75 46.64
C ASP C 80 16.34 17.22 45.50
N ALA C 81 15.78 17.19 44.30
CA ALA C 81 16.40 16.74 43.05
C ALA C 81 17.56 17.66 42.69
N LYS C 82 17.50 18.94 43.10
CA LYS C 82 18.55 19.93 42.78
C LYS C 82 19.83 19.63 43.55
N GLN C 83 19.81 18.76 44.58
CA GLN C 83 21.01 18.46 45.43
C GLN C 83 21.59 17.07 45.13
N LEU C 84 21.01 16.33 44.18
CA LEU C 84 21.52 15.03 43.70
C LEU C 84 22.87 15.26 42.98
N GLY C 85 23.76 14.27 43.12
CA GLY C 85 25.14 14.31 42.65
C GLY C 85 25.76 12.93 42.70
N PRO C 86 27.09 12.83 42.49
CA PRO C 86 27.79 11.53 42.54
C PRO C 86 27.52 10.65 43.78
N HIS C 87 27.39 11.26 44.97
CA HIS C 87 27.01 10.56 46.23
C HIS C 87 25.71 9.78 45.99
N THR C 88 24.76 10.37 45.26
CA THR C 88 23.47 9.76 44.94
C THR C 88 23.70 8.49 44.17
N LEU C 89 24.58 8.54 43.18
CA LEU C 89 24.82 7.38 42.29
C LEU C 89 25.53 6.27 43.08
N ASP C 90 26.31 6.63 44.09
CA ASP C 90 27.02 5.65 44.98
C ASP C 90 25.96 4.91 45.82
N ALA C 91 25.09 5.68 46.50
CA ALA C 91 23.92 5.19 47.28
C ALA C 91 23.06 4.27 46.40
N LEU C 92 22.93 4.64 45.13
CA LEU C 92 22.11 3.92 44.16
C LEU C 92 22.78 2.59 43.81
N LYS C 93 24.09 2.54 43.62
CA LYS C 93 24.84 1.29 43.34
C LYS C 93 24.67 0.37 44.54
N ARG C 94 24.67 0.91 45.76
CA ARG C 94 24.65 0.09 46.99
C ARG C 94 23.25 -0.52 47.15
N SER C 95 22.22 0.33 47.19
CA SER C 95 20.84 -0.05 47.56
C SER C 95 20.12 -0.69 46.38
N ALA C 96 20.05 0.00 45.25
CA ALA C 96 19.17 -0.41 44.13
C ALA C 96 19.81 -1.56 43.35
N PHE C 97 21.13 -1.53 43.12
CA PHE C 97 21.80 -2.50 42.23
C PHE C 97 22.30 -3.69 43.06
N GLU C 98 23.16 -3.43 44.05
CA GLU C 98 23.71 -4.50 44.95
C GLU C 98 22.60 -4.99 45.88
N GLY C 99 21.95 -4.11 46.64
CA GLY C 99 20.83 -4.46 47.55
C GLY C 99 19.77 -5.36 46.89
N LEU C 100 19.27 -5.01 45.69
CA LEU C 100 18.18 -5.77 45.02
C LEU C 100 18.75 -6.83 44.08
N SER C 101 20.08 -6.90 43.90
CA SER C 101 20.76 -7.88 42.99
C SER C 101 20.27 -7.72 41.54
N LEU C 102 20.39 -6.51 41.04
CA LEU C 102 19.91 -6.05 39.70
C LEU C 102 21.12 -5.49 38.94
N ASP C 103 21.08 -5.53 37.62
CA ASP C 103 22.13 -4.85 36.84
C ASP C 103 21.50 -3.75 35.97
N TYR C 104 20.19 -3.62 35.96
CA TYR C 104 19.51 -2.45 35.36
C TYR C 104 18.24 -2.15 36.16
N LEU C 105 17.87 -0.86 36.17
CA LEU C 105 16.56 -0.40 36.59
C LEU C 105 15.74 -0.06 35.35
N ASP C 106 14.47 -0.43 35.28
CA ASP C 106 13.59 0.01 34.17
C ASP C 106 13.36 1.51 34.30
N LEU C 107 13.27 2.04 35.53
CA LEU C 107 12.90 3.46 35.75
C LEU C 107 13.43 3.92 37.08
N LEU C 108 14.02 5.11 37.11
CA LEU C 108 14.42 5.82 38.32
C LEU C 108 13.46 6.99 38.46
N LEU C 109 12.66 7.07 39.52
CA LEU C 109 11.59 8.11 39.63
C LEU C 109 12.01 9.10 40.70
N ILE C 110 12.34 10.32 40.32
CA ILE C 110 12.78 11.41 41.27
C ILE C 110 11.65 12.36 41.59
N ASN C 111 11.88 13.25 42.53
CA ASN C 111 10.92 14.36 42.78
C ASN C 111 11.12 15.45 41.72
N ASP C 112 10.02 16.05 41.28
CA ASP C 112 10.07 17.28 40.47
C ASP C 112 11.04 18.23 41.11
N PRO C 113 12.13 18.62 40.42
CA PRO C 113 13.01 19.67 40.93
C PRO C 113 12.52 21.12 40.72
N GLN C 114 11.37 21.32 40.07
CA GLN C 114 10.75 22.66 39.78
C GLN C 114 11.82 23.54 39.17
N SER C 115 12.27 23.14 37.98
CA SER C 115 13.47 23.64 37.27
C SER C 115 13.50 22.95 35.90
N ALA C 116 14.01 23.59 34.87
CA ALA C 116 14.21 22.95 33.54
C ALA C 116 15.41 21.99 33.62
N SER C 117 16.24 22.14 34.64
CA SER C 117 17.58 21.51 34.73
C SER C 117 17.62 20.45 35.85
N LEU C 118 18.42 19.41 35.58
CA LEU C 118 18.98 18.53 36.60
C LEU C 118 20.42 18.97 36.84
N PRO C 119 21.01 18.68 38.00
CA PRO C 119 22.43 18.96 38.23
C PRO C 119 23.37 18.27 37.22
N MSE C 120 24.35 19.02 36.69
CA MSE C 120 25.34 18.58 35.67
C MSE C 120 25.80 17.15 35.98
O MSE C 120 25.62 16.29 35.11
CB MSE C 120 26.55 19.49 35.68
CG MSE C 120 27.64 19.10 34.69
SE MSE C 120 28.12 20.77 33.93
CE MSE C 120 26.56 20.45 32.77
N ALA C 121 26.42 16.92 37.13
CA ALA C 121 27.19 15.68 37.45
C ALA C 121 26.21 14.51 37.53
N PHE C 122 25.05 14.73 38.15
CA PHE C 122 23.98 13.74 38.27
C PHE C 122 23.50 13.30 36.87
N GLU C 123 23.15 14.25 36.00
CA GLU C 123 22.64 13.98 34.63
C GLU C 123 23.68 13.20 33.86
N SER C 124 24.96 13.56 34.01
CA SER C 124 26.12 12.90 33.37
C SER C 124 26.09 11.44 33.76
N GLY C 125 25.98 11.18 35.08
CA GLY C 125 25.99 9.84 35.69
C GLY C 125 24.84 9.03 35.15
N LEU C 126 23.65 9.64 34.97
CA LEU C 126 22.46 8.94 34.47
C LEU C 126 22.75 8.55 33.04
N GLN C 127 23.28 9.50 32.28
CA GLN C 127 23.61 9.29 30.84
C GLN C 127 24.59 8.11 30.73
N ASP C 128 25.59 8.05 31.63
CA ASP C 128 26.58 6.93 31.70
C ASP C 128 25.84 5.63 32.04
N LEU C 129 24.99 5.60 33.09
CA LEU C 129 24.19 4.41 33.46
C LEU C 129 23.37 3.91 32.25
N GLN C 130 22.85 4.82 31.43
CA GLN C 130 22.05 4.42 30.25
C GLN C 130 22.98 3.85 29.17
N LYS C 131 24.07 4.55 28.85
CA LYS C 131 25.07 4.05 27.88
C LYS C 131 25.49 2.62 28.30
N GLY C 132 25.59 2.35 29.62
CA GLY C 132 26.01 1.04 30.14
C GLY C 132 24.84 0.11 30.40
N ARG C 133 23.67 0.38 29.85
CA ARG C 133 22.47 -0.49 29.91
C ARG C 133 21.98 -0.76 31.33
N ALA C 134 22.14 0.15 32.26
CA ALA C 134 21.77 -0.02 33.68
C ALA C 134 20.51 0.80 34.05
N LEU C 135 20.06 1.72 33.20
CA LEU C 135 18.89 2.60 33.48
C LEU C 135 18.10 2.90 32.20
N ARG C 136 16.90 2.37 32.06
CA ARG C 136 16.12 2.50 30.81
C ARG C 136 15.39 3.83 30.72
N GLY C 137 15.14 4.54 31.82
CA GLY C 137 14.37 5.83 31.78
C GLY C 137 14.39 6.55 33.09
N LEU C 138 14.23 7.87 33.10
CA LEU C 138 14.10 8.72 34.32
C LEU C 138 12.63 9.13 34.35
N GLY C 139 11.98 9.04 35.49
CA GLY C 139 10.61 9.55 35.67
C GLY C 139 10.59 10.73 36.66
N VAL C 140 9.61 11.61 36.56
CA VAL C 140 9.46 12.73 37.53
C VAL C 140 8.08 12.64 38.19
N ALA C 141 8.06 12.70 39.50
CA ALA C 141 6.81 12.75 40.30
C ALA C 141 6.46 14.20 40.63
N SER C 142 5.22 14.57 40.47
CA SER C 142 4.79 15.98 40.66
C SER C 142 3.36 16.02 41.13
N ARG C 143 2.98 17.16 41.71
CA ARG C 143 1.59 17.49 42.07
C ARG C 143 1.26 18.82 41.36
N GLY C 144 2.22 19.35 40.60
CA GLY C 144 2.08 20.58 39.78
C GLY C 144 2.59 20.42 38.35
N ASP C 145 2.79 21.54 37.63
CA ASP C 145 3.20 21.57 36.21
C ASP C 145 4.69 21.30 36.15
N ILE C 146 5.15 20.24 35.46
CA ILE C 146 6.62 20.04 35.33
C ILE C 146 7.14 21.01 34.28
N ASP C 147 8.29 21.63 34.52
CA ASP C 147 8.90 22.57 33.56
C ASP C 147 9.05 21.79 32.26
N PRO C 148 8.61 22.36 31.11
CA PRO C 148 8.68 21.65 29.84
C PRO C 148 10.13 21.36 29.38
N GLY C 149 11.09 22.13 29.89
CA GLY C 149 12.52 21.98 29.59
C GLY C 149 13.03 20.66 30.12
N LEU C 150 12.47 20.23 31.24
CA LEU C 150 12.84 18.97 31.91
C LEU C 150 12.18 17.83 31.16
N LEU C 151 10.90 17.93 30.80
CA LEU C 151 10.19 16.84 30.07
C LEU C 151 10.86 16.60 28.72
N ALA C 152 11.37 17.65 28.09
CA ALA C 152 12.06 17.56 26.80
C ALA C 152 13.41 16.85 26.96
N ASN C 153 14.00 16.84 28.16
CA ASN C 153 15.24 16.03 28.41
C ASN C 153 14.98 14.57 27.93
N ASP C 154 15.96 14.07 27.18
CA ASP C 154 15.90 12.73 26.53
C ASP C 154 15.71 11.64 27.59
N LEU C 155 16.35 11.81 28.74
CA LEU C 155 16.30 10.84 29.88
C LEU C 155 14.87 10.70 30.40
N VAL C 156 14.03 11.71 30.30
CA VAL C 156 12.71 11.68 30.98
C VAL C 156 11.67 11.02 30.06
N THR C 157 11.25 9.82 30.47
CA THR C 157 10.28 9.00 29.72
C THR C 157 8.96 8.87 30.49
N ALA C 158 8.85 9.33 31.73
CA ALA C 158 7.60 9.06 32.48
C ALA C 158 7.32 10.14 33.52
N VAL C 159 6.07 10.24 33.94
CA VAL C 159 5.65 11.16 35.02
C VAL C 159 4.74 10.39 35.95
N SER C 160 4.75 10.73 37.21
CA SER C 160 3.92 10.11 38.25
C SER C 160 3.17 11.26 38.87
N SER C 161 1.86 11.17 38.93
CA SER C 161 1.01 12.30 39.33
C SER C 161 -0.28 11.74 39.92
N PRO C 162 -0.94 12.44 40.86
CA PRO C 162 -2.09 11.85 41.51
C PRO C 162 -3.23 11.94 40.50
N TYR C 163 -4.03 10.88 40.41
CA TYR C 163 -5.34 10.88 39.72
C TYR C 163 -6.31 10.00 40.50
N ASN C 164 -7.51 10.53 40.81
CA ASN C 164 -8.62 9.91 41.59
C ASN C 164 -9.92 10.68 41.31
N LEU C 165 -11.09 10.22 41.83
CA LEU C 165 -12.36 10.84 41.41
C LEU C 165 -12.55 12.23 42.01
N SER C 166 -11.58 12.72 42.76
CA SER C 166 -11.50 14.13 43.25
C SER C 166 -10.88 14.99 42.15
N SER C 167 -10.24 14.42 41.13
CA SER C 167 -9.13 15.16 40.48
C SER C 167 -9.75 16.37 39.77
N GLY C 168 -9.12 17.55 39.98
CA GLY C 168 -9.48 18.85 39.38
C GLY C 168 -9.35 18.82 37.87
N TRP C 169 -9.48 19.97 37.21
CA TRP C 169 -9.30 20.10 35.73
C TRP C 169 -7.80 20.11 35.47
N ALA C 170 -7.02 21.00 36.10
CA ALA C 170 -5.59 21.25 35.76
C ALA C 170 -4.82 19.93 35.79
N GLU C 171 -5.19 19.05 36.70
CA GLU C 171 -4.62 17.69 36.92
C GLU C 171 -4.98 16.79 35.73
N ARG C 172 -6.27 16.58 35.51
CA ARG C 172 -6.83 15.74 34.43
C ARG C 172 -6.16 16.05 33.09
N HIS C 173 -5.87 17.34 32.88
CA HIS C 173 -5.27 17.91 31.65
C HIS C 173 -3.77 17.63 31.62
N ARG C 174 -3.05 17.90 32.71
CA ARG C 174 -1.58 17.64 32.83
C ARG C 174 -1.30 16.19 32.40
N ILE C 175 -2.08 15.21 32.86
CA ILE C 175 -1.71 13.79 32.59
C ILE C 175 -2.14 13.40 31.17
N ARG C 176 -3.25 13.92 30.66
CA ARG C 176 -3.59 13.57 29.25
C ARG C 176 -2.57 14.27 28.34
N GLN C 177 -2.15 15.49 28.64
CA GLN C 177 -1.15 16.28 27.86
C GLN C 177 0.14 15.47 27.80
N ALA C 178 0.59 14.98 28.95
CA ALA C 178 1.82 14.17 29.05
C ALA C 178 1.64 12.92 28.19
N SER C 179 0.57 12.19 28.38
CA SER C 179 0.33 10.90 27.69
C SER C 179 0.22 11.13 26.17
N GLN C 180 -0.34 12.23 25.73
CA GLN C 180 -0.47 12.48 24.27
C GLN C 180 0.90 12.90 23.75
N ASN C 181 1.82 13.37 24.58
CA ASN C 181 3.21 13.65 24.12
C ASN C 181 4.12 12.44 24.37
N ASN C 182 3.57 11.23 24.55
CA ASN C 182 4.31 9.93 24.60
C ASN C 182 5.12 9.79 25.90
N PHE C 183 4.65 10.38 26.97
CA PHE C 183 5.13 10.06 28.35
C PHE C 183 4.29 8.93 28.93
N ALA C 184 4.89 7.95 29.54
CA ALA C 184 4.20 7.00 30.43
C ALA C 184 3.71 7.85 31.59
N VAL C 185 2.53 7.56 32.12
CA VAL C 185 1.99 8.22 33.32
C VAL C 185 1.63 7.13 34.31
N ILE C 186 2.23 7.22 35.49
CA ILE C 186 1.90 6.38 36.66
C ILE C 186 0.93 7.20 37.49
N GLY C 187 -0.19 6.58 37.87
CA GLY C 187 -1.23 7.20 38.70
C GLY C 187 -1.01 6.95 40.17
N GLU C 188 -1.01 8.04 40.93
CA GLU C 188 -0.81 8.05 42.40
C GLU C 188 -2.13 8.39 43.10
N ASP C 189 -2.26 7.90 44.31
CA ASP C 189 -3.23 8.39 45.33
C ASP C 189 -4.66 8.13 44.84
N PHE C 190 -4.95 6.89 44.47
CA PHE C 190 -6.24 6.58 43.81
C PHE C 190 -7.35 6.70 44.85
N TRP C 191 -6.98 6.56 46.13
CA TRP C 191 -7.90 6.53 47.32
C TRP C 191 -7.44 7.64 48.25
N PRO C 192 -7.60 8.94 47.89
CA PRO C 192 -6.96 10.04 48.59
C PRO C 192 -7.55 10.35 49.97
N GLN C 193 -6.89 11.25 50.72
CA GLN C 193 -7.12 11.46 52.17
C GLN C 193 -8.49 12.07 52.37
N ALA C 194 -8.75 13.14 51.61
CA ALA C 194 -10.04 13.88 51.64
C ALA C 194 -11.19 12.85 51.70
N LEU C 195 -11.16 11.73 50.99
CA LEU C 195 -12.29 10.78 50.93
C LEU C 195 -12.12 9.61 51.89
N ARG C 196 -11.50 9.79 53.07
CA ARG C 196 -11.66 8.80 54.17
C ARG C 196 -12.13 9.57 55.43
N GLU C 197 -13.12 9.02 56.14
CA GLU C 197 -13.69 9.59 57.41
C GLU C 197 -14.15 8.42 58.31
N VAL C 198 -15.31 8.50 58.96
CA VAL C 198 -15.99 7.39 59.71
C VAL C 198 -16.63 6.43 58.70
N LYS C 206 -8.49 11.77 65.05
CA LYS C 206 -7.16 11.09 65.03
C LYS C 206 -6.10 12.13 64.59
N PRO C 207 -4.91 11.77 64.05
CA PRO C 207 -4.07 12.78 63.40
C PRO C 207 -4.66 13.20 62.03
N SER C 208 -4.05 12.76 60.93
CA SER C 208 -4.25 13.22 59.52
C SER C 208 -3.42 14.47 59.17
N PHE C 209 -2.37 14.32 58.37
CA PHE C 209 -1.48 15.41 57.87
C PHE C 209 -2.02 16.07 56.59
N TRP C 210 -1.81 17.38 56.48
CA TRP C 210 -2.23 18.23 55.34
C TRP C 210 -1.11 19.20 55.01
N GLN C 211 0.04 18.70 54.57
CA GLN C 211 1.28 19.50 54.32
C GLN C 211 1.46 19.73 52.81
N ARG C 212 0.53 19.32 51.95
CA ARG C 212 0.67 19.49 50.47
C ARG C 212 0.21 20.91 50.11
N ARG C 213 0.97 21.68 49.32
CA ARG C 213 0.55 22.96 48.71
C ARG C 213 -0.87 22.85 48.14
N THR C 214 -1.20 21.73 47.53
CA THR C 214 -2.52 21.52 46.86
C THR C 214 -3.61 21.18 47.88
N ASP C 215 -3.38 21.16 49.19
CA ASP C 215 -4.36 20.59 50.16
C ASP C 215 -5.48 21.59 50.47
N PRO C 216 -5.15 22.81 50.93
CA PRO C 216 -6.17 23.75 51.45
C PRO C 216 -7.32 24.02 50.45
N LEU C 217 -7.00 24.08 49.14
CA LEU C 217 -7.89 24.08 47.92
C LEU C 217 -8.71 22.77 47.77
N ALA C 218 -9.06 22.07 48.87
CA ALA C 218 -9.69 20.73 48.80
C ALA C 218 -10.37 20.39 50.13
N ASP C 219 -11.68 20.60 50.21
CA ASP C 219 -12.56 20.16 51.33
C ASP C 219 -12.97 18.72 51.03
N VAL C 220 -13.68 18.06 51.97
CA VAL C 220 -14.39 16.73 51.80
C VAL C 220 -15.92 16.87 51.89
N GLY C 221 -16.55 17.66 51.03
CA GLY C 221 -17.92 18.16 51.26
C GLY C 221 -18.97 17.12 50.90
N GLY C 222 -18.56 16.01 50.25
CA GLY C 222 -19.48 15.05 49.65
C GLY C 222 -18.86 13.67 49.61
N TYR C 223 -19.30 12.86 48.64
CA TYR C 223 -18.78 11.52 48.30
C TYR C 223 -19.29 10.44 49.26
N GLU C 224 -20.37 10.75 49.98
CA GLU C 224 -21.10 9.83 50.88
C GLU C 224 -21.39 8.49 50.18
N PHE C 225 -21.78 8.50 48.91
CA PHE C 225 -22.17 7.27 48.15
C PHE C 225 -21.03 6.22 48.24
N LEU C 226 -19.80 6.62 48.58
CA LEU C 226 -18.62 5.71 48.58
C LEU C 226 -18.84 4.60 49.60
N THR C 227 -19.56 4.92 50.67
CA THR C 227 -19.88 4.06 51.84
C THR C 227 -21.12 3.23 51.56
N ASN C 228 -22.10 3.80 50.84
CA ASN C 228 -23.51 3.29 50.72
C ASN C 228 -23.72 2.63 49.35
N THR C 229 -22.77 1.85 48.85
CA THR C 229 -22.83 1.20 47.51
C THR C 229 -22.76 -0.32 47.66
N PRO C 230 -23.88 -1.04 47.52
CA PRO C 230 -23.88 -2.49 47.72
C PRO C 230 -22.89 -3.25 46.84
N GLY C 231 -22.09 -4.12 47.47
CA GLY C 231 -21.13 -5.03 46.82
C GLY C 231 -19.73 -4.42 46.71
N TRP C 232 -19.53 -3.15 47.06
CA TRP C 232 -18.27 -2.38 46.79
C TRP C 232 -17.80 -1.61 48.04
N SER C 233 -16.53 -1.72 48.42
CA SER C 233 -15.81 -0.83 49.38
C SER C 233 -15.46 0.50 48.70
N ALA C 234 -15.29 1.56 49.47
CA ALA C 234 -14.84 2.89 48.99
C ALA C 234 -13.49 2.76 48.26
N GLU C 235 -12.55 2.03 48.83
CA GLU C 235 -11.21 1.81 48.18
C GLU C 235 -11.43 1.21 46.80
N ASP C 236 -12.21 0.13 46.71
CA ASP C 236 -12.45 -0.62 45.43
C ASP C 236 -13.07 0.31 44.37
N ILE C 237 -14.01 1.18 44.74
CA ILE C 237 -14.66 2.13 43.79
C ILE C 237 -13.59 3.07 43.27
N CYS C 238 -12.84 3.68 44.18
CA CYS C 238 -11.86 4.73 43.81
C CYS C 238 -10.83 4.23 42.79
N LEU C 239 -10.48 2.95 42.89
CA LEU C 239 -9.46 2.21 42.09
C LEU C 239 -10.06 1.86 40.75
N GLY C 240 -11.25 1.22 40.79
CA GLY C 240 -12.07 0.90 39.59
C GLY C 240 -12.13 2.12 38.70
N TYR C 241 -12.30 3.28 39.32
CA TYR C 241 -12.44 4.57 38.61
C TYR C 241 -11.09 4.98 38.00
N ALA C 242 -10.02 4.90 38.78
CA ALA C 242 -8.68 5.24 38.31
C ALA C 242 -8.29 4.33 37.15
N LEU C 243 -8.77 3.09 37.18
CA LEU C 243 -8.44 2.11 36.11
C LEU C 243 -9.13 2.45 34.80
N THR C 244 -10.10 3.37 34.76
CA THR C 244 -10.84 3.70 33.53
C THR C 244 -10.23 4.93 32.86
N GLU C 245 -9.35 5.63 33.55
CA GLU C 245 -8.66 6.78 32.96
C GLU C 245 -7.71 6.26 31.90
N PRO C 246 -7.96 6.51 30.62
CA PRO C 246 -7.14 5.96 29.57
C PRO C 246 -5.70 6.47 29.47
N SER C 247 -5.39 7.64 30.02
CA SER C 247 -4.04 8.27 29.86
C SER C 247 -3.01 7.66 30.82
N LEU C 248 -3.43 6.84 31.78
CA LEU C 248 -2.51 6.17 32.73
C LEU C 248 -1.94 4.89 32.12
N ALA C 249 -0.63 4.77 32.03
CA ALA C 249 0.03 3.47 31.80
C ALA C 249 -0.31 2.47 32.91
N THR C 250 -0.31 2.88 34.17
CA THR C 250 -0.50 1.98 35.33
C THR C 250 -0.85 2.81 36.55
N VAL C 251 -1.50 2.16 37.51
CA VAL C 251 -2.01 2.76 38.76
C VAL C 251 -1.19 2.21 39.91
N ARG C 252 -0.55 3.09 40.69
CA ARG C 252 0.28 2.63 41.81
C ARG C 252 -0.64 2.25 42.96
N VAL C 253 -0.39 1.13 43.61
CA VAL C 253 -1.06 0.77 44.88
C VAL C 253 -0.01 0.41 45.92
N THR C 254 -0.37 0.54 47.18
CA THR C 254 0.46 0.14 48.35
C THR C 254 -0.28 -0.96 49.12
N ALA C 255 0.37 -2.06 49.46
CA ALA C 255 -0.31 -3.14 50.18
C ALA C 255 0.62 -3.76 51.22
N ASP C 256 0.09 -4.11 52.39
CA ASP C 256 0.88 -4.68 53.52
C ASP C 256 0.71 -6.19 53.63
N ASN C 257 -0.36 -6.77 53.08
CA ASN C 257 -0.66 -8.21 53.27
C ASN C 257 -1.17 -8.83 51.99
N ARG C 258 -1.16 -10.16 51.92
CA ARG C 258 -1.62 -10.94 50.75
C ARG C 258 -3.05 -10.54 50.35
N GLN C 259 -3.99 -10.52 51.29
CA GLN C 259 -5.41 -10.43 50.90
C GLN C 259 -5.64 -9.03 50.31
N GLU C 260 -4.89 -8.01 50.74
CA GLU C 260 -4.99 -6.63 50.17
C GLU C 260 -4.59 -6.68 48.69
N ILE C 261 -3.50 -7.37 48.35
CA ILE C 261 -3.05 -7.53 46.94
C ILE C 261 -4.19 -8.16 46.14
N GLU C 262 -4.59 -9.40 46.54
CA GLU C 262 -5.65 -10.23 45.88
C GLU C 262 -6.89 -9.38 45.58
N ARG C 263 -7.37 -8.61 46.56
CA ARG C 263 -8.61 -7.79 46.45
C ARG C 263 -8.36 -6.69 45.41
N LEU C 264 -7.19 -6.04 45.45
CA LEU C 264 -6.86 -4.94 44.52
C LEU C 264 -6.78 -5.48 43.07
N ALA C 265 -6.22 -6.69 42.89
CA ALA C 265 -6.12 -7.36 41.58
C ALA C 265 -7.51 -7.68 41.03
N ALA C 266 -8.40 -8.26 41.86
CA ALA C 266 -9.83 -8.53 41.54
C ALA C 266 -10.44 -7.34 40.78
N VAL C 267 -10.20 -6.13 41.28
CA VAL C 267 -10.91 -4.90 40.83
C VAL C 267 -10.62 -4.63 39.34
N VAL C 268 -9.45 -5.04 38.86
CA VAL C 268 -9.00 -4.79 37.45
C VAL C 268 -10.01 -5.36 36.46
N GLU C 269 -10.70 -6.47 36.82
CA GLU C 269 -11.51 -7.28 35.90
C GLU C 269 -13.01 -6.98 36.09
N ARG C 270 -13.37 -6.17 37.07
CA ARG C 270 -14.76 -5.76 37.37
C ARG C 270 -15.06 -4.42 36.66
N ASP C 271 -16.32 -4.13 36.33
CA ASP C 271 -16.78 -2.84 35.76
C ASP C 271 -17.43 -2.01 36.88
N LEU C 272 -17.30 -0.68 36.86
CA LEU C 272 -18.00 0.16 37.85
C LEU C 272 -19.49 -0.14 37.79
N PRO C 273 -20.19 -0.21 38.94
CA PRO C 273 -21.62 -0.41 38.95
C PRO C 273 -22.34 0.71 38.18
N THR C 274 -23.64 0.44 38.06
CA THR C 274 -24.69 1.10 37.22
C THR C 274 -24.60 2.63 37.43
N GLY C 275 -24.84 3.08 38.67
CA GLY C 275 -25.24 4.48 38.95
C GLY C 275 -24.06 5.30 39.38
N VAL C 276 -22.90 4.66 39.54
CA VAL C 276 -21.76 5.22 40.29
C VAL C 276 -21.12 6.35 39.48
N CYS C 277 -20.89 6.10 38.20
CA CYS C 277 -20.23 7.05 37.28
C CYS C 277 -20.96 8.39 37.42
N ALA C 278 -22.28 8.36 37.26
CA ALA C 278 -23.16 9.53 37.44
C ALA C 278 -22.86 10.26 38.76
N GLN C 279 -22.82 9.56 39.90
CA GLN C 279 -22.65 10.16 41.25
C GLN C 279 -21.26 10.81 41.39
N ILE C 280 -20.24 10.24 40.77
CA ILE C 280 -18.85 10.81 40.79
C ILE C 280 -18.89 12.24 40.19
N GLU C 281 -19.71 12.39 39.14
CA GLU C 281 -19.84 13.66 38.41
C GLU C 281 -20.59 14.63 39.33
N MSE C 282 -21.70 14.20 39.95
CA MSE C 282 -22.54 15.03 40.86
C MSE C 282 -21.64 15.60 41.95
O MSE C 282 -21.76 16.79 42.25
CB MSE C 282 -23.73 14.27 41.45
CG MSE C 282 -25.09 15.01 41.28
SE MSE C 282 -24.97 16.93 40.59
CE MSE C 282 -26.47 17.57 39.43
N ALA C 283 -20.73 14.80 42.52
CA ALA C 283 -19.87 15.21 43.64
C ALA C 283 -18.81 16.23 43.20
N ARG C 284 -18.31 16.20 41.97
CA ARG C 284 -17.40 17.27 41.48
C ARG C 284 -18.12 18.56 41.07
N PHE C 285 -19.41 18.55 40.73
CA PHE C 285 -20.24 19.78 40.47
C PHE C 285 -20.70 20.36 41.82
N SER C 286 -20.58 19.58 42.91
CA SER C 286 -20.73 20.07 44.30
C SER C 286 -19.38 20.63 44.77
N ALA C 287 -18.25 19.98 44.47
CA ALA C 287 -16.88 20.54 44.62
C ALA C 287 -16.78 21.97 44.02
N GLN C 288 -17.40 22.20 42.86
CA GLN C 288 -17.33 23.46 42.09
C GLN C 288 -18.35 24.52 42.60
N GLU C 289 -19.46 24.14 43.27
CA GLU C 289 -20.45 25.05 43.92
C GLU C 289 -20.08 25.15 45.40
N ARG C 290 -18.52 25.27 45.66
CA ARG C 290 -17.85 25.55 46.96
C ARG C 290 -16.39 26.05 46.71
N GLU C 291 -16.24 27.29 46.18
CA GLU C 291 -15.16 28.29 46.48
C GLU C 291 -15.70 29.69 46.12
N MSE D 1 -40.58 13.98 35.80
CA MSE D 1 -39.65 15.04 35.44
C MSE D 1 -38.88 15.51 36.68
O MSE D 1 -39.54 15.67 37.75
CB MSE D 1 -40.41 16.25 34.91
CG MSE D 1 -39.55 17.31 34.25
SE MSE D 1 -38.51 16.46 32.77
CE MSE D 1 -36.67 16.71 33.20
N ARG D 2 -37.57 15.78 36.53
CA ARG D 2 -36.79 16.53 37.54
C ARG D 2 -36.55 17.97 37.06
N TYR D 3 -36.22 18.87 37.98
CA TYR D 3 -36.02 20.31 37.68
C TYR D 3 -34.67 20.73 38.23
N ARG D 4 -34.15 21.84 37.74
CA ARG D 4 -32.80 22.33 38.08
C ARG D 4 -32.83 23.84 38.05
N PRO D 5 -31.99 24.47 38.86
CA PRO D 5 -31.90 25.92 38.85
C PRO D 5 -31.33 26.33 37.50
N PHE D 6 -31.93 27.32 36.87
CA PHE D 6 -31.37 27.96 35.65
C PHE D 6 -30.40 29.04 36.12
N GLY D 7 -29.16 28.68 36.49
CA GLY D 7 -28.15 29.57 37.10
C GLY D 7 -28.68 30.40 38.27
N SER D 8 -28.41 31.71 38.30
CA SER D 8 -28.76 32.68 39.39
C SER D 8 -30.20 33.23 39.28
N THR D 9 -30.93 32.82 38.24
CA THR D 9 -32.31 33.34 37.96
C THR D 9 -33.17 33.13 39.19
N GLY D 10 -33.00 32.04 39.93
CA GLY D 10 -33.99 31.59 40.92
C GLY D 10 -35.21 30.96 40.24
N VAL D 11 -35.15 30.67 38.94
CA VAL D 11 -36.23 29.89 38.26
C VAL D 11 -35.75 28.45 38.09
N ALA D 12 -36.67 27.51 38.19
CA ALA D 12 -36.45 26.07 37.99
C ALA D 12 -36.83 25.74 36.56
N VAL D 13 -35.99 24.98 35.83
CA VAL D 13 -36.39 24.47 34.49
C VAL D 13 -36.38 22.94 34.55
N SER D 14 -37.31 22.32 33.83
CA SER D 14 -37.29 20.88 33.49
C SER D 14 -35.95 20.51 32.86
N ALA D 15 -35.40 19.37 33.23
CA ALA D 15 -34.15 18.85 32.64
C ALA D 15 -34.32 18.60 31.13
N LEU D 16 -35.54 18.45 30.63
CA LEU D 16 -35.80 18.55 29.17
C LEU D 16 -36.39 19.92 28.85
N THR D 17 -35.85 20.58 27.84
CA THR D 17 -36.42 21.79 27.22
C THR D 17 -36.93 21.36 25.84
N LEU D 18 -38.23 21.54 25.57
CA LEU D 18 -38.80 21.12 24.27
C LEU D 18 -38.61 22.27 23.28
N ARG D 19 -37.98 21.97 22.15
CA ARG D 19 -37.83 22.91 21.01
C ARG D 19 -39.03 22.74 20.08
N LEU D 20 -39.70 23.84 19.74
CA LEU D 20 -40.78 23.92 18.74
C LEU D 20 -40.21 24.68 17.54
N ALA D 21 -40.22 24.05 16.37
CA ALA D 21 -39.56 24.53 15.14
C ALA D 21 -40.52 24.30 13.98
N ASP D 22 -40.48 25.14 12.96
CA ASP D 22 -41.59 25.14 11.95
C ASP D 22 -41.73 23.72 11.39
N ASN D 23 -42.98 23.28 11.17
CA ASN D 23 -43.29 21.97 10.56
C ASN D 23 -44.64 22.06 9.88
N PRO D 24 -44.68 22.14 8.53
CA PRO D 24 -45.90 22.52 7.81
C PRO D 24 -47.06 21.51 7.94
N ARG D 25 -46.78 20.27 8.36
CA ARG D 25 -47.80 19.17 8.53
C ARG D 25 -48.62 19.37 9.81
N LEU D 26 -48.20 20.27 10.73
CA LEU D 26 -48.94 20.54 12.00
C LEU D 26 -49.80 21.80 11.87
N ARG D 27 -51.00 21.77 12.46
CA ARG D 27 -51.93 22.92 12.63
C ARG D 27 -51.84 23.44 14.07
N ALA D 28 -52.59 24.48 14.39
CA ALA D 28 -52.70 25.04 15.75
C ALA D 28 -53.01 23.90 16.73
N ASN D 29 -54.06 23.12 16.53
CA ASN D 29 -54.54 22.07 17.48
C ASN D 29 -53.40 21.10 17.80
N ASP D 30 -52.53 20.80 16.82
CA ASP D 30 -51.45 19.80 16.97
C ASP D 30 -50.37 20.39 17.89
N TRP D 31 -49.89 21.61 17.58
CA TRP D 31 -48.93 22.34 18.44
C TRP D 31 -49.50 22.48 19.85
N ARG D 32 -50.79 22.82 19.96
CA ARG D 32 -51.50 22.92 21.26
C ARG D 32 -51.36 21.58 21.99
N ALA D 33 -51.68 20.45 21.36
CA ALA D 33 -51.64 19.12 22.00
C ALA D 33 -50.19 18.68 22.25
N LEU D 34 -49.26 19.11 21.40
CA LEU D 34 -47.82 18.79 21.57
C LEU D 34 -47.35 19.34 22.91
N VAL D 35 -47.66 20.61 23.14
CA VAL D 35 -47.28 21.34 24.37
C VAL D 35 -48.14 20.82 25.53
N PHE D 36 -49.41 20.45 25.35
CA PHE D 36 -50.23 19.85 26.45
C PHE D 36 -49.57 18.55 26.91
N THR D 37 -49.04 17.77 26.00
CA THR D 37 -48.41 16.47 26.35
C THR D 37 -47.13 16.77 27.10
N ALA D 38 -46.35 17.73 26.63
CA ALA D 38 -45.11 18.17 27.30
C ALA D 38 -45.49 18.59 28.73
N LEU D 39 -46.49 19.46 28.83
CA LEU D 39 -46.91 20.05 30.12
C LEU D 39 -47.33 18.91 31.04
N GLU D 40 -48.07 17.91 30.54
CA GLU D 40 -48.57 16.79 31.38
C GLU D 40 -47.40 15.91 31.80
N ASN D 41 -46.32 15.84 31.01
CA ASN D 41 -45.16 15.00 31.41
C ASN D 41 -44.19 15.86 32.23
N GLY D 42 -44.60 17.07 32.63
CA GLY D 42 -43.87 17.89 33.60
C GLY D 42 -42.84 18.81 32.94
N VAL D 43 -42.79 18.89 31.62
CA VAL D 43 -41.87 19.82 30.90
C VAL D 43 -42.41 21.22 31.08
N ASN D 44 -41.60 22.14 31.57
CA ASN D 44 -42.04 23.56 31.74
C ASN D 44 -41.15 24.55 30.95
N SER D 45 -40.11 24.08 30.26
CA SER D 45 -39.16 24.94 29.51
C SER D 45 -39.36 24.68 28.02
N PHE D 46 -39.59 25.73 27.25
CA PHE D 46 -39.84 25.62 25.79
C PHE D 46 -38.93 26.62 25.09
N GLN D 47 -38.47 26.22 23.92
CA GLN D 47 -37.69 27.10 23.03
C GLN D 47 -38.43 27.18 21.69
N ILE D 48 -38.94 28.36 21.35
CA ILE D 48 -39.65 28.53 20.07
C ILE D 48 -38.60 28.93 19.04
N ASP D 49 -38.43 28.12 17.99
CA ASP D 49 -37.41 28.26 16.92
C ASP D 49 -38.16 28.24 15.59
N GLY D 50 -39.07 29.18 15.40
CA GLY D 50 -40.03 29.28 14.29
C GLY D 50 -41.05 30.39 14.50
N ASP D 51 -41.70 30.86 13.43
CA ASP D 51 -42.71 31.93 13.50
C ASP D 51 -43.92 31.58 12.64
N ALA D 52 -44.11 30.32 12.24
CA ALA D 52 -45.31 29.92 11.47
C ALA D 52 -46.55 30.32 12.29
N PRO D 53 -47.49 31.08 11.72
CA PRO D 53 -48.64 31.58 12.46
C PRO D 53 -49.36 30.47 13.24
N GLU D 54 -49.48 29.29 12.62
CA GLU D 54 -50.15 28.09 13.22
C GLU D 54 -49.43 27.70 14.51
N LEU D 55 -48.09 27.73 14.51
CA LEU D 55 -47.24 27.36 15.67
C LEU D 55 -47.43 28.35 16.84
N LEU D 56 -47.38 29.63 16.54
CA LEU D 56 -47.53 30.68 17.55
C LEU D 56 -48.94 30.59 18.14
N LYS D 57 -49.99 30.38 17.32
CA LYS D 57 -51.36 30.30 17.87
C LYS D 57 -51.41 29.11 18.84
N GLY D 58 -50.96 27.94 18.41
CA GLY D 58 -51.11 26.68 19.16
C GLY D 58 -50.30 26.67 20.44
N ALA D 59 -49.02 27.01 20.33
CA ALA D 59 -48.10 27.15 21.49
C ALA D 59 -48.67 28.20 22.45
N GLY D 60 -49.07 29.35 21.90
CA GLY D 60 -49.75 30.44 22.65
C GLY D 60 -50.87 29.91 23.55
N GLU D 61 -51.86 29.22 22.94
CA GLU D 61 -53.02 28.67 23.65
C GLU D 61 -52.52 27.76 24.77
N ALA D 62 -51.62 26.83 24.47
CA ALA D 62 -51.25 25.79 25.46
C ALA D 62 -50.55 26.42 26.67
N PHE D 63 -49.64 27.39 26.43
CA PHE D 63 -48.93 28.15 27.49
C PHE D 63 -49.97 28.82 28.40
N ALA D 64 -51.01 29.40 27.81
CA ALA D 64 -52.10 30.09 28.55
C ALA D 64 -52.82 29.11 29.49
N SER D 65 -52.83 27.80 29.20
CA SER D 65 -53.50 26.78 30.06
C SER D 65 -52.92 26.81 31.48
N VAL D 66 -51.68 27.27 31.67
CA VAL D 66 -51.10 27.32 33.05
C VAL D 66 -50.58 28.73 33.32
N GLU D 67 -50.23 28.99 34.57
CA GLU D 67 -49.76 30.30 35.02
C GLU D 67 -48.37 30.57 34.45
N ARG D 68 -48.22 31.69 33.75
CA ARG D 68 -46.96 32.17 33.11
C ARG D 68 -45.73 31.90 33.98
N HIS D 69 -45.79 32.12 35.26
CA HIS D 69 -44.59 32.10 36.12
C HIS D 69 -44.12 30.66 36.34
N LEU D 70 -44.87 29.66 35.89
CA LEU D 70 -44.47 28.23 35.96
C LEU D 70 -43.68 27.83 34.71
N LEU D 71 -43.56 28.74 33.73
CA LEU D 71 -42.96 28.43 32.41
C LEU D 71 -41.66 29.19 32.26
N PHE D 72 -40.70 28.56 31.59
CA PHE D 72 -39.48 29.22 31.09
C PHE D 72 -39.57 29.24 29.56
N LEU D 73 -39.76 30.41 28.97
CA LEU D 73 -39.99 30.50 27.51
C LEU D 73 -38.79 31.21 26.92
N THR D 74 -38.09 30.49 26.04
CA THR D 74 -36.93 31.02 25.31
C THR D 74 -37.34 31.24 23.87
N TRP D 75 -36.97 32.36 23.30
CA TRP D 75 -37.15 32.65 21.86
C TRP D 75 -35.81 32.59 21.16
N ARG D 76 -35.70 31.68 20.20
CA ARG D 76 -34.45 31.52 19.44
C ARG D 76 -34.46 32.53 18.30
N LEU D 77 -33.42 33.33 18.19
CA LEU D 77 -33.35 34.38 17.15
C LEU D 77 -32.05 34.17 16.35
N ARG D 78 -32.18 33.70 15.11
CA ARG D 78 -30.98 33.39 14.26
C ARG D 78 -30.59 34.61 13.43
N GLY D 79 -29.63 34.44 12.55
CA GLY D 79 -29.13 35.49 11.65
C GLY D 79 -27.79 35.96 12.10
N ASP D 80 -26.94 36.44 11.19
CA ASP D 80 -25.72 37.21 11.54
C ASP D 80 -26.18 38.23 12.58
N ALA D 81 -25.62 38.11 13.78
CA ALA D 81 -25.93 38.91 14.98
C ALA D 81 -25.48 40.36 14.75
N LYS D 82 -24.51 40.56 13.86
CA LYS D 82 -23.94 41.88 13.55
C LYS D 82 -24.96 42.73 12.77
N GLN D 83 -26.01 42.12 12.19
CA GLN D 83 -26.98 42.84 11.33
C GLN D 83 -28.35 42.98 12.03
N LEU D 84 -28.47 42.58 13.29
CA LEU D 84 -29.67 42.82 14.13
C LEU D 84 -29.81 44.34 14.36
N GLY D 85 -31.05 44.82 14.45
CA GLY D 85 -31.40 46.24 14.59
C GLY D 85 -32.87 46.40 14.97
N PRO D 86 -33.40 47.65 14.93
CA PRO D 86 -34.81 47.91 15.29
C PRO D 86 -35.87 47.00 14.60
N HIS D 87 -35.67 46.69 13.31
CA HIS D 87 -36.51 45.74 12.52
C HIS D 87 -36.61 44.40 13.27
N THR D 88 -35.52 43.95 13.87
CA THR D 88 -35.47 42.71 14.66
C THR D 88 -36.45 42.81 15.81
N LEU D 89 -36.44 43.94 16.51
CA LEU D 89 -37.28 44.12 17.71
C LEU D 89 -38.74 44.24 17.30
N ASP D 90 -39.01 44.74 16.08
CA ASP D 90 -40.39 44.83 15.53
C ASP D 90 -40.92 43.41 15.31
N ALA D 91 -40.15 42.59 14.58
CA ALA D 91 -40.42 41.15 14.34
C ALA D 91 -40.68 40.43 15.67
N LEU D 92 -39.90 40.82 16.68
CA LEU D 92 -39.95 40.17 18.00
C LEU D 92 -41.25 40.57 18.72
N LYS D 93 -41.70 41.84 18.63
CA LYS D 93 -42.97 42.28 19.24
C LYS D 93 -44.11 41.52 18.56
N ARG D 94 -44.00 41.29 17.24
CA ARG D 94 -45.09 40.67 16.43
C ARG D 94 -45.20 39.19 16.81
N SER D 95 -44.10 38.46 16.65
CA SER D 95 -44.06 36.98 16.73
C SER D 95 -44.04 36.53 18.18
N ALA D 96 -43.05 36.99 18.95
CA ALA D 96 -42.76 36.42 20.28
C ALA D 96 -43.77 36.95 21.30
N PHE D 97 -44.17 38.22 21.22
CA PHE D 97 -44.99 38.85 22.29
C PHE D 97 -46.46 38.76 21.92
N GLU D 98 -46.85 39.35 20.79
CA GLU D 98 -48.25 39.30 20.27
C GLU D 98 -48.57 37.86 19.84
N GLY D 99 -47.78 37.26 18.94
CA GLY D 99 -47.98 35.86 18.47
C GLY D 99 -48.18 34.86 19.60
N LEU D 100 -47.32 34.85 20.62
CA LEU D 100 -47.37 33.85 21.72
C LEU D 100 -48.24 34.35 22.88
N SER D 101 -48.74 35.60 22.83
CA SER D 101 -49.63 36.19 23.88
C SER D 101 -48.87 36.26 25.20
N LEU D 102 -47.69 36.87 25.19
CA LEU D 102 -46.74 36.95 26.30
C LEU D 102 -46.49 38.43 26.56
N ASP D 103 -46.11 38.79 27.79
CA ASP D 103 -45.62 40.18 28.01
C ASP D 103 -44.18 40.13 28.48
N TYR D 104 -43.60 38.97 28.73
CA TYR D 104 -42.14 38.83 28.91
C TYR D 104 -41.65 37.50 28.32
N LEU D 105 -40.41 37.49 27.87
CA LEU D 105 -39.65 36.27 27.56
C LEU D 105 -38.66 36.04 28.70
N ASP D 106 -38.49 34.79 29.13
CA ASP D 106 -37.45 34.44 30.13
C ASP D 106 -36.07 34.63 29.48
N LEU D 107 -35.93 34.31 28.20
CA LEU D 107 -34.61 34.33 27.53
C LEU D 107 -34.76 34.52 26.02
N LEU D 108 -33.92 35.37 25.47
CA LEU D 108 -33.76 35.57 24.02
C LEU D 108 -32.41 34.97 23.66
N LEU D 109 -32.35 33.94 22.81
CA LEU D 109 -31.09 33.21 22.55
C LEU D 109 -30.62 33.55 21.14
N ILE D 110 -29.53 34.32 21.03
CA ILE D 110 -28.97 34.75 19.70
C ILE D 110 -27.80 33.88 19.28
N ASN D 111 -27.34 34.07 18.06
CA ASN D 111 -26.06 33.44 17.61
C ASN D 111 -24.89 34.22 18.19
N ASP D 112 -23.84 33.50 18.56
CA ASP D 112 -22.54 34.14 18.84
C ASP D 112 -22.23 35.10 17.71
N PRO D 113 -22.07 36.40 17.99
CA PRO D 113 -21.60 37.35 16.99
C PRO D 113 -20.09 37.39 16.73
N GLN D 114 -19.31 36.57 17.45
CA GLN D 114 -17.83 36.47 17.31
C GLN D 114 -17.25 37.88 17.40
N SER D 115 -17.43 38.52 18.56
CA SER D 115 -17.24 39.98 18.80
C SER D 115 -17.52 40.27 20.27
N ALA D 116 -16.85 41.24 20.90
CA ALA D 116 -17.15 41.65 22.30
C ALA D 116 -18.47 42.43 22.33
N SER D 117 -18.92 42.92 21.16
CA SER D 117 -20.03 43.90 21.02
C SER D 117 -21.24 43.31 20.30
N LEU D 118 -22.40 43.88 20.60
CA LEU D 118 -23.65 43.79 19.81
C LEU D 118 -23.79 45.11 19.07
N PRO D 119 -24.55 45.21 17.98
CA PRO D 119 -24.93 46.51 17.40
C PRO D 119 -25.64 47.44 18.40
N MSE D 120 -25.22 48.71 18.42
CA MSE D 120 -25.70 49.80 19.30
C MSE D 120 -27.22 49.72 19.47
O MSE D 120 -27.67 49.59 20.60
CB MSE D 120 -25.37 51.14 18.65
CG MSE D 120 -25.54 52.32 19.55
SE MSE D 120 -23.72 53.08 19.67
CE MSE D 120 -22.52 51.51 19.96
N ALA D 121 -27.97 49.80 18.38
CA ALA D 121 -29.45 49.98 18.33
C ALA D 121 -30.14 48.79 18.97
N PHE D 122 -29.67 47.59 18.61
CA PHE D 122 -30.19 46.30 19.10
C PHE D 122 -30.00 46.24 20.63
N GLU D 123 -28.80 46.50 21.13
CA GLU D 123 -28.47 46.43 22.59
C GLU D 123 -29.37 47.42 23.33
N SER D 124 -29.56 48.60 22.77
CA SER D 124 -30.41 49.68 23.34
C SER D 124 -31.83 49.13 23.50
N GLY D 125 -32.34 48.48 22.45
CA GLY D 125 -33.69 47.92 22.41
C GLY D 125 -33.86 46.82 23.44
N LEU D 126 -32.83 46.00 23.64
CA LEU D 126 -32.86 44.91 24.64
C LEU D 126 -32.90 45.57 26.02
N GLN D 127 -32.07 46.58 26.21
CA GLN D 127 -32.03 47.36 27.48
C GLN D 127 -33.43 47.91 27.78
N ASP D 128 -34.12 48.45 26.77
CA ASP D 128 -35.50 48.97 26.89
C ASP D 128 -36.44 47.81 27.28
N LEU D 129 -36.42 46.68 26.56
CA LEU D 129 -37.25 45.48 26.88
C LEU D 129 -37.03 45.07 28.34
N GLN D 130 -35.80 45.16 28.85
CA GLN D 130 -35.51 44.75 30.25
C GLN D 130 -36.04 45.83 31.20
N LYS D 131 -35.78 47.10 30.94
CA LYS D 131 -36.35 48.24 31.71
C LYS D 131 -37.86 48.04 31.84
N GLY D 132 -38.52 47.51 30.80
CA GLY D 132 -39.97 47.26 30.81
C GLY D 132 -40.35 45.89 31.36
N ARG D 133 -39.43 45.14 31.95
CA ARG D 133 -39.65 43.76 32.47
C ARG D 133 -40.22 42.77 31.42
N ALA D 134 -39.78 42.87 30.17
CA ALA D 134 -40.27 42.05 29.04
C ALA D 134 -39.21 41.01 28.62
N LEU D 135 -37.96 41.17 29.09
CA LEU D 135 -36.87 40.22 28.74
C LEU D 135 -35.93 40.00 29.93
N ARG D 136 -35.93 38.82 30.52
CA ARG D 136 -35.16 38.53 31.76
C ARG D 136 -33.69 38.29 31.45
N GLY D 137 -33.31 37.91 30.24
CA GLY D 137 -31.91 37.58 29.96
C GLY D 137 -31.66 37.39 28.49
N LEU D 138 -30.41 37.63 28.06
CA LEU D 138 -29.91 37.33 26.70
C LEU D 138 -29.07 36.07 26.83
N GLY D 139 -29.26 35.10 25.96
CA GLY D 139 -28.37 33.93 25.87
C GLY D 139 -27.60 33.92 24.56
N VAL D 140 -26.45 33.27 24.51
CA VAL D 140 -25.62 33.17 23.27
C VAL D 140 -25.40 31.70 22.96
N ALA D 141 -25.65 31.29 21.73
CA ALA D 141 -25.34 29.93 21.26
C ALA D 141 -23.98 29.93 20.58
N SER D 142 -23.16 28.94 20.86
CA SER D 142 -21.77 28.87 20.33
C SER D 142 -21.31 27.44 20.34
N ARG D 143 -20.30 27.16 19.52
CA ARG D 143 -19.59 25.85 19.42
C ARG D 143 -18.12 26.14 19.69
N GLY D 144 -17.80 27.41 20.01
CA GLY D 144 -16.47 27.89 20.42
C GLY D 144 -16.52 28.73 21.69
N ASP D 145 -15.41 29.45 21.94
CA ASP D 145 -15.25 30.35 23.11
C ASP D 145 -15.93 31.66 22.75
N ILE D 146 -16.93 32.07 23.52
CA ILE D 146 -17.58 33.40 23.32
C ILE D 146 -16.61 34.47 23.85
N ASP D 147 -16.54 35.59 23.15
CA ASP D 147 -15.68 36.71 23.59
C ASP D 147 -16.02 37.03 25.03
N PRO D 148 -15.03 37.12 25.95
CA PRO D 148 -15.34 37.39 27.36
C PRO D 148 -15.94 38.79 27.60
N GLY D 149 -15.72 39.72 26.68
CA GLY D 149 -16.30 41.08 26.72
C GLY D 149 -17.81 41.02 26.62
N LEU D 150 -18.31 40.06 25.86
CA LEU D 150 -19.74 39.82 25.63
C LEU D 150 -20.30 39.14 26.88
N LEU D 151 -19.64 38.10 27.40
CA LEU D 151 -20.11 37.34 28.59
C LEU D 151 -20.23 38.28 29.78
N ALA D 152 -19.32 39.25 29.88
CA ALA D 152 -19.28 40.26 30.95
C ALA D 152 -20.48 41.21 30.82
N ASN D 153 -21.04 41.39 29.62
CA ASN D 153 -22.29 42.19 29.46
C ASN D 153 -23.36 41.67 30.46
N ASP D 154 -23.97 42.62 31.17
CA ASP D 154 -24.97 42.34 32.26
C ASP D 154 -26.15 41.59 31.65
N LEU D 155 -26.52 41.90 30.39
CA LEU D 155 -27.64 41.26 29.64
C LEU D 155 -27.42 39.75 29.55
N VAL D 156 -26.17 39.29 29.45
CA VAL D 156 -25.92 37.88 29.04
C VAL D 156 -25.90 37.00 30.27
N THR D 157 -26.94 36.16 30.41
CA THR D 157 -27.14 35.24 31.55
C THR D 157 -27.01 33.77 31.13
N ALA D 158 -26.90 33.44 29.86
CA ALA D 158 -26.92 32.01 29.50
C ALA D 158 -26.12 31.72 28.23
N VAL D 159 -25.70 30.47 28.08
CA VAL D 159 -25.02 30.00 26.84
C VAL D 159 -25.68 28.69 26.45
N SER D 160 -25.71 28.42 25.17
CA SER D 160 -26.23 27.17 24.59
C SER D 160 -25.09 26.59 23.78
N SER D 161 -24.76 25.33 24.00
CA SER D 161 -23.63 24.67 23.35
C SER D 161 -23.94 23.20 23.22
N PRO D 162 -23.36 22.47 22.24
CA PRO D 162 -23.69 21.07 22.07
C PRO D 162 -22.96 20.33 23.18
N TYR D 163 -23.60 19.33 23.75
CA TYR D 163 -22.97 18.33 24.64
C TYR D 163 -23.65 16.98 24.42
N ASN D 164 -22.84 15.93 24.15
CA ASN D 164 -23.21 14.51 23.85
C ASN D 164 -22.00 13.59 24.07
N LEU D 165 -22.13 12.27 23.98
CA LEU D 165 -20.98 11.40 24.40
C LEU D 165 -19.85 11.43 23.37
N SER D 166 -20.01 12.21 22.29
CA SER D 166 -18.93 12.53 21.31
C SER D 166 -18.10 13.70 21.80
N SER D 167 -18.57 14.42 22.82
CA SER D 167 -18.08 15.79 23.07
C SER D 167 -16.60 15.75 23.37
N GLY D 168 -15.87 16.69 22.73
CA GLY D 168 -14.47 17.07 22.98
C GLY D 168 -14.13 17.29 24.44
N TRP D 169 -12.86 17.45 24.77
CA TRP D 169 -12.40 17.88 26.13
C TRP D 169 -12.63 19.40 26.22
N ALA D 170 -12.17 20.19 25.24
CA ALA D 170 -12.21 21.68 25.29
C ALA D 170 -13.66 22.13 25.51
N GLU D 171 -14.63 21.39 24.95
CA GLU D 171 -16.08 21.60 25.08
C GLU D 171 -16.53 21.32 26.52
N ARG D 172 -16.33 20.11 27.00
CA ARG D 172 -16.68 19.63 28.36
C ARG D 172 -16.27 20.66 29.40
N HIS D 173 -15.12 21.28 29.17
CA HIS D 173 -14.47 22.25 30.06
C HIS D 173 -15.15 23.63 29.89
N ARG D 174 -15.32 24.11 28.68
CA ARG D 174 -16.01 25.40 28.37
C ARG D 174 -17.37 25.44 29.10
N ILE D 175 -18.16 24.37 29.10
CA ILE D 175 -19.52 24.45 29.69
C ILE D 175 -19.44 24.30 31.22
N ARG D 176 -18.51 23.54 31.78
CA ARG D 176 -18.39 23.54 33.26
C ARG D 176 -17.86 24.91 33.69
N GLN D 177 -16.91 25.50 32.95
CA GLN D 177 -16.30 26.84 33.26
C GLN D 177 -17.43 27.87 33.27
N ALA D 178 -18.29 27.85 32.27
CA ALA D 178 -19.42 28.78 32.14
C ALA D 178 -20.34 28.58 33.35
N SER D 179 -20.71 27.34 33.63
CA SER D 179 -21.69 27.00 34.69
C SER D 179 -21.12 27.41 36.06
N GLN D 180 -19.82 27.27 36.27
CA GLN D 180 -19.22 27.65 37.55
C GLN D 180 -19.11 29.18 37.61
N ASN D 181 -19.16 29.89 36.49
CA ASN D 181 -19.22 31.38 36.52
C ASN D 181 -20.68 31.87 36.51
N ASN D 182 -21.67 31.01 36.83
CA ASN D 182 -23.09 31.40 37.07
C ASN D 182 -23.80 31.75 35.77
N PHE D 183 -23.35 31.18 34.66
CA PHE D 183 -24.12 31.14 33.38
C PHE D 183 -24.98 29.88 33.39
N ALA D 184 -26.23 30.00 33.06
CA ALA D 184 -27.07 28.84 32.76
C ALA D 184 -26.50 28.27 31.46
N VAL D 185 -26.51 26.96 31.32
CA VAL D 185 -26.01 26.29 30.10
C VAL D 185 -27.10 25.35 29.63
N ILE D 186 -27.52 25.59 28.38
CA ILE D 186 -28.50 24.75 27.67
C ILE D 186 -27.67 23.82 26.81
N GLY D 187 -27.96 22.52 26.89
CA GLY D 187 -27.31 21.46 26.10
C GLY D 187 -28.04 21.22 24.79
N GLU D 188 -27.30 21.26 23.70
CA GLU D 188 -27.76 21.02 22.33
C GLU D 188 -27.21 19.66 21.82
N ASP D 189 -27.89 19.07 20.86
CA ASP D 189 -27.38 18.01 19.97
C ASP D 189 -27.03 16.76 20.79
N PHE D 190 -27.93 16.26 21.60
CA PHE D 190 -27.62 15.15 22.52
C PHE D 190 -27.39 13.87 21.72
N TRP D 191 -27.95 13.83 20.52
CA TRP D 191 -27.97 12.69 19.56
C TRP D 191 -27.35 13.12 18.25
N PRO D 192 -26.03 13.46 18.20
CA PRO D 192 -25.41 14.11 17.05
C PRO D 192 -25.21 13.22 15.82
N GLN D 193 -24.74 13.83 14.73
CA GLN D 193 -24.78 13.26 13.34
C GLN D 193 -23.82 12.06 13.30
N ALA D 194 -22.59 12.28 13.77
CA ALA D 194 -21.54 11.24 13.78
C ALA D 194 -22.14 9.91 14.25
N LEU D 195 -23.02 9.88 15.24
CA LEU D 195 -23.52 8.61 15.81
C LEU D 195 -24.88 8.22 15.22
N ARG D 196 -25.19 8.51 13.95
CA ARG D 196 -26.30 7.80 13.25
C ARG D 196 -25.73 7.22 11.94
N GLU D 197 -26.13 5.99 11.57
CA GLU D 197 -25.80 5.36 10.23
C GLU D 197 -27.00 4.51 9.73
N VAL D 198 -26.77 3.42 8.97
CA VAL D 198 -27.85 2.46 8.55
C VAL D 198 -28.14 1.51 9.73
N LYS D 206 -26.78 8.85 1.80
CA LYS D 206 -27.74 9.98 1.96
C LYS D 206 -26.92 11.31 1.96
N PRO D 207 -27.45 12.49 2.38
CA PRO D 207 -26.71 13.74 2.16
C PRO D 207 -25.53 13.92 3.14
N SER D 208 -25.65 14.77 4.18
CA SER D 208 -24.77 14.87 5.37
C SER D 208 -23.74 16.02 5.26
N PHE D 209 -24.00 17.16 5.93
CA PHE D 209 -23.12 18.36 5.97
C PHE D 209 -22.17 18.32 7.19
N TRP D 210 -20.97 18.86 7.02
CA TRP D 210 -19.89 18.93 8.05
C TRP D 210 -19.23 20.30 7.98
N GLN D 211 -19.98 21.39 8.24
CA GLN D 211 -19.47 22.78 8.12
C GLN D 211 -19.18 23.40 9.48
N ARG D 212 -19.28 22.61 10.56
CA ARG D 212 -19.00 23.11 11.94
C ARG D 212 -17.48 23.11 12.17
N ARG D 213 -16.91 24.20 12.71
CA ARG D 213 -15.44 24.28 12.97
C ARG D 213 -14.99 23.09 13.85
N THR D 214 -15.82 22.52 14.69
CA THR D 214 -15.50 21.31 15.50
C THR D 214 -15.38 20.01 14.64
N ASP D 215 -15.75 20.02 13.36
CA ASP D 215 -16.15 18.78 12.64
C ASP D 215 -14.92 18.04 12.11
N PRO D 216 -14.01 18.70 11.35
CA PRO D 216 -12.88 18.00 10.73
C PRO D 216 -12.05 17.14 11.70
N LEU D 217 -11.86 17.62 12.95
CA LEU D 217 -11.29 16.89 14.12
C LEU D 217 -12.44 16.12 14.82
N ALA D 218 -12.61 14.80 14.58
CA ALA D 218 -13.76 13.98 15.03
C ALA D 218 -13.50 12.51 14.71
N ASP D 219 -13.13 11.74 15.75
CA ASP D 219 -13.03 10.25 15.70
C ASP D 219 -14.47 9.67 15.78
N VAL D 220 -14.73 8.49 15.18
CA VAL D 220 -16.09 7.86 15.18
C VAL D 220 -16.00 6.39 15.58
N GLY D 221 -14.78 5.87 15.78
CA GLY D 221 -14.53 4.51 16.26
C GLY D 221 -15.20 4.27 17.62
N GLY D 222 -15.97 3.18 17.70
CA GLY D 222 -16.11 2.39 18.93
C GLY D 222 -17.51 2.43 19.51
N TYR D 223 -18.42 3.22 18.91
CA TYR D 223 -19.73 3.49 19.51
C TYR D 223 -20.78 2.50 19.01
N GLU D 224 -20.34 1.37 18.45
CA GLU D 224 -21.21 0.23 18.05
C GLU D 224 -22.03 -0.24 19.25
N PHE D 225 -21.53 -0.17 20.50
CA PHE D 225 -22.29 -0.65 21.68
C PHE D 225 -23.65 0.07 21.78
N LEU D 226 -23.82 1.22 21.09
CA LEU D 226 -25.06 2.04 21.18
C LEU D 226 -26.26 1.23 20.68
N THR D 227 -26.01 0.34 19.72
CA THR D 227 -26.99 -0.53 19.03
C THR D 227 -27.25 -1.79 19.85
N ASN D 228 -26.20 -2.37 20.47
CA ASN D 228 -26.31 -3.71 21.11
C ASN D 228 -26.33 -3.59 22.63
N THR D 229 -27.21 -2.74 23.16
CA THR D 229 -27.42 -2.55 24.63
C THR D 229 -28.86 -2.89 24.99
N PRO D 230 -29.13 -4.09 25.53
CA PRO D 230 -30.49 -4.62 25.59
C PRO D 230 -31.47 -3.73 26.37
N GLY D 231 -32.63 -3.45 25.75
CA GLY D 231 -33.78 -2.74 26.37
C GLY D 231 -33.72 -1.24 26.12
N TRP D 232 -32.70 -0.75 25.40
CA TRP D 232 -32.41 0.69 25.15
C TRP D 232 -32.11 0.93 23.67
N SER D 233 -32.69 2.00 23.10
CA SER D 233 -32.30 2.63 21.81
C SER D 233 -31.05 3.48 22.01
N ALA D 234 -30.26 3.65 20.94
CA ALA D 234 -29.10 4.57 20.88
C ALA D 234 -29.52 6.01 21.28
N GLU D 235 -30.65 6.52 20.75
CA GLU D 235 -31.14 7.88 21.10
C GLU D 235 -31.31 7.95 22.63
N ASP D 236 -32.01 6.99 23.23
CA ASP D 236 -32.34 6.99 24.68
C ASP D 236 -31.05 7.01 25.51
N ILE D 237 -30.02 6.25 25.11
CA ILE D 237 -28.72 6.20 25.84
C ILE D 237 -28.09 7.59 25.76
N CYS D 238 -27.99 8.15 24.56
CA CYS D 238 -27.28 9.45 24.33
C CYS D 238 -27.84 10.58 25.20
N LEU D 239 -29.16 10.53 25.45
CA LEU D 239 -29.94 11.53 26.23
C LEU D 239 -29.72 11.28 27.71
N GLY D 240 -29.92 10.03 28.13
CA GLY D 240 -29.65 9.56 29.51
C GLY D 240 -28.28 10.03 29.94
N TYR D 241 -27.32 10.00 29.01
CA TYR D 241 -25.92 10.39 29.26
C TYR D 241 -25.83 11.89 29.40
N ALA D 242 -26.47 12.65 28.52
CA ALA D 242 -26.45 14.13 28.57
C ALA D 242 -27.08 14.58 29.88
N LEU D 243 -28.06 13.82 30.38
CA LEU D 243 -28.77 14.21 31.62
C LEU D 243 -27.88 14.00 32.84
N THR D 244 -26.72 13.33 32.74
CA THR D 244 -25.85 13.07 33.91
C THR D 244 -24.73 14.12 33.95
N GLU D 245 -24.60 14.91 32.91
CA GLU D 245 -23.63 16.02 32.91
C GLU D 245 -24.14 17.08 33.89
N PRO D 246 -23.47 17.29 35.03
CA PRO D 246 -24.00 18.18 36.05
C PRO D 246 -23.97 19.68 35.70
N SER D 247 -23.19 20.12 34.71
CA SER D 247 -23.06 21.58 34.38
C SER D 247 -24.24 22.07 33.51
N LEU D 248 -25.08 21.19 33.00
CA LEU D 248 -26.21 21.60 32.13
C LEU D 248 -27.41 21.96 33.00
N ALA D 249 -27.93 23.17 32.87
CA ALA D 249 -29.23 23.53 33.43
C ALA D 249 -30.31 22.66 32.82
N THR D 250 -30.29 22.43 31.52
CA THR D 250 -31.31 21.58 30.82
C THR D 250 -30.74 21.11 29.49
N VAL D 251 -31.33 20.06 28.96
CA VAL D 251 -30.97 19.43 27.65
C VAL D 251 -32.08 19.73 26.64
N ARG D 252 -31.76 20.38 25.53
CA ARG D 252 -32.77 20.70 24.48
C ARG D 252 -33.12 19.42 23.71
N VAL D 253 -34.39 19.16 23.50
CA VAL D 253 -34.85 18.03 22.65
C VAL D 253 -35.91 18.56 21.68
N THR D 254 -36.09 17.90 20.54
CA THR D 254 -37.06 18.27 19.49
C THR D 254 -37.97 17.07 19.27
N ALA D 255 -39.28 17.24 19.26
CA ALA D 255 -40.22 16.09 19.17
C ALA D 255 -41.46 16.50 18.36
N ASP D 256 -41.94 15.60 17.48
CA ASP D 256 -43.01 15.91 16.51
C ASP D 256 -44.37 15.37 16.92
N ASN D 257 -44.43 14.41 17.83
CA ASN D 257 -45.68 13.71 18.21
C ASN D 257 -45.64 13.43 19.72
N ARG D 258 -46.81 13.13 20.28
CA ARG D 258 -46.98 12.83 21.73
C ARG D 258 -46.04 11.72 22.17
N GLN D 259 -46.01 10.59 21.47
CA GLN D 259 -45.34 9.39 22.04
C GLN D 259 -43.82 9.68 22.08
N GLU D 260 -43.29 10.51 21.18
CA GLU D 260 -41.85 10.89 21.18
C GLU D 260 -41.56 11.70 22.47
N ILE D 261 -42.45 12.62 22.85
CA ILE D 261 -42.33 13.40 24.12
C ILE D 261 -42.28 12.40 25.28
N GLU D 262 -43.34 11.60 25.43
CA GLU D 262 -43.53 10.60 26.52
C GLU D 262 -42.27 9.75 26.67
N ARG D 263 -41.70 9.24 25.58
CA ARG D 263 -40.49 8.37 25.60
C ARG D 263 -39.30 9.17 26.11
N LEU D 264 -39.14 10.41 25.65
CA LEU D 264 -38.01 11.28 26.06
C LEU D 264 -38.12 11.61 27.56
N ALA D 265 -39.34 11.86 28.06
CA ALA D 265 -39.62 12.14 29.49
C ALA D 265 -39.26 10.91 30.35
N ALA D 266 -39.70 9.70 29.93
CA ALA D 266 -39.36 8.40 30.56
C ALA D 266 -37.87 8.35 30.88
N VAL D 267 -37.00 8.79 29.97
CA VAL D 267 -35.52 8.62 30.07
C VAL D 267 -34.98 9.36 31.30
N VAL D 268 -35.63 10.46 31.70
CA VAL D 268 -35.19 11.32 32.85
C VAL D 268 -35.18 10.48 34.13
N GLU D 269 -36.14 9.56 34.26
CA GLU D 269 -36.51 8.84 35.51
C GLU D 269 -35.93 7.41 35.44
N ARG D 270 -35.41 6.99 34.28
CA ARG D 270 -34.62 5.75 34.10
C ARG D 270 -33.14 6.09 34.32
N ASP D 271 -32.36 5.12 34.80
CA ASP D 271 -30.89 5.26 35.08
C ASP D 271 -30.13 4.59 33.93
N LEU D 272 -28.94 5.08 33.61
CA LEU D 272 -28.08 4.43 32.59
C LEU D 272 -27.89 2.97 32.97
N PRO D 273 -27.95 2.02 32.02
CA PRO D 273 -27.63 0.63 32.32
C PRO D 273 -26.20 0.51 32.88
N THR D 274 -25.94 -0.64 33.50
CA THR D 274 -24.82 -0.86 34.46
C THR D 274 -23.47 -0.61 33.77
N GLY D 275 -23.19 -1.21 32.61
CA GLY D 275 -21.84 -1.22 32.01
C GLY D 275 -21.54 -0.04 31.08
N VAL D 276 -22.50 0.88 30.86
CA VAL D 276 -22.45 1.84 29.71
C VAL D 276 -21.37 2.90 29.98
N CYS D 277 -21.37 3.47 31.18
CA CYS D 277 -20.44 4.59 31.49
C CYS D 277 -19.02 4.06 31.22
N ALA D 278 -18.70 2.87 31.71
CA ALA D 278 -17.41 2.18 31.40
C ALA D 278 -17.09 2.20 29.89
N GLN D 279 -18.02 1.77 29.03
CA GLN D 279 -17.79 1.67 27.55
C GLN D 279 -17.55 3.04 26.92
N ILE D 280 -18.19 4.08 27.42
CA ILE D 280 -18.03 5.48 26.90
C ILE D 280 -16.55 5.88 27.09
N GLU D 281 -15.97 5.44 28.20
CA GLU D 281 -14.55 5.71 28.55
C GLU D 281 -13.70 4.93 27.55
N MSE D 282 -13.97 3.63 27.34
CA MSE D 282 -13.22 2.72 26.42
C MSE D 282 -13.17 3.38 25.03
O MSE D 282 -12.08 3.39 24.43
CB MSE D 282 -13.84 1.31 26.39
CG MSE D 282 -12.86 0.13 26.47
SE MSE D 282 -12.04 -0.60 28.18
CE MSE D 282 -10.40 -1.68 27.86
N ALA D 283 -14.27 3.95 24.55
CA ALA D 283 -14.41 4.51 23.19
C ALA D 283 -13.65 5.84 23.10
N ARG D 284 -13.59 6.66 24.16
CA ARG D 284 -12.59 7.77 24.20
C ARG D 284 -11.15 7.25 24.39
N PHE D 285 -10.98 6.01 24.87
CA PHE D 285 -9.72 5.23 25.17
C PHE D 285 -9.15 4.64 23.89
N SER D 286 -9.83 4.81 22.74
CA SER D 286 -9.23 4.60 21.42
C SER D 286 -9.23 5.92 20.63
N ALA D 287 -10.22 6.81 20.83
CA ALA D 287 -10.25 8.23 20.34
C ALA D 287 -8.89 8.91 20.58
N GLN D 288 -8.31 8.75 21.77
CA GLN D 288 -7.10 9.50 22.21
C GLN D 288 -5.80 8.77 21.79
N GLU D 289 -5.83 7.43 21.56
CA GLU D 289 -4.70 6.62 21.01
C GLU D 289 -4.79 6.57 19.47
N ARG D 290 -5.40 7.63 18.89
CA ARG D 290 -5.32 8.07 17.47
C ARG D 290 -5.20 9.61 17.41
N GLU D 291 -4.05 10.16 17.81
CA GLU D 291 -3.64 11.59 17.67
C GLU D 291 -2.11 11.72 17.79
N MSE E 1 -34.75 3.04 -16.56
CA MSE E 1 -33.91 4.25 -16.49
C MSE E 1 -32.49 3.84 -16.08
O MSE E 1 -32.37 2.96 -15.22
CB MSE E 1 -34.53 5.23 -15.51
CG MSE E 1 -33.85 6.59 -15.51
SE MSE E 1 -34.00 7.39 -17.29
CE MSE E 1 -32.24 7.71 -17.87
N ARG E 2 -31.45 4.49 -16.62
CA ARG E 2 -30.06 4.46 -16.12
C ARG E 2 -29.75 5.74 -15.35
N TYR E 3 -28.78 5.70 -14.45
CA TYR E 3 -28.40 6.89 -13.63
C TYR E 3 -26.90 7.13 -13.80
N ARG E 4 -26.45 8.34 -13.48
CA ARG E 4 -25.04 8.74 -13.68
C ARG E 4 -24.69 9.73 -12.59
N PRO E 5 -23.41 9.78 -12.20
CA PRO E 5 -22.96 10.78 -11.23
C PRO E 5 -23.14 12.16 -11.87
N PHE E 6 -23.71 13.11 -11.15
CA PHE E 6 -23.74 14.54 -11.57
C PHE E 6 -22.44 15.16 -11.08
N GLY E 7 -21.31 14.99 -11.80
CA GLY E 7 -19.95 14.64 -11.25
C GLY E 7 -19.55 15.50 -10.07
N SER E 8 -19.13 14.92 -8.94
CA SER E 8 -18.54 15.60 -7.73
C SER E 8 -19.62 15.87 -6.69
N THR E 9 -20.86 16.17 -7.09
CA THR E 9 -22.01 16.30 -6.15
C THR E 9 -22.08 15.06 -5.26
N GLY E 10 -21.79 13.86 -5.78
CA GLY E 10 -22.19 12.60 -5.12
C GLY E 10 -23.68 12.34 -5.26
N VAL E 11 -24.41 13.07 -6.13
CA VAL E 11 -25.83 12.75 -6.44
C VAL E 11 -25.90 12.03 -7.77
N ALA E 12 -26.82 11.07 -7.87
CA ALA E 12 -27.08 10.29 -9.10
C ALA E 12 -28.26 10.95 -9.81
N VAL E 13 -28.15 11.22 -11.10
CA VAL E 13 -29.28 11.79 -11.89
C VAL E 13 -29.64 10.79 -12.97
N SER E 14 -30.94 10.70 -13.25
CA SER E 14 -31.45 10.03 -14.45
C SER E 14 -30.77 10.59 -15.71
N ALA E 15 -30.46 9.72 -16.65
CA ALA E 15 -29.87 10.11 -17.95
C ALA E 15 -30.84 10.97 -18.73
N LEU E 16 -32.14 10.92 -18.43
CA LEU E 16 -33.08 11.98 -18.93
C LEU E 16 -33.36 12.94 -17.78
N THR E 17 -33.30 14.22 -18.09
CA THR E 17 -33.81 15.33 -17.25
C THR E 17 -35.07 15.86 -17.93
N LEU E 18 -36.22 15.87 -17.25
CA LEU E 18 -37.46 16.41 -17.85
C LEU E 18 -37.50 17.93 -17.64
N ARG E 19 -37.64 18.69 -18.73
CA ARG E 19 -37.86 20.14 -18.70
C ARG E 19 -39.36 20.40 -18.64
N LEU E 20 -39.80 21.23 -17.68
CA LEU E 20 -41.17 21.77 -17.55
C LEU E 20 -41.08 23.25 -17.90
N ALA E 21 -41.84 23.70 -18.88
CA ALA E 21 -41.84 25.05 -19.43
C ALA E 21 -43.29 25.46 -19.60
N ASP E 22 -43.59 26.76 -19.48
CA ASP E 22 -45.01 27.22 -19.47
C ASP E 22 -45.72 26.62 -20.68
N ASN E 23 -46.96 26.21 -20.49
CA ASN E 23 -47.83 25.70 -21.57
C ASN E 23 -49.27 26.02 -21.20
N PRO E 24 -49.90 27.02 -21.84
CA PRO E 24 -51.16 27.57 -21.35
C PRO E 24 -52.33 26.56 -21.38
N ARG E 25 -52.23 25.48 -22.17
CA ARG E 25 -53.29 24.45 -22.30
C ARG E 25 -53.30 23.51 -21.08
N LEU E 26 -52.26 23.50 -20.22
CA LEU E 26 -52.14 22.58 -19.07
C LEU E 26 -52.53 23.28 -17.77
N ARG E 27 -53.15 22.52 -16.86
CA ARG E 27 -53.60 22.95 -15.50
C ARG E 27 -52.71 22.29 -14.47
N ALA E 28 -52.83 22.68 -13.21
CA ALA E 28 -52.12 22.05 -12.07
C ALA E 28 -52.15 20.52 -12.21
N ASN E 29 -53.34 19.87 -12.28
CA ASN E 29 -53.44 18.39 -12.26
C ASN E 29 -52.64 17.77 -13.41
N ASP E 30 -52.52 18.46 -14.55
CA ASP E 30 -51.78 17.92 -15.73
C ASP E 30 -50.27 17.90 -15.40
N TRP E 31 -49.72 19.02 -14.95
CA TRP E 31 -48.33 19.12 -14.47
C TRP E 31 -48.06 18.09 -13.38
N ARG E 32 -48.98 17.97 -12.42
CA ARG E 32 -48.89 16.95 -11.35
C ARG E 32 -48.75 15.54 -11.98
N ALA E 33 -49.61 15.18 -12.93
CA ALA E 33 -49.61 13.83 -13.56
C ALA E 33 -48.39 13.69 -14.47
N LEU E 34 -47.93 14.79 -15.07
CA LEU E 34 -46.75 14.76 -15.94
C LEU E 34 -45.56 14.30 -15.14
N VAL E 35 -45.36 14.92 -13.99
CA VAL E 35 -44.23 14.61 -13.10
C VAL E 35 -44.45 13.23 -12.47
N PHE E 36 -45.68 12.82 -12.16
CA PHE E 36 -45.92 11.45 -11.62
C PHE E 36 -45.50 10.42 -12.66
N THR E 37 -45.78 10.66 -13.92
CA THR E 37 -45.44 9.70 -15.01
C THR E 37 -43.92 9.66 -15.15
N ALA E 38 -43.27 10.83 -15.12
CA ALA E 38 -41.80 10.91 -15.14
C ALA E 38 -41.25 10.08 -13.98
N LEU E 39 -41.79 10.32 -12.79
CA LEU E 39 -41.29 9.66 -11.55
C LEU E 39 -41.47 8.15 -11.73
N GLU E 40 -42.59 7.71 -12.29
CA GLU E 40 -42.88 6.26 -12.47
C GLU E 40 -41.92 5.67 -13.51
N ASN E 41 -41.45 6.45 -14.49
CA ASN E 41 -40.52 5.94 -15.51
C ASN E 41 -39.09 6.18 -15.03
N GLY E 42 -38.91 6.50 -13.77
CA GLY E 42 -37.57 6.51 -13.12
C GLY E 42 -36.82 7.80 -13.29
N VAL E 43 -37.48 8.83 -13.82
CA VAL E 43 -36.83 10.15 -14.03
C VAL E 43 -36.81 10.80 -12.67
N ASN E 44 -35.66 11.27 -12.22
CA ASN E 44 -35.57 11.97 -10.92
C ASN E 44 -34.97 13.38 -11.07
N SER E 45 -34.64 13.82 -12.28
CA SER E 45 -34.05 15.15 -12.54
C SER E 45 -35.06 16.00 -13.31
N PHE E 46 -35.36 17.19 -12.83
CA PHE E 46 -36.33 18.10 -13.44
C PHE E 46 -35.75 19.49 -13.56
N GLN E 47 -36.11 20.17 -14.61
CA GLN E 47 -35.63 21.56 -14.88
C GLN E 47 -36.89 22.37 -15.09
N ILE E 48 -37.17 23.30 -14.18
CA ILE E 48 -38.36 24.15 -14.28
C ILE E 48 -37.88 25.38 -15.05
N ASP E 49 -38.50 25.65 -16.21
CA ASP E 49 -38.16 26.72 -17.17
C ASP E 49 -39.45 27.50 -17.43
N GLY E 50 -40.00 28.15 -16.41
CA GLY E 50 -41.40 28.66 -16.40
C GLY E 50 -41.85 29.01 -14.99
N ASP E 51 -42.76 29.97 -14.81
CA ASP E 51 -43.25 30.38 -13.47
C ASP E 51 -44.77 30.53 -13.45
N ALA E 52 -45.48 29.98 -14.41
CA ALA E 52 -46.97 29.96 -14.39
C ALA E 52 -47.43 29.38 -13.07
N PRO E 53 -48.28 30.10 -12.30
CA PRO E 53 -48.69 29.62 -10.97
C PRO E 53 -49.20 28.18 -11.02
N GLU E 54 -49.96 27.82 -12.08
CA GLU E 54 -50.51 26.46 -12.32
C GLU E 54 -49.38 25.44 -12.31
N LEU E 55 -48.26 25.73 -12.98
CA LEU E 55 -47.08 24.83 -13.16
C LEU E 55 -46.39 24.59 -11.83
N LEU E 56 -46.14 25.66 -11.08
CA LEU E 56 -45.45 25.58 -9.79
C LEU E 56 -46.35 24.81 -8.81
N LYS E 57 -47.68 25.03 -8.81
CA LYS E 57 -48.56 24.28 -7.88
C LYS E 57 -48.43 22.79 -8.19
N GLY E 58 -48.59 22.42 -9.46
CA GLY E 58 -48.70 21.02 -9.90
C GLY E 58 -47.39 20.28 -9.68
N ALA E 59 -46.31 20.85 -10.20
CA ALA E 59 -44.93 20.32 -10.06
C ALA E 59 -44.58 20.22 -8.57
N GLY E 60 -44.88 21.29 -7.83
CA GLY E 60 -44.68 21.35 -6.39
C GLY E 60 -45.27 20.13 -5.69
N GLU E 61 -46.57 19.89 -5.90
CA GLU E 61 -47.27 18.75 -5.25
C GLU E 61 -46.54 17.45 -5.61
N ALA E 62 -46.25 17.23 -6.89
CA ALA E 62 -45.70 15.93 -7.35
C ALA E 62 -44.35 15.67 -6.68
N PHE E 63 -43.48 16.68 -6.66
CA PHE E 63 -42.13 16.61 -6.03
C PHE E 63 -42.28 16.18 -4.57
N ALA E 64 -43.25 16.78 -3.87
CA ALA E 64 -43.54 16.51 -2.45
C ALA E 64 -43.84 15.01 -2.24
N SER E 65 -44.41 14.31 -3.22
CA SER E 65 -44.76 12.88 -3.12
C SER E 65 -43.54 12.03 -2.70
N VAL E 66 -42.31 12.46 -2.99
CA VAL E 66 -41.13 11.60 -2.66
C VAL E 66 -40.12 12.40 -1.85
N GLU E 67 -39.17 11.67 -1.30
CA GLU E 67 -38.10 12.18 -0.44
C GLU E 67 -37.26 13.16 -1.24
N ARG E 68 -37.16 14.42 -0.78
CA ARG E 68 -36.47 15.51 -1.50
C ARG E 68 -35.10 15.05 -1.99
N HIS E 69 -34.36 14.27 -1.20
CA HIS E 69 -32.95 13.99 -1.51
C HIS E 69 -32.84 13.00 -2.67
N LEU E 70 -33.95 12.42 -3.14
CA LEU E 70 -33.96 11.51 -4.32
C LEU E 70 -34.22 12.30 -5.61
N LEU E 71 -34.38 13.62 -5.52
CA LEU E 71 -34.67 14.49 -6.67
C LEU E 71 -33.49 15.39 -6.90
N PHE E 72 -33.26 15.71 -8.15
CA PHE E 72 -32.34 16.80 -8.60
C PHE E 72 -33.21 17.88 -9.24
N LEU E 73 -33.37 19.01 -8.59
CA LEU E 73 -34.28 20.05 -9.11
C LEU E 73 -33.46 21.25 -9.54
N THR E 74 -33.55 21.57 -10.83
CA THR E 74 -32.80 22.71 -11.43
C THR E 74 -33.81 23.81 -11.74
N TRP E 75 -33.49 25.04 -11.40
CA TRP E 75 -34.28 26.21 -11.83
C TRP E 75 -33.56 26.97 -12.93
N ARG E 76 -34.18 27.07 -14.08
CA ARG E 76 -33.59 27.81 -15.22
C ARG E 76 -33.92 29.28 -15.08
N LEU E 77 -32.94 30.14 -15.09
CA LEU E 77 -33.13 31.60 -14.88
C LEU E 77 -32.49 32.32 -16.07
N ARG E 78 -33.32 32.88 -16.95
CA ARG E 78 -32.86 33.50 -18.21
C ARG E 78 -32.66 34.99 -17.97
N GLY E 79 -32.49 35.77 -19.04
CA GLY E 79 -32.26 37.22 -18.99
C GLY E 79 -30.80 37.55 -19.12
N ASP E 80 -30.46 38.73 -19.62
CA ASP E 80 -29.07 39.25 -19.59
C ASP E 80 -28.62 39.03 -18.14
N ALA E 81 -27.58 38.22 -17.98
CA ALA E 81 -27.03 37.80 -16.67
C ALA E 81 -26.38 39.02 -15.99
N LYS E 82 -25.98 40.01 -16.77
CA LYS E 82 -25.31 41.24 -16.26
C LYS E 82 -26.32 42.12 -15.52
N GLN E 83 -27.63 41.90 -15.66
CA GLN E 83 -28.68 42.75 -15.02
C GLN E 83 -29.40 42.01 -13.89
N LEU E 84 -28.93 40.83 -13.48
CA LEU E 84 -29.41 40.13 -12.27
C LEU E 84 -29.00 40.94 -11.03
N GLY E 85 -29.83 40.92 -9.99
CA GLY E 85 -29.65 41.69 -8.74
C GLY E 85 -30.61 41.19 -7.66
N PRO E 86 -30.72 41.88 -6.50
CA PRO E 86 -31.63 41.50 -5.42
C PRO E 86 -33.09 41.19 -5.82
N HIS E 87 -33.64 41.96 -6.77
CA HIS E 87 -34.99 41.70 -7.37
C HIS E 87 -35.08 40.26 -7.87
N THR E 88 -34.00 39.77 -8.50
CA THR E 88 -33.89 38.40 -9.02
C THR E 88 -34.05 37.41 -7.88
N LEU E 89 -33.38 37.66 -6.75
CA LEU E 89 -33.39 36.74 -5.61
C LEU E 89 -34.77 36.76 -4.96
N ASP E 90 -35.48 37.89 -5.04
CA ASP E 90 -36.88 38.00 -4.51
C ASP E 90 -37.79 37.12 -5.36
N ALA E 91 -37.75 37.30 -6.67
CA ALA E 91 -38.47 36.47 -7.69
C ALA E 91 -38.20 35.00 -7.42
N LEU E 92 -36.95 34.70 -7.08
CA LEU E 92 -36.49 33.32 -6.87
C LEU E 92 -37.08 32.76 -5.59
N LYS E 93 -37.14 33.54 -4.50
CA LYS E 93 -37.78 33.09 -3.23
C LYS E 93 -39.26 32.81 -3.51
N ARG E 94 -39.90 33.62 -4.34
CA ARG E 94 -41.37 33.56 -4.59
C ARG E 94 -41.67 32.31 -5.41
N SER E 95 -41.04 32.19 -6.58
CA SER E 95 -41.40 31.19 -7.62
C SER E 95 -40.75 29.85 -7.28
N ALA E 96 -39.43 29.82 -7.11
CA ALA E 96 -38.68 28.56 -7.02
C ALA E 96 -38.82 27.96 -5.60
N PHE E 97 -38.82 28.76 -4.56
CA PHE E 97 -38.79 28.23 -3.16
C PHE E 97 -40.21 28.09 -2.62
N GLU E 98 -40.96 29.19 -2.55
CA GLU E 98 -42.37 29.22 -2.09
C GLU E 98 -43.26 28.52 -3.14
N GLY E 99 -43.21 28.93 -4.41
CA GLY E 99 -43.99 28.30 -5.49
C GLY E 99 -43.89 26.78 -5.51
N LEU E 100 -42.67 26.23 -5.51
CA LEU E 100 -42.44 24.77 -5.65
C LEU E 100 -42.40 24.09 -4.26
N SER E 101 -42.47 24.84 -3.16
CA SER E 101 -42.45 24.27 -1.77
C SER E 101 -41.13 23.53 -1.51
N LEU E 102 -40.02 24.22 -1.74
CA LEU E 102 -38.65 23.70 -1.67
C LEU E 102 -37.91 24.55 -0.67
N ASP E 103 -36.91 23.99 -0.01
CA ASP E 103 -36.03 24.85 0.83
C ASP E 103 -34.61 24.77 0.31
N TYR E 104 -34.33 23.96 -0.71
CA TYR E 104 -33.09 24.08 -1.50
C TYR E 104 -33.36 23.75 -2.97
N LEU E 105 -32.56 24.36 -3.84
CA LEU E 105 -32.41 23.97 -5.25
C LEU E 105 -31.10 23.21 -5.40
N ASP E 106 -31.10 22.11 -6.17
CA ASP E 106 -29.83 21.41 -6.49
C ASP E 106 -28.98 22.29 -7.39
N LEU E 107 -29.61 23.04 -8.28
CA LEU E 107 -28.87 23.85 -9.27
C LEU E 107 -29.72 25.02 -9.75
N LEU E 108 -29.08 26.17 -9.86
CA LEU E 108 -29.64 27.37 -10.53
C LEU E 108 -28.87 27.53 -11.83
N LEU E 109 -29.52 27.43 -12.99
CA LEU E 109 -28.83 27.47 -14.28
C LEU E 109 -29.09 28.80 -14.97
N ILE E 110 -28.06 29.66 -15.05
CA ILE E 110 -28.17 31.02 -15.64
C ILE E 110 -27.64 31.05 -17.07
N ASN E 111 -27.83 32.15 -17.77
CA ASN E 111 -27.16 32.36 -19.07
C ASN E 111 -25.70 32.74 -18.82
N ASP E 112 -24.80 32.24 -19.67
CA ASP E 112 -23.43 32.77 -19.74
C ASP E 112 -23.51 34.29 -19.78
N PRO E 113 -22.92 34.99 -18.80
CA PRO E 113 -22.79 36.45 -18.85
C PRO E 113 -21.64 37.01 -19.69
N GLN E 114 -20.85 36.14 -20.33
CA GLN E 114 -19.71 36.50 -21.21
C GLN E 114 -18.83 37.51 -20.48
N SER E 115 -18.21 37.07 -19.39
CA SER E 115 -17.52 37.87 -18.36
C SER E 115 -16.91 36.91 -17.33
N ALA E 116 -15.80 37.23 -16.68
CA ALA E 116 -15.22 36.39 -15.59
C ALA E 116 -16.08 36.55 -14.34
N SER E 117 -16.90 37.60 -14.28
CA SER E 117 -17.65 38.01 -13.07
C SER E 117 -19.18 37.92 -13.26
N LEU E 118 -19.90 37.84 -12.16
CA LEU E 118 -21.35 38.08 -12.02
C LEU E 118 -21.53 39.46 -11.41
N PRO E 119 -22.73 40.06 -11.46
CA PRO E 119 -23.01 41.25 -10.64
C PRO E 119 -22.80 41.05 -9.13
N MSE E 120 -22.16 42.01 -8.48
CA MSE E 120 -21.76 41.98 -7.05
C MSE E 120 -22.88 41.38 -6.19
O MSE E 120 -22.68 40.37 -5.53
CB MSE E 120 -21.43 43.37 -6.53
CG MSE E 120 -20.63 43.30 -5.25
SE MSE E 120 -18.91 42.24 -5.50
CE MSE E 120 -18.37 41.03 -7.06
N ALA E 121 -24.03 42.05 -6.21
CA ALA E 121 -25.18 41.82 -5.31
C ALA E 121 -25.76 40.43 -5.54
N PHE E 122 -25.88 40.02 -6.79
CA PHE E 122 -26.38 38.70 -7.21
C PHE E 122 -25.47 37.61 -6.65
N GLU E 123 -24.16 37.70 -6.87
CA GLU E 123 -23.17 36.68 -6.40
C GLU E 123 -23.25 36.59 -4.87
N SER E 124 -23.38 37.73 -4.20
CA SER E 124 -23.51 37.85 -2.73
C SER E 124 -24.73 37.05 -2.29
N GLY E 125 -25.86 37.24 -2.97
CA GLY E 125 -27.13 36.57 -2.67
C GLY E 125 -27.02 35.08 -2.87
N LEU E 126 -26.28 34.64 -3.90
CA LEU E 126 -26.07 33.21 -4.15
C LEU E 126 -25.24 32.65 -3.02
N GLN E 127 -24.20 33.38 -2.65
CA GLN E 127 -23.29 32.99 -1.53
C GLN E 127 -24.13 32.83 -0.26
N ASP E 128 -25.07 33.75 0.00
CA ASP E 128 -25.99 33.66 1.17
C ASP E 128 -26.86 32.39 1.04
N LEU E 129 -27.51 32.17 -0.11
CA LEU E 129 -28.34 30.95 -0.36
C LEU E 129 -27.51 29.69 -0.08
N GLN E 130 -26.22 29.68 -0.42
CA GLN E 130 -25.37 28.48 -0.20
C GLN E 130 -25.04 28.38 1.30
N LYS E 131 -24.63 29.46 1.94
CA LYS E 131 -24.40 29.49 3.40
C LYS E 131 -25.63 28.92 4.10
N GLY E 132 -26.84 29.18 3.60
CA GLY E 132 -28.08 28.66 4.21
C GLY E 132 -28.47 27.26 3.75
N ARG E 133 -27.65 26.59 2.94
CA ARG E 133 -27.92 25.25 2.34
C ARG E 133 -29.20 25.25 1.50
N ALA E 134 -29.45 26.34 0.78
CA ALA E 134 -30.62 26.49 -0.11
C ALA E 134 -30.24 26.33 -1.60
N LEU E 135 -28.96 26.35 -1.92
CA LEU E 135 -28.47 26.27 -3.32
C LEU E 135 -27.18 25.46 -3.40
N ARG E 136 -27.23 24.27 -4.01
CA ARG E 136 -26.06 23.37 -4.04
C ARG E 136 -25.02 23.79 -5.09
N GLY E 137 -25.44 24.52 -6.11
CA GLY E 137 -24.55 24.82 -7.23
C GLY E 137 -25.16 25.82 -8.19
N LEU E 138 -24.30 26.56 -8.87
CA LEU E 138 -24.65 27.46 -9.99
C LEU E 138 -24.21 26.75 -11.25
N GLY E 139 -25.07 26.70 -12.25
CA GLY E 139 -24.70 26.21 -13.58
C GLY E 139 -24.73 27.34 -14.60
N VAL E 140 -23.95 27.22 -15.66
CA VAL E 140 -23.97 28.21 -16.76
C VAL E 140 -24.33 27.52 -18.07
N ALA E 141 -25.29 28.07 -18.79
CA ALA E 141 -25.65 27.62 -20.15
C ALA E 141 -24.87 28.44 -21.18
N SER E 142 -24.30 27.79 -22.17
CA SER E 142 -23.47 28.46 -23.18
C SER E 142 -23.49 27.67 -24.45
N ARG E 143 -23.21 28.37 -25.56
CA ARG E 143 -23.07 27.81 -26.93
C ARG E 143 -21.65 28.13 -27.40
N GLY E 144 -20.87 28.76 -26.52
CA GLY E 144 -19.46 29.12 -26.73
C GLY E 144 -18.60 28.79 -25.52
N ASP E 145 -17.37 29.34 -25.51
CA ASP E 145 -16.37 29.12 -24.44
C ASP E 145 -16.72 30.00 -23.25
N ILE E 146 -16.95 29.44 -22.09
CA ILE E 146 -17.23 30.20 -20.85
C ILE E 146 -15.91 30.80 -20.36
N ASP E 147 -15.92 32.04 -19.90
CA ASP E 147 -14.69 32.64 -19.35
C ASP E 147 -14.15 31.70 -18.29
N PRO E 148 -12.86 31.33 -18.30
CA PRO E 148 -12.31 30.40 -17.31
C PRO E 148 -12.36 30.94 -15.86
N GLY E 149 -12.40 32.27 -15.72
CA GLY E 149 -12.49 32.97 -14.43
C GLY E 149 -13.79 32.67 -13.76
N LEU E 150 -14.84 32.51 -14.57
CA LEU E 150 -16.20 32.20 -14.11
C LEU E 150 -16.25 30.72 -13.71
N LEU E 151 -15.71 29.81 -14.53
CA LEU E 151 -15.72 28.35 -14.20
C LEU E 151 -14.96 28.10 -12.90
N ALA E 152 -13.91 28.84 -12.67
CA ALA E 152 -13.07 28.73 -11.44
C ALA E 152 -13.87 29.23 -10.21
N ASN E 153 -14.87 30.09 -10.40
CA ASN E 153 -15.79 30.45 -9.28
C ASN E 153 -16.28 29.16 -8.56
N ASP E 154 -16.18 29.16 -7.23
CA ASP E 154 -16.53 28.02 -6.35
C ASP E 154 -17.98 27.66 -6.57
N LEU E 155 -18.85 28.65 -6.79
CA LEU E 155 -20.31 28.49 -7.02
C LEU E 155 -20.57 27.59 -8.23
N VAL E 156 -19.72 27.65 -9.25
CA VAL E 156 -20.07 27.07 -10.58
C VAL E 156 -19.66 25.59 -10.63
N THR E 157 -20.65 24.71 -10.62
CA THR E 157 -20.46 23.24 -10.59
C THR E 157 -20.95 22.57 -11.88
N ALA E 158 -21.63 23.30 -12.77
CA ALA E 158 -22.21 22.61 -13.95
C ALA E 158 -22.26 23.54 -15.15
N VAL E 159 -22.32 22.94 -16.34
CA VAL E 159 -22.53 23.70 -17.60
C VAL E 159 -23.60 22.97 -18.38
N SER E 160 -24.35 23.72 -19.16
CA SER E 160 -25.40 23.20 -20.04
C SER E 160 -25.03 23.67 -21.43
N SER E 161 -24.96 22.76 -22.37
CA SER E 161 -24.50 23.05 -23.74
C SER E 161 -25.21 22.10 -24.69
N PRO E 162 -25.40 22.47 -25.95
CA PRO E 162 -26.12 21.60 -26.87
C PRO E 162 -25.13 20.50 -27.23
N TYR E 163 -25.60 19.26 -27.34
CA TYR E 163 -24.88 18.16 -27.99
C TYR E 163 -25.90 17.27 -28.71
N ASN E 164 -25.63 17.00 -29.98
CA ASN E 164 -26.43 16.15 -30.95
C ASN E 164 -25.48 15.69 -32.06
N LEU E 165 -25.92 14.76 -32.91
CA LEU E 165 -24.99 14.24 -33.96
C LEU E 165 -24.70 15.29 -35.06
N SER E 166 -25.22 16.50 -34.97
CA SER E 166 -24.82 17.68 -35.80
C SER E 166 -23.59 18.34 -35.20
N SER E 167 -23.27 18.05 -33.94
CA SER E 167 -22.41 18.97 -33.15
C SER E 167 -21.04 18.98 -33.84
N GLY E 168 -20.47 20.19 -34.02
CA GLY E 168 -19.09 20.46 -34.49
C GLY E 168 -18.04 19.76 -33.65
N TRP E 169 -16.75 19.98 -33.96
CA TRP E 169 -15.63 19.44 -33.15
C TRP E 169 -15.50 20.31 -31.89
N ALA E 170 -15.41 21.64 -32.04
CA ALA E 170 -15.15 22.61 -30.95
C ALA E 170 -16.14 22.37 -29.79
N GLU E 171 -17.39 22.00 -30.10
CA GLU E 171 -18.46 21.69 -29.14
C GLU E 171 -18.14 20.39 -28.39
N ARG E 172 -18.00 19.29 -29.13
CA ARG E 172 -17.68 17.94 -28.61
C ARG E 172 -16.55 18.03 -27.57
N HIS E 173 -15.58 18.89 -27.86
CA HIS E 173 -14.33 19.09 -27.10
C HIS E 173 -14.61 19.94 -25.85
N ARG E 174 -15.32 21.06 -25.99
CA ARG E 174 -15.74 21.93 -24.86
C ARG E 174 -16.38 21.08 -23.76
N ILE E 175 -17.29 20.17 -24.10
CA ILE E 175 -18.04 19.41 -23.06
C ILE E 175 -17.17 18.28 -22.49
N ARG E 176 -16.31 17.64 -23.27
CA ARG E 176 -15.44 16.61 -22.66
C ARG E 176 -14.43 17.34 -21.74
N GLN E 177 -13.91 18.50 -22.16
CA GLN E 177 -12.93 19.29 -21.38
C GLN E 177 -13.57 19.67 -20.04
N ALA E 178 -14.80 20.16 -20.09
CA ALA E 178 -15.57 20.54 -18.89
C ALA E 178 -15.72 19.32 -17.99
N SER E 179 -16.18 18.21 -18.54
CA SER E 179 -16.47 16.96 -17.77
C SER E 179 -15.18 16.43 -17.14
N GLN E 180 -14.05 16.54 -17.84
CA GLN E 180 -12.80 16.02 -17.26
C GLN E 180 -12.29 16.99 -16.20
N ASN E 181 -12.74 18.25 -16.19
CA ASN E 181 -12.44 19.17 -15.05
C ASN E 181 -13.50 19.11 -13.94
N ASN E 182 -14.34 18.08 -13.89
CA ASN E 182 -15.29 17.77 -12.78
C ASN E 182 -16.46 18.74 -12.76
N PHE E 183 -16.83 19.26 -13.93
CA PHE E 183 -18.12 19.95 -14.15
C PHE E 183 -19.14 18.90 -14.59
N ALA E 184 -20.32 18.91 -14.02
CA ALA E 184 -21.46 18.18 -14.56
C ALA E 184 -21.78 18.88 -15.88
N VAL E 185 -22.20 18.12 -16.89
CA VAL E 185 -22.63 18.68 -18.19
C VAL E 185 -24.02 18.16 -18.49
N ILE E 186 -24.93 19.09 -18.71
CA ILE E 186 -26.33 18.81 -19.10
C ILE E 186 -26.35 19.03 -20.58
N GLY E 187 -26.91 18.08 -21.31
CA GLY E 187 -26.98 18.08 -22.77
C GLY E 187 -28.30 18.65 -23.20
N GLU E 188 -28.20 19.61 -24.13
CA GLU E 188 -29.35 20.35 -24.70
C GLU E 188 -29.48 19.95 -26.16
N ASP E 189 -30.69 20.07 -26.68
CA ASP E 189 -30.98 20.15 -28.13
C ASP E 189 -30.55 18.88 -28.84
N PHE E 190 -31.02 17.74 -28.37
CA PHE E 190 -30.59 16.43 -28.91
C PHE E 190 -31.14 16.26 -30.31
N TRP E 191 -32.23 16.97 -30.60
CA TRP E 191 -33.02 16.90 -31.85
C TRP E 191 -33.10 18.27 -32.46
N PRO E 192 -31.97 18.87 -32.91
CA PRO E 192 -31.91 20.30 -33.25
C PRO E 192 -32.64 20.62 -34.57
N GLN E 193 -32.75 21.93 -34.87
CA GLN E 193 -33.56 22.46 -35.99
C GLN E 193 -33.00 21.98 -37.32
N ALA E 194 -31.67 22.16 -37.50
CA ALA E 194 -30.98 21.77 -38.73
C ALA E 194 -31.44 20.38 -39.18
N LEU E 195 -31.67 19.41 -38.29
CA LEU E 195 -32.04 18.04 -38.73
C LEU E 195 -33.56 17.80 -38.70
N ARG E 196 -34.41 18.79 -38.97
CA ARG E 196 -35.83 18.51 -39.31
C ARG E 196 -36.14 19.18 -40.67
N GLU E 197 -36.82 18.45 -41.57
CA GLU E 197 -37.10 18.88 -42.97
C GLU E 197 -38.49 18.36 -43.42
N VAL E 198 -38.73 18.34 -44.75
CA VAL E 198 -39.98 17.77 -45.37
C VAL E 198 -39.84 16.24 -45.42
N LYS E 206 -41.10 26.64 -43.18
CA LYS E 206 -42.11 27.44 -42.41
C LYS E 206 -41.40 28.70 -41.89
N PRO E 207 -41.55 29.23 -40.64
CA PRO E 207 -40.80 30.44 -40.26
C PRO E 207 -39.29 30.15 -40.12
N SER E 208 -38.78 29.89 -38.90
CA SER E 208 -37.47 29.22 -38.61
C SER E 208 -36.34 30.24 -38.40
N PHE E 209 -35.93 30.46 -37.16
CA PHE E 209 -34.90 31.47 -36.76
C PHE E 209 -33.51 30.81 -36.73
N TRP E 210 -32.49 31.62 -37.07
CA TRP E 210 -31.07 31.22 -37.10
C TRP E 210 -30.22 32.34 -36.51
N GLN E 211 -30.42 32.70 -35.25
CA GLN E 211 -29.77 33.82 -34.55
C GLN E 211 -28.63 33.33 -33.64
N ARG E 212 -28.33 32.03 -33.61
CA ARG E 212 -27.28 31.48 -32.71
C ARG E 212 -25.92 31.66 -33.40
N ARG E 213 -24.90 32.13 -32.69
CA ARG E 213 -23.55 32.43 -33.24
C ARG E 213 -23.06 31.18 -34.00
N THR E 214 -23.36 29.98 -33.53
CA THR E 214 -22.86 28.73 -34.16
C THR E 214 -23.72 28.33 -35.36
N ASP E 215 -24.72 29.10 -35.79
CA ASP E 215 -25.72 28.62 -36.79
C ASP E 215 -25.16 28.69 -38.21
N PRO E 216 -24.66 29.87 -38.67
CA PRO E 216 -24.24 30.04 -40.07
C PRO E 216 -23.23 28.98 -40.55
N LEU E 217 -22.30 28.56 -39.66
CA LEU E 217 -21.36 27.41 -39.87
C LEU E 217 -22.01 26.15 -39.30
N ALA E 218 -22.63 25.27 -40.11
CA ALA E 218 -23.43 24.09 -39.68
C ALA E 218 -23.84 23.24 -40.90
N ASP E 219 -23.09 22.17 -41.18
CA ASP E 219 -23.30 21.28 -42.37
C ASP E 219 -24.40 20.26 -41.98
N VAL E 220 -25.17 19.71 -42.94
CA VAL E 220 -26.28 18.74 -42.67
C VAL E 220 -26.22 17.57 -43.66
N GLY E 221 -25.23 17.56 -44.56
CA GLY E 221 -25.06 16.46 -45.52
C GLY E 221 -24.85 15.12 -44.83
N GLY E 222 -25.62 14.11 -45.22
CA GLY E 222 -25.31 12.69 -44.97
C GLY E 222 -26.29 12.04 -44.02
N TYR E 223 -27.24 12.78 -43.46
CA TYR E 223 -28.11 12.27 -42.36
C TYR E 223 -29.39 11.68 -42.93
N GLU E 224 -29.41 11.34 -44.22
CA GLU E 224 -30.47 10.56 -44.91
C GLU E 224 -30.86 9.31 -44.11
N PHE E 225 -29.87 8.59 -43.59
CA PHE E 225 -30.09 7.31 -42.85
C PHE E 225 -31.05 7.53 -41.68
N LEU E 226 -31.32 8.77 -41.25
CA LEU E 226 -32.19 9.05 -40.08
C LEU E 226 -33.62 8.61 -40.39
N THR E 227 -33.99 8.70 -41.66
CA THR E 227 -35.33 8.37 -42.23
C THR E 227 -35.40 6.88 -42.55
N ASN E 228 -34.30 6.28 -43.01
CA ASN E 228 -34.21 4.97 -43.71
C ASN E 228 -33.62 3.92 -42.76
N THR E 229 -34.04 3.91 -41.48
CA THR E 229 -33.59 2.95 -40.44
C THR E 229 -34.80 2.22 -39.90
N PRO E 230 -35.05 0.95 -40.32
CA PRO E 230 -36.25 0.25 -39.89
C PRO E 230 -36.39 0.12 -38.37
N GLY E 231 -37.58 0.45 -37.83
CA GLY E 231 -37.95 0.27 -36.41
C GLY E 231 -37.70 1.52 -35.59
N TRP E 232 -37.10 2.57 -36.17
CA TRP E 232 -36.60 3.80 -35.48
C TRP E 232 -37.06 5.08 -36.18
N SER E 233 -37.57 6.05 -35.43
CA SER E 233 -37.73 7.48 -35.83
C SER E 233 -36.39 8.22 -35.75
N ALA E 234 -36.19 9.27 -36.56
CA ALA E 234 -35.04 10.19 -36.49
C ALA E 234 -34.90 10.80 -35.07
N GLU E 235 -35.99 11.22 -34.41
CA GLU E 235 -35.95 11.77 -33.02
C GLU E 235 -35.28 10.71 -32.14
N ASP E 236 -35.78 9.47 -32.19
CA ASP E 236 -35.33 8.37 -31.29
C ASP E 236 -33.84 8.10 -31.51
N ILE E 237 -33.36 8.12 -32.76
CA ILE E 237 -31.92 7.90 -33.08
C ILE E 237 -31.13 9.04 -32.46
N CYS E 238 -31.51 10.28 -32.70
CA CYS E 238 -30.74 11.48 -32.26
C CYS E 238 -30.51 11.52 -30.75
N LEU E 239 -31.49 10.99 -29.99
CA LEU E 239 -31.51 10.90 -28.52
C LEU E 239 -30.63 9.73 -28.08
N GLY E 240 -30.90 8.55 -28.65
CA GLY E 240 -30.10 7.34 -28.44
C GLY E 240 -28.62 7.65 -28.59
N TYR E 241 -28.31 8.51 -29.54
CA TYR E 241 -26.91 8.90 -29.83
C TYR E 241 -26.39 9.82 -28.74
N ALA E 242 -27.16 10.83 -28.37
CA ALA E 242 -26.77 11.75 -27.27
C ALA E 242 -26.56 10.97 -25.97
N LEU E 243 -27.33 9.89 -25.78
CA LEU E 243 -27.20 9.06 -24.57
C LEU E 243 -25.88 8.24 -24.56
N THR E 244 -25.13 8.14 -25.64
CA THR E 244 -23.88 7.33 -25.68
C THR E 244 -22.69 8.27 -25.48
N GLU E 245 -22.90 9.58 -25.52
CA GLU E 245 -21.82 10.56 -25.26
C GLU E 245 -21.48 10.46 -23.79
N PRO E 246 -20.29 9.94 -23.42
CA PRO E 246 -19.96 9.70 -22.03
C PRO E 246 -19.81 10.93 -21.15
N SER E 247 -19.52 12.10 -21.71
CA SER E 247 -19.20 13.32 -20.93
C SER E 247 -20.47 14.01 -20.38
N LEU E 248 -21.66 13.59 -20.85
CA LEU E 248 -22.94 14.16 -20.40
C LEU E 248 -23.40 13.48 -19.11
N ALA E 249 -23.59 14.24 -18.03
CA ALA E 249 -24.28 13.74 -16.83
C ALA E 249 -25.70 13.34 -17.18
N THR E 250 -26.41 14.13 -17.96
CA THR E 250 -27.82 13.88 -18.34
C THR E 250 -28.15 14.64 -19.61
N VAL E 251 -29.19 14.21 -20.30
CA VAL E 251 -29.72 14.78 -21.57
C VAL E 251 -31.08 15.41 -21.27
N ARG E 252 -31.25 16.69 -21.52
CA ARG E 252 -32.53 17.38 -21.24
C ARG E 252 -33.52 17.03 -22.34
N VAL E 253 -34.74 16.66 -21.97
CA VAL E 253 -35.85 16.44 -22.93
C VAL E 253 -37.07 17.23 -22.46
N THR E 254 -37.98 17.57 -23.35
CA THR E 254 -39.24 18.29 -23.07
C THR E 254 -40.42 17.39 -23.51
N ALA E 255 -41.45 17.25 -22.71
CA ALA E 255 -42.56 16.30 -22.98
C ALA E 255 -43.82 16.84 -22.33
N ASP E 256 -44.95 16.77 -23.04
CA ASP E 256 -46.23 17.47 -22.76
C ASP E 256 -47.27 16.51 -22.24
N ASN E 257 -47.13 15.21 -22.49
CA ASN E 257 -48.15 14.20 -22.14
C ASN E 257 -47.45 12.92 -21.66
N ARG E 258 -48.21 12.02 -21.03
CA ARG E 258 -47.70 10.74 -20.51
C ARG E 258 -46.95 9.95 -21.57
N GLN E 259 -47.58 9.74 -22.72
CA GLN E 259 -47.12 8.76 -23.71
C GLN E 259 -45.76 9.26 -24.26
N GLU E 260 -45.57 10.57 -24.36
CA GLU E 260 -44.29 11.17 -24.83
C GLU E 260 -43.18 10.85 -23.82
N ILE E 261 -43.45 10.95 -22.52
CA ILE E 261 -42.48 10.57 -21.45
C ILE E 261 -42.09 9.10 -21.65
N GLU E 262 -43.08 8.20 -21.61
CA GLU E 262 -42.93 6.72 -21.73
C GLU E 262 -42.02 6.39 -22.92
N ARG E 263 -42.28 7.00 -24.09
CA ARG E 263 -41.52 6.73 -25.35
C ARG E 263 -40.07 7.20 -25.14
N LEU E 264 -39.87 8.38 -24.56
CA LEU E 264 -38.51 8.94 -24.34
C LEU E 264 -37.72 8.06 -23.37
N ALA E 265 -38.38 7.56 -22.32
CA ALA E 265 -37.78 6.63 -21.33
C ALA E 265 -37.35 5.32 -21.99
N ALA E 266 -38.23 4.72 -22.82
CA ALA E 266 -37.95 3.51 -23.63
C ALA E 266 -36.59 3.63 -24.32
N VAL E 267 -36.25 4.79 -24.88
CA VAL E 267 -35.04 4.96 -25.75
C VAL E 267 -33.77 4.70 -24.93
N VAL E 268 -33.80 5.02 -23.62
CA VAL E 268 -32.62 4.90 -22.72
C VAL E 268 -32.15 3.45 -22.68
N GLU E 269 -33.11 2.51 -22.72
CA GLU E 269 -32.89 1.07 -22.41
C GLU E 269 -32.84 0.26 -23.70
N ARG E 270 -33.16 0.88 -24.84
CA ARG E 270 -32.88 0.35 -26.19
C ARG E 270 -31.45 0.78 -26.56
N ASP E 271 -30.69 -0.08 -27.24
CA ASP E 271 -29.37 0.27 -27.80
C ASP E 271 -29.54 0.68 -29.26
N LEU E 272 -28.69 1.62 -29.66
CA LEU E 272 -28.64 2.07 -31.08
C LEU E 272 -28.52 0.82 -31.94
N PRO E 273 -29.23 0.77 -33.11
CA PRO E 273 -29.01 -0.32 -34.07
C PRO E 273 -27.54 -0.41 -34.48
N THR E 274 -27.11 -1.56 -34.99
CA THR E 274 -25.69 -2.03 -34.87
C THR E 274 -24.75 -1.07 -35.66
N GLY E 275 -25.07 -0.76 -36.93
CA GLY E 275 -24.17 -0.01 -37.82
C GLY E 275 -24.41 1.48 -37.83
N VAL E 276 -25.22 2.03 -36.92
CA VAL E 276 -25.60 3.48 -36.93
C VAL E 276 -24.40 4.32 -36.52
N CYS E 277 -23.71 3.92 -35.46
CA CYS E 277 -22.54 4.65 -34.92
C CYS E 277 -21.59 4.87 -36.10
N ALA E 278 -21.26 3.81 -36.85
CA ALA E 278 -20.44 3.88 -38.08
C ALA E 278 -20.92 5.01 -39.02
N GLN E 279 -22.21 5.06 -39.37
CA GLN E 279 -22.75 6.04 -40.36
C GLN E 279 -22.64 7.49 -39.82
N ILE E 280 -22.78 7.69 -38.52
CA ILE E 280 -22.65 9.03 -37.88
C ILE E 280 -21.23 9.56 -38.13
N GLU E 281 -20.25 8.66 -38.10
CA GLU E 281 -18.83 8.99 -38.36
C GLU E 281 -18.70 9.40 -39.83
N MSE E 282 -19.25 8.61 -40.79
CA MSE E 282 -19.14 8.91 -42.24
C MSE E 282 -19.69 10.32 -42.50
O MSE E 282 -19.05 11.08 -43.22
CB MSE E 282 -19.79 7.86 -43.16
CG MSE E 282 -18.76 7.26 -44.20
SE MSE E 282 -19.21 6.75 -46.15
CE MSE E 282 -18.48 5.27 -47.26
N ALA E 283 -20.80 10.70 -41.86
CA ALA E 283 -21.47 12.01 -42.06
C ALA E 283 -20.67 13.15 -41.41
N ARG E 284 -20.07 12.93 -40.24
CA ARG E 284 -19.23 13.96 -39.56
C ARG E 284 -17.88 14.12 -40.27
N PHE E 285 -17.40 13.08 -40.97
CA PHE E 285 -16.13 13.08 -41.75
C PHE E 285 -16.39 13.74 -43.13
N SER E 286 -17.65 13.86 -43.53
CA SER E 286 -18.08 14.69 -44.69
C SER E 286 -18.25 16.15 -44.22
N ALA E 287 -18.85 16.37 -43.03
CA ALA E 287 -18.90 17.68 -42.32
C ALA E 287 -17.49 18.31 -42.27
N GLN E 288 -16.45 17.53 -41.99
CA GLN E 288 -15.06 18.01 -41.76
C GLN E 288 -14.28 18.16 -43.09
N GLU E 289 -14.62 17.41 -44.16
CA GLU E 289 -14.01 17.56 -45.53
C GLU E 289 -14.89 18.50 -46.37
N ARG E 290 -15.54 19.46 -45.65
CA ARG E 290 -16.17 20.72 -46.17
C ARG E 290 -15.70 21.88 -45.26
N GLU E 291 -14.49 22.39 -45.60
CA GLU E 291 -13.65 23.36 -44.85
C GLU E 291 -12.60 23.95 -45.81
N MSE F 1 -20.11 -13.46 -47.27
CA MSE F 1 -19.13 -12.40 -47.55
C MSE F 1 -19.83 -11.14 -48.07
O MSE F 1 -20.74 -11.29 -48.88
CB MSE F 1 -18.10 -12.88 -48.60
CG MSE F 1 -16.91 -11.96 -48.71
SE MSE F 1 -15.98 -11.87 -46.98
CE MSE F 1 -16.05 -9.95 -46.50
N ARG F 2 -19.39 -9.96 -47.62
CA ARG F 2 -19.78 -8.63 -48.20
C ARG F 2 -18.64 -8.11 -49.08
N TYR F 3 -18.95 -7.24 -50.04
CA TYR F 3 -17.95 -6.68 -50.97
C TYR F 3 -18.04 -5.16 -50.96
N ARG F 4 -17.00 -4.48 -51.42
CA ARG F 4 -16.93 -3.00 -51.38
C ARG F 4 -16.04 -2.55 -52.51
N PRO F 5 -16.33 -1.35 -53.07
CA PRO F 5 -15.51 -0.80 -54.14
C PRO F 5 -14.12 -0.52 -53.56
N PHE F 6 -13.08 -0.95 -54.27
CA PHE F 6 -11.67 -0.57 -54.01
C PHE F 6 -11.43 0.79 -54.66
N GLY F 7 -11.80 1.90 -53.97
CA GLY F 7 -12.43 3.11 -54.54
C GLY F 7 -11.82 3.60 -55.86
N SER F 8 -12.66 3.80 -56.89
CA SER F 8 -12.35 4.40 -58.24
C SER F 8 -12.09 3.28 -59.24
N THR F 9 -11.42 2.19 -58.86
CA THR F 9 -11.12 1.06 -59.78
C THR F 9 -12.42 0.60 -60.46
N GLY F 10 -13.57 0.62 -59.75
CA GLY F 10 -14.76 -0.12 -60.16
C GLY F 10 -14.60 -1.63 -59.93
N VAL F 11 -13.58 -2.07 -59.18
CA VAL F 11 -13.44 -3.51 -58.79
C VAL F 11 -13.93 -3.65 -57.35
N ALA F 12 -14.61 -4.77 -57.09
CA ALA F 12 -15.20 -5.10 -55.78
C ALA F 12 -14.22 -6.00 -55.06
N VAL F 13 -13.91 -5.73 -53.80
CA VAL F 13 -13.06 -6.63 -52.98
C VAL F 13 -13.91 -7.13 -51.82
N SER F 14 -13.68 -8.37 -51.43
CA SER F 14 -14.16 -8.93 -50.15
C SER F 14 -13.71 -8.04 -48.99
N ALA F 15 -14.59 -7.86 -48.01
CA ALA F 15 -14.28 -7.10 -46.77
C ALA F 15 -13.14 -7.76 -45.99
N LEU F 16 -12.89 -9.05 -46.19
CA LEU F 16 -11.62 -9.67 -45.73
C LEU F 16 -10.69 -9.82 -46.92
N THR F 17 -9.44 -9.40 -46.74
CA THR F 17 -8.30 -9.69 -47.63
C THR F 17 -7.42 -10.70 -46.88
N LEU F 18 -7.20 -11.88 -47.46
CA LEU F 18 -6.35 -12.90 -46.83
C LEU F 18 -4.89 -12.64 -47.21
N ARG F 19 -4.03 -12.51 -46.21
CA ARG F 19 -2.57 -12.37 -46.38
C ARG F 19 -1.97 -13.77 -46.32
N LEU F 20 -1.14 -14.13 -47.31
CA LEU F 20 -0.34 -15.37 -47.37
C LEU F 20 1.11 -14.94 -47.18
N ALA F 21 1.79 -15.48 -46.18
CA ALA F 21 3.19 -15.12 -45.83
C ALA F 21 3.96 -16.42 -45.61
N ASP F 22 5.27 -16.43 -45.83
CA ASP F 22 6.04 -17.71 -45.83
C ASP F 22 5.78 -18.44 -44.52
N ASN F 23 5.62 -19.76 -44.58
CA ASN F 23 5.40 -20.62 -43.39
C ASN F 23 6.00 -22.00 -43.67
N PRO F 24 7.14 -22.33 -43.03
CA PRO F 24 7.92 -23.52 -43.43
C PRO F 24 7.18 -24.86 -43.23
N ARG F 25 6.14 -24.89 -42.38
CA ARG F 25 5.38 -26.13 -42.04
C ARG F 25 4.39 -26.48 -43.17
N LEU F 26 4.10 -25.57 -44.11
CA LEU F 26 3.09 -25.78 -45.18
C LEU F 26 3.78 -26.18 -46.50
N ARG F 27 3.09 -27.01 -47.28
CA ARG F 27 3.48 -27.47 -48.64
C ARG F 27 2.56 -26.76 -49.64
N ALA F 28 2.84 -26.97 -50.93
CA ALA F 28 1.97 -26.55 -52.05
C ALA F 28 0.49 -26.90 -51.73
N ASN F 29 0.17 -28.18 -51.49
CA ASN F 29 -1.24 -28.66 -51.33
C ASN F 29 -1.94 -27.89 -50.22
N ASP F 30 -1.20 -27.49 -49.17
CA ASP F 30 -1.80 -26.79 -47.99
C ASP F 30 -2.20 -25.38 -48.41
N TRP F 31 -1.26 -24.62 -49.01
CA TRP F 31 -1.54 -23.28 -49.58
C TRP F 31 -2.69 -23.36 -50.56
N ARG F 32 -2.68 -24.37 -51.45
CA ARG F 32 -3.79 -24.60 -52.42
C ARG F 32 -5.11 -24.71 -51.64
N ALA F 33 -5.20 -25.56 -50.61
CA ALA F 33 -6.44 -25.78 -49.84
C ALA F 33 -6.79 -24.53 -48.99
N LEU F 34 -5.77 -23.80 -48.53
CA LEU F 34 -5.98 -22.57 -47.72
C LEU F 34 -6.78 -21.57 -48.57
N VAL F 35 -6.31 -21.36 -49.79
CA VAL F 35 -6.95 -20.43 -50.75
C VAL F 35 -8.27 -21.03 -51.24
N PHE F 36 -8.40 -22.35 -51.42
CA PHE F 36 -9.70 -22.96 -51.82
C PHE F 36 -10.74 -22.66 -50.75
N THR F 37 -10.35 -22.72 -49.47
CA THR F 37 -11.29 -22.49 -48.36
C THR F 37 -11.68 -21.02 -48.36
N ALA F 38 -10.70 -20.14 -48.54
CA ALA F 38 -10.96 -18.68 -48.64
C ALA F 38 -11.97 -18.47 -49.79
N LEU F 39 -11.67 -19.05 -50.95
CA LEU F 39 -12.49 -18.85 -52.16
C LEU F 39 -13.90 -19.36 -51.87
N GLU F 40 -14.05 -20.50 -51.19
CA GLU F 40 -15.38 -21.08 -50.86
C GLU F 40 -16.14 -20.15 -49.91
N ASN F 41 -15.44 -19.44 -49.03
CA ASN F 41 -16.11 -18.55 -48.05
C ASN F 41 -16.24 -17.17 -48.67
N GLY F 42 -15.99 -17.03 -49.96
CA GLY F 42 -16.33 -15.81 -50.73
C GLY F 42 -15.22 -14.77 -50.73
N VAL F 43 -14.05 -15.11 -50.18
CA VAL F 43 -12.89 -14.17 -50.15
C VAL F 43 -12.33 -14.15 -51.57
N ASN F 44 -12.16 -12.96 -52.15
CA ASN F 44 -11.61 -12.83 -53.51
C ASN F 44 -10.37 -11.93 -53.53
N SER F 45 -9.94 -11.37 -52.39
CA SER F 45 -8.78 -10.45 -52.30
C SER F 45 -7.67 -11.16 -51.51
N PHE F 46 -6.47 -11.23 -52.09
CA PHE F 46 -5.32 -11.90 -51.47
C PHE F 46 -4.12 -10.97 -51.55
N GLN F 47 -3.28 -11.06 -50.52
CA GLN F 47 -2.00 -10.33 -50.47
C GLN F 47 -0.93 -11.39 -50.28
N ILE F 48 -0.04 -11.53 -51.25
CA ILE F 48 1.08 -12.49 -51.14
C ILE F 48 2.22 -11.70 -50.52
N ASP F 49 2.72 -12.11 -49.36
CA ASP F 49 3.81 -11.46 -48.58
C ASP F 49 4.90 -12.52 -48.33
N GLY F 50 5.59 -12.93 -49.40
CA GLY F 50 6.44 -14.13 -49.39
C GLY F 50 6.73 -14.62 -50.79
N ASP F 51 7.82 -15.35 -50.97
CA ASP F 51 8.25 -15.85 -52.30
C ASP F 51 8.68 -17.34 -52.20
N ALA F 52 8.37 -18.05 -51.12
CA ALA F 52 8.71 -19.49 -51.00
C ALA F 52 8.12 -20.21 -52.20
N PRO F 53 8.94 -20.96 -52.98
CA PRO F 53 8.43 -21.60 -54.20
C PRO F 53 7.17 -22.43 -53.93
N GLU F 54 7.12 -23.10 -52.77
CA GLU F 54 5.96 -23.91 -52.28
C GLU F 54 4.69 -23.06 -52.28
N LEU F 55 4.78 -21.85 -51.73
CA LEU F 55 3.65 -20.88 -51.58
C LEU F 55 3.15 -20.43 -52.96
N LEU F 56 4.06 -20.04 -53.83
CA LEU F 56 3.70 -19.53 -55.17
C LEU F 56 3.08 -20.67 -55.98
N LYS F 57 3.59 -21.90 -55.87
CA LYS F 57 2.98 -23.02 -56.64
C LYS F 57 1.55 -23.20 -56.15
N GLY F 58 1.35 -23.29 -54.83
CA GLY F 58 0.05 -23.63 -54.25
C GLY F 58 -0.99 -22.55 -54.46
N ALA F 59 -0.62 -21.31 -54.12
CA ALA F 59 -1.46 -20.11 -54.32
C ALA F 59 -1.78 -19.98 -55.81
N GLY F 60 -0.76 -20.12 -56.65
CA GLY F 60 -0.88 -20.09 -58.12
C GLY F 60 -1.97 -21.03 -58.59
N GLU F 61 -1.89 -22.31 -58.23
CA GLU F 61 -2.89 -23.35 -58.65
C GLU F 61 -4.26 -22.88 -58.21
N ALA F 62 -4.44 -22.46 -56.96
CA ALA F 62 -5.79 -22.20 -56.41
C ALA F 62 -6.42 -21.02 -57.15
N PHE F 63 -5.63 -19.95 -57.40
CA PHE F 63 -6.07 -18.74 -58.14
C PHE F 63 -6.56 -19.17 -59.53
N ALA F 64 -5.83 -20.08 -60.18
CA ALA F 64 -6.18 -20.63 -61.51
C ALA F 64 -7.56 -21.30 -61.49
N SER F 65 -8.00 -21.84 -60.34
CA SER F 65 -9.31 -22.55 -60.22
C SER F 65 -10.45 -21.61 -60.62
N VAL F 66 -10.30 -20.29 -60.49
CA VAL F 66 -11.40 -19.36 -60.85
C VAL F 66 -10.86 -18.30 -61.82
N GLU F 67 -11.77 -17.53 -62.39
CA GLU F 67 -11.43 -16.57 -63.47
C GLU F 67 -10.66 -15.40 -62.87
N ARG F 68 -9.49 -15.10 -63.42
CA ARG F 68 -8.59 -13.98 -62.98
C ARG F 68 -9.38 -12.72 -62.62
N HIS F 69 -10.37 -12.34 -63.40
CA HIS F 69 -11.00 -11.02 -63.26
C HIS F 69 -11.90 -10.99 -62.02
N LEU F 70 -12.11 -12.12 -61.35
CA LEU F 70 -12.89 -12.20 -60.08
C LEU F 70 -11.99 -11.97 -58.87
N LEU F 71 -10.69 -11.85 -59.07
CA LEU F 71 -9.67 -11.84 -57.99
C LEU F 71 -9.04 -10.46 -57.93
N PHE F 72 -8.70 -10.01 -56.74
CA PHE F 72 -7.87 -8.83 -56.47
C PHE F 72 -6.57 -9.36 -55.85
N LEU F 73 -5.47 -9.32 -56.58
CA LEU F 73 -4.21 -9.90 -56.11
C LEU F 73 -3.25 -8.76 -55.90
N THR F 74 -2.82 -8.60 -54.67
CA THR F 74 -1.80 -7.64 -54.25
C THR F 74 -0.50 -8.39 -53.97
N TRP F 75 0.60 -7.86 -54.48
CA TRP F 75 1.95 -8.37 -54.16
C TRP F 75 2.64 -7.40 -53.21
N ARG F 76 2.99 -7.90 -52.04
CA ARG F 76 3.67 -7.07 -51.03
C ARG F 76 5.16 -7.12 -51.30
N LEU F 77 5.80 -5.97 -51.45
CA LEU F 77 7.22 -5.89 -51.85
C LEU F 77 7.96 -5.04 -50.81
N ARG F 78 8.75 -5.70 -49.96
CA ARG F 78 9.45 -5.05 -48.83
C ARG F 78 10.85 -4.62 -49.30
N GLY F 79 11.67 -4.17 -48.37
CA GLY F 79 12.99 -3.59 -48.63
C GLY F 79 12.93 -2.08 -48.56
N ASP F 80 14.04 -1.44 -48.18
CA ASP F 80 14.19 0.03 -48.34
C ASP F 80 13.80 0.30 -49.80
N ALA F 81 12.75 1.11 -49.95
CA ALA F 81 12.14 1.47 -51.25
C ALA F 81 13.14 2.31 -52.07
N LYS F 82 14.06 3.00 -51.40
CA LYS F 82 15.06 3.86 -52.08
C LYS F 82 16.10 3.02 -52.82
N GLN F 83 16.21 1.71 -52.57
CA GLN F 83 17.25 0.84 -53.19
C GLN F 83 16.63 -0.15 -54.20
N LEU F 84 15.35 0.01 -54.52
CA LEU F 84 14.66 -0.79 -55.59
C LEU F 84 15.27 -0.39 -56.94
N GLY F 85 15.33 -1.34 -57.87
CA GLY F 85 15.98 -1.17 -59.18
C GLY F 85 15.59 -2.31 -60.12
N PRO F 86 16.21 -2.39 -61.31
CA PRO F 86 15.90 -3.45 -62.28
C PRO F 86 15.92 -4.90 -61.74
N HIS F 87 16.85 -5.21 -60.81
CA HIS F 87 16.93 -6.51 -60.11
C HIS F 87 15.55 -6.80 -59.48
N THR F 88 14.91 -5.79 -58.91
CA THR F 88 13.60 -5.91 -58.26
C THR F 88 12.58 -6.36 -59.29
N LEU F 89 12.60 -5.76 -60.47
CA LEU F 89 11.60 -6.05 -61.53
C LEU F 89 11.83 -7.44 -62.09
N ASP F 90 13.09 -7.93 -62.06
CA ASP F 90 13.43 -9.30 -62.50
C ASP F 90 12.82 -10.30 -61.50
N ALA F 91 13.10 -10.09 -60.21
CA ALA F 91 12.53 -10.86 -59.07
C ALA F 91 10.99 -10.87 -59.18
N LEU F 92 10.44 -9.75 -59.59
CA LEU F 92 8.98 -9.56 -59.69
C LEU F 92 8.44 -10.38 -60.86
N LYS F 93 9.13 -10.42 -62.02
CA LYS F 93 8.69 -11.23 -63.18
C LYS F 93 8.74 -12.70 -62.74
N ARG F 94 9.74 -13.09 -61.94
CA ARG F 94 9.99 -14.51 -61.58
C ARG F 94 8.91 -14.95 -60.59
N SER F 95 8.76 -14.24 -59.49
CA SER F 95 7.93 -14.62 -58.34
C SER F 95 6.46 -14.32 -58.62
N ALA F 96 6.16 -13.05 -58.88
CA ALA F 96 4.77 -12.55 -58.87
C ALA F 96 4.06 -12.95 -60.15
N PHE F 97 4.75 -12.90 -61.31
CA PHE F 97 4.10 -13.11 -62.61
C PHE F 97 4.22 -14.59 -63.00
N GLU F 98 5.45 -15.11 -63.14
CA GLU F 98 5.70 -16.54 -63.51
C GLU F 98 5.31 -17.44 -62.35
N GLY F 99 5.84 -17.21 -61.14
CA GLY F 99 5.50 -17.99 -59.93
C GLY F 99 4.00 -18.17 -59.74
N LEU F 100 3.21 -17.08 -59.78
CA LEU F 100 1.76 -17.15 -59.50
C LEU F 100 0.95 -17.41 -60.76
N SER F 101 1.59 -17.42 -61.95
CA SER F 101 0.94 -17.65 -63.27
C SER F 101 -0.10 -16.55 -63.53
N LEU F 102 0.34 -15.30 -63.45
CA LEU F 102 -0.48 -14.08 -63.60
C LEU F 102 0.11 -13.25 -64.74
N ASP F 103 -0.69 -12.43 -65.42
CA ASP F 103 -0.08 -11.47 -66.38
C ASP F 103 -0.36 -10.04 -65.93
N TYR F 104 -1.11 -9.85 -64.86
CA TYR F 104 -1.24 -8.52 -64.21
C TYR F 104 -1.37 -8.71 -62.70
N LEU F 105 -0.89 -7.71 -61.99
CA LEU F 105 -1.18 -7.56 -60.54
C LEU F 105 -2.20 -6.46 -60.39
N ASP F 106 -3.19 -6.64 -59.51
CA ASP F 106 -4.15 -5.55 -59.23
C ASP F 106 -3.41 -4.44 -58.47
N LEU F 107 -2.48 -4.81 -57.62
CA LEU F 107 -1.74 -3.83 -56.79
C LEU F 107 -0.37 -4.36 -56.40
N LEU F 108 0.63 -3.49 -56.47
CA LEU F 108 1.97 -3.74 -55.92
C LEU F 108 2.12 -2.84 -54.70
N LEU F 109 2.29 -3.38 -53.50
CA LEU F 109 2.25 -2.59 -52.25
C LEU F 109 3.67 -2.53 -51.70
N ILE F 110 4.30 -1.35 -51.78
CA ILE F 110 5.72 -1.14 -51.35
C ILE F 110 5.73 -0.48 -49.98
N ASN F 111 6.93 -0.39 -49.41
CA ASN F 111 7.11 0.44 -48.20
C ASN F 111 7.12 1.92 -48.57
N ASP F 112 6.52 2.75 -47.73
CA ASP F 112 6.76 4.22 -47.76
C ASP F 112 8.28 4.45 -47.90
N PRO F 113 8.74 5.08 -48.97
CA PRO F 113 10.14 5.47 -49.09
C PRO F 113 10.53 6.77 -48.38
N GLN F 114 9.58 7.45 -47.72
CA GLN F 114 9.79 8.72 -46.96
C GLN F 114 10.57 9.67 -47.86
N SER F 115 9.91 10.08 -48.95
CA SER F 115 10.49 10.77 -50.12
C SER F 115 9.33 11.05 -51.10
N ALA F 116 9.34 12.15 -51.85
CA ALA F 116 8.32 12.44 -52.87
C ALA F 116 8.56 11.52 -54.08
N SER F 117 9.76 10.93 -54.17
CA SER F 117 10.27 10.23 -55.38
C SER F 117 10.50 8.74 -55.10
N LEU F 118 10.39 7.93 -56.17
CA LEU F 118 10.88 6.54 -56.26
C LEU F 118 12.17 6.58 -57.08
N PRO F 119 13.03 5.55 -57.00
CA PRO F 119 14.21 5.47 -57.87
C PRO F 119 13.90 5.49 -59.38
N MSE F 120 14.64 6.27 -60.14
CA MSE F 120 14.57 6.48 -61.62
C MSE F 120 14.13 5.15 -62.31
O MSE F 120 13.01 5.10 -62.90
CB MSE F 120 15.98 6.89 -62.13
CG MSE F 120 16.32 8.34 -62.75
SE MSE F 120 15.71 10.16 -62.07
CE MSE F 120 13.78 10.04 -61.53
N ALA F 121 14.98 4.13 -62.25
CA ALA F 121 14.89 2.91 -63.07
C ALA F 121 13.67 2.10 -62.67
N PHE F 122 13.42 2.03 -61.36
CA PHE F 122 12.25 1.33 -60.77
C PHE F 122 10.95 1.95 -61.30
N GLU F 123 10.81 3.28 -61.19
CA GLU F 123 9.58 4.00 -61.63
C GLU F 123 9.36 3.78 -63.12
N SER F 124 10.43 3.81 -63.89
CA SER F 124 10.42 3.57 -65.35
C SER F 124 9.80 2.19 -65.61
N GLY F 125 10.29 1.17 -64.88
CA GLY F 125 9.83 -0.22 -64.97
C GLY F 125 8.36 -0.34 -64.64
N LEU F 126 7.91 0.38 -63.61
CA LEU F 126 6.50 0.35 -63.17
C LEU F 126 5.67 0.98 -64.28
N GLN F 127 6.14 2.11 -64.80
CA GLN F 127 5.44 2.86 -65.86
C GLN F 127 5.27 1.93 -67.05
N ASP F 128 6.29 1.16 -67.41
CA ASP F 128 6.22 0.17 -68.52
C ASP F 128 5.17 -0.90 -68.18
N LEU F 129 5.24 -1.51 -66.97
CA LEU F 129 4.26 -2.54 -66.54
C LEU F 129 2.84 -1.99 -66.67
N GLN F 130 2.62 -0.71 -66.37
CA GLN F 130 1.26 -0.10 -66.43
C GLN F 130 0.90 0.12 -67.89
N LYS F 131 1.77 0.71 -68.69
CA LYS F 131 1.53 0.90 -70.14
C LYS F 131 1.12 -0.44 -70.74
N GLY F 132 1.69 -1.55 -70.27
CA GLY F 132 1.36 -2.91 -70.79
C GLY F 132 0.22 -3.57 -70.06
N ARG F 133 -0.50 -2.87 -69.17
CA ARG F 133 -1.65 -3.44 -68.40
C ARG F 133 -1.28 -4.69 -67.58
N ALA F 134 -0.07 -4.69 -67.00
CA ALA F 134 0.40 -5.73 -66.07
C ALA F 134 0.35 -5.27 -64.60
N LEU F 135 0.12 -3.97 -64.35
CA LEU F 135 0.06 -3.41 -62.99
C LEU F 135 -1.01 -2.32 -62.92
N ARG F 136 -2.13 -2.58 -62.21
CA ARG F 136 -3.24 -1.61 -62.15
C ARG F 136 -2.95 -0.46 -61.17
N GLY F 137 -2.08 -0.65 -60.19
CA GLY F 137 -1.82 0.39 -59.21
C GLY F 137 -0.64 0.07 -58.33
N LEU F 138 0.01 1.12 -57.83
CA LEU F 138 1.02 1.07 -56.76
C LEU F 138 0.32 1.48 -55.46
N GLY F 139 0.54 0.73 -54.41
CA GLY F 139 0.07 1.09 -53.05
C GLY F 139 1.26 1.37 -52.15
N VAL F 140 1.05 2.16 -51.12
CA VAL F 140 2.11 2.50 -50.15
C VAL F 140 1.61 2.10 -48.77
N ALA F 141 2.44 1.34 -48.05
CA ALA F 141 2.16 0.99 -46.64
C ALA F 141 2.87 2.00 -45.75
N SER F 142 2.18 2.50 -44.73
CA SER F 142 2.74 3.54 -43.85
C SER F 142 2.03 3.48 -42.51
N ARG F 143 2.69 4.01 -41.49
CA ARG F 143 2.14 4.22 -40.12
C ARG F 143 2.31 5.72 -39.81
N GLY F 144 2.72 6.49 -40.84
CA GLY F 144 2.81 7.94 -40.82
C GLY F 144 2.19 8.58 -42.04
N ASP F 145 2.42 9.89 -42.19
CA ASP F 145 1.89 10.72 -43.30
C ASP F 145 2.81 10.52 -44.49
N ILE F 146 2.26 10.05 -45.61
CA ILE F 146 3.08 9.81 -46.82
C ILE F 146 3.34 11.15 -47.49
N ASP F 147 4.54 11.34 -48.04
CA ASP F 147 4.88 12.58 -48.77
C ASP F 147 3.76 12.84 -49.78
N PRO F 148 3.17 14.06 -49.81
CA PRO F 148 2.07 14.33 -50.75
C PRO F 148 2.49 14.26 -52.22
N GLY F 149 3.78 14.45 -52.49
CA GLY F 149 4.37 14.39 -53.84
C GLY F 149 4.23 12.99 -54.40
N LEU F 150 4.35 12.00 -53.52
CA LEU F 150 4.24 10.56 -53.86
C LEU F 150 2.76 10.23 -54.08
N LEU F 151 1.86 10.64 -53.18
CA LEU F 151 0.40 10.33 -53.28
C LEU F 151 -0.16 10.92 -54.58
N ALA F 152 0.35 12.09 -54.98
CA ALA F 152 -0.10 12.79 -56.20
C ALA F 152 0.35 12.00 -57.43
N ASN F 153 1.43 11.22 -57.34
CA ASN F 153 1.85 10.35 -58.47
C ASN F 153 0.64 9.53 -58.96
N ASP F 154 0.45 9.51 -60.29
CA ASP F 154 -0.67 8.79 -60.96
C ASP F 154 -0.60 7.30 -60.61
N LEU F 155 0.61 6.74 -60.48
CA LEU F 155 0.87 5.33 -60.13
C LEU F 155 0.17 4.96 -58.81
N VAL F 156 0.12 5.88 -57.86
CA VAL F 156 -0.27 5.52 -56.48
C VAL F 156 -1.79 5.64 -56.33
N THR F 157 -2.45 4.49 -56.21
CA THR F 157 -3.92 4.39 -56.09
C THR F 157 -4.34 3.90 -54.69
N ALA F 158 -3.43 3.50 -53.81
CA ALA F 158 -3.92 2.91 -52.54
C ALA F 158 -2.94 3.11 -51.40
N VAL F 159 -3.45 3.03 -50.17
CA VAL F 159 -2.59 3.07 -48.96
C VAL F 159 -3.03 1.93 -48.07
N SER F 160 -2.06 1.37 -47.37
CA SER F 160 -2.33 0.35 -46.34
C SER F 160 -1.84 0.94 -45.03
N SER F 161 -2.70 0.96 -44.04
CA SER F 161 -2.39 1.60 -42.75
C SER F 161 -3.12 0.84 -41.64
N PRO F 162 -2.63 0.86 -40.39
CA PRO F 162 -3.25 0.04 -39.35
C PRO F 162 -4.51 0.81 -38.95
N TYR F 163 -5.61 0.10 -38.72
CA TYR F 163 -6.83 0.64 -38.07
C TYR F 163 -7.44 -0.47 -37.22
N ASN F 164 -7.69 -0.15 -35.94
CA ASN F 164 -8.29 -0.99 -34.86
C ASN F 164 -8.86 -0.05 -33.78
N LEU F 165 -9.65 -0.55 -32.85
CA LEU F 165 -10.31 0.36 -31.87
C LEU F 165 -9.30 0.96 -30.85
N SER F 166 -8.01 0.65 -30.98
CA SER F 166 -6.88 1.31 -30.25
C SER F 166 -6.46 2.57 -31.01
N SER F 167 -6.91 2.75 -32.26
CA SER F 167 -6.19 3.62 -33.20
C SER F 167 -6.17 5.05 -32.62
N GLY F 168 -5.02 5.71 -32.73
CA GLY F 168 -4.78 7.17 -32.56
C GLY F 168 -5.83 8.06 -33.21
N TRP F 169 -5.75 9.36 -32.98
CA TRP F 169 -6.62 10.33 -33.71
C TRP F 169 -5.99 10.53 -35.10
N ALA F 170 -4.69 10.88 -35.17
CA ALA F 170 -4.00 11.22 -36.44
C ALA F 170 -4.17 10.09 -37.46
N GLU F 171 -4.24 8.83 -36.99
CA GLU F 171 -4.49 7.61 -37.80
C GLU F 171 -5.92 7.61 -38.36
N ARG F 172 -6.90 7.64 -37.48
CA ARG F 172 -8.36 7.66 -37.83
C ARG F 172 -8.63 8.67 -38.94
N HIS F 173 -7.92 9.80 -38.88
CA HIS F 173 -8.02 10.96 -39.79
C HIS F 173 -7.31 10.63 -41.12
N ARG F 174 -6.06 10.14 -41.07
CA ARG F 174 -5.24 9.80 -42.26
C ARG F 174 -6.06 8.89 -43.18
N ILE F 175 -6.73 7.86 -42.65
CA ILE F 175 -7.42 6.87 -43.54
C ILE F 175 -8.76 7.45 -44.04
N ARG F 176 -9.48 8.25 -43.25
CA ARG F 176 -10.73 8.83 -43.79
C ARG F 176 -10.33 9.89 -44.86
N GLN F 177 -9.26 10.66 -44.62
CA GLN F 177 -8.74 11.71 -45.55
C GLN F 177 -8.41 11.04 -46.88
N ALA F 178 -7.69 9.91 -46.81
CA ALA F 178 -7.27 9.16 -47.99
C ALA F 178 -8.51 8.70 -48.73
N SER F 179 -9.44 8.07 -48.03
CA SER F 179 -10.64 7.44 -48.62
C SER F 179 -11.49 8.53 -49.28
N GLN F 180 -11.57 9.72 -48.69
CA GLN F 180 -12.40 10.76 -49.30
C GLN F 180 -11.67 11.36 -50.51
N ASN F 181 -10.35 11.20 -50.61
CA ASN F 181 -9.61 11.62 -51.84
C ASN F 181 -9.49 10.49 -52.86
N ASN F 182 -10.29 9.40 -52.72
CA ASN F 182 -10.42 8.30 -53.73
C ASN F 182 -9.13 7.46 -53.83
N PHE F 183 -8.43 7.33 -52.70
CA PHE F 183 -7.45 6.27 -52.45
C PHE F 183 -8.19 5.10 -51.83
N ALA F 184 -7.90 3.91 -52.32
CA ALA F 184 -8.35 2.68 -51.65
C ALA F 184 -7.56 2.62 -50.35
N VAL F 185 -8.22 2.11 -49.30
CA VAL F 185 -7.55 1.95 -47.99
C VAL F 185 -7.70 0.51 -47.55
N ILE F 186 -6.56 -0.14 -47.33
CA ILE F 186 -6.53 -1.51 -46.78
C ILE F 186 -6.22 -1.31 -45.31
N GLY F 187 -7.01 -1.98 -44.44
CA GLY F 187 -6.83 -1.94 -42.99
C GLY F 187 -5.91 -3.04 -42.51
N GLU F 188 -4.90 -2.65 -41.75
CA GLU F 188 -3.91 -3.56 -41.11
C GLU F 188 -4.20 -3.66 -39.59
N ASP F 189 -3.85 -4.77 -38.99
CA ASP F 189 -3.66 -4.91 -37.53
C ASP F 189 -4.98 -4.70 -36.77
N PHE F 190 -6.00 -5.44 -37.12
CA PHE F 190 -7.35 -5.26 -36.51
C PHE F 190 -7.29 -5.70 -35.04
N TRP F 191 -6.34 -6.57 -34.70
CA TRP F 191 -6.16 -7.21 -33.38
C TRP F 191 -4.77 -6.91 -32.84
N PRO F 192 -4.43 -5.63 -32.56
CA PRO F 192 -3.05 -5.21 -32.28
C PRO F 192 -2.50 -5.68 -30.91
N GLN F 193 -1.20 -5.42 -30.70
CA GLN F 193 -0.39 -6.01 -29.60
C GLN F 193 -0.89 -5.44 -28.28
N ALA F 194 -0.98 -4.11 -28.21
CA ALA F 194 -1.51 -3.39 -27.03
C ALA F 194 -2.71 -4.13 -26.41
N LEU F 195 -3.62 -4.70 -27.18
CA LEU F 195 -4.82 -5.37 -26.59
C LEU F 195 -4.65 -6.88 -26.46
N ARG F 196 -3.46 -7.41 -26.21
CA ARG F 196 -3.32 -8.82 -25.72
C ARG F 196 -2.45 -8.78 -24.43
N GLU F 197 -2.89 -9.48 -23.37
CA GLU F 197 -2.24 -9.49 -22.01
C GLU F 197 -2.37 -10.92 -21.40
N VAL F 198 -2.82 -11.11 -20.14
CA VAL F 198 -3.03 -12.48 -19.56
C VAL F 198 -4.38 -13.03 -20.05
N LYS F 206 6.61 -12.73 -21.69
CA LYS F 206 6.91 -13.12 -23.09
C LYS F 206 8.00 -12.17 -23.66
N PRO F 207 8.47 -12.30 -24.92
CA PRO F 207 9.32 -11.25 -25.51
C PRO F 207 8.50 -9.97 -25.80
N SER F 208 8.00 -9.75 -27.04
CA SER F 208 7.14 -8.59 -27.42
C SER F 208 7.93 -7.35 -27.86
N PHE F 209 7.94 -7.06 -29.16
CA PHE F 209 8.69 -5.96 -29.83
C PHE F 209 7.87 -4.67 -29.88
N TRP F 210 8.54 -3.52 -29.71
CA TRP F 210 7.96 -2.16 -29.71
C TRP F 210 8.92 -1.22 -30.45
N GLN F 211 9.24 -1.48 -31.73
CA GLN F 211 10.22 -0.67 -32.50
C GLN F 211 9.48 0.25 -33.49
N ARG F 212 8.15 0.30 -33.46
CA ARG F 212 7.37 1.19 -34.36
C ARG F 212 7.36 2.61 -33.78
N ARG F 213 7.63 3.65 -34.61
CA ARG F 213 7.72 5.03 -34.07
C ARG F 213 6.39 5.39 -33.37
N THR F 214 5.24 4.82 -33.74
CA THR F 214 3.94 5.13 -33.08
C THR F 214 3.78 4.40 -31.72
N ASP F 215 4.74 3.58 -31.29
CA ASP F 215 4.50 2.60 -30.19
C ASP F 215 4.56 3.27 -28.81
N PRO F 216 5.65 4.01 -28.47
CA PRO F 216 5.81 4.56 -27.12
C PRO F 216 4.59 5.35 -26.60
N LEU F 217 3.94 6.12 -27.49
CA LEU F 217 2.64 6.82 -27.30
C LEU F 217 1.48 5.86 -27.61
N ALA F 218 0.80 5.31 -26.58
CA ALA F 218 -0.47 4.53 -26.66
C ALA F 218 -1.02 4.13 -25.27
N ASP F 219 -2.27 4.52 -24.90
CA ASP F 219 -2.94 4.11 -23.66
C ASP F 219 -3.58 2.70 -23.87
N VAL F 220 -3.90 1.98 -22.79
CA VAL F 220 -4.55 0.62 -22.79
C VAL F 220 -5.57 0.55 -21.63
N GLY F 221 -6.34 1.61 -21.44
CA GLY F 221 -7.39 1.65 -20.40
C GLY F 221 -8.79 1.60 -20.97
N GLY F 222 -9.61 0.67 -20.44
CA GLY F 222 -11.08 0.67 -20.57
C GLY F 222 -11.60 -0.45 -21.47
N TYR F 223 -10.70 -1.26 -22.05
CA TYR F 223 -11.09 -2.26 -23.08
C TYR F 223 -11.39 -3.61 -22.41
N GLU F 224 -11.57 -3.63 -21.09
CA GLU F 224 -11.89 -4.87 -20.32
C GLU F 224 -13.18 -5.50 -20.84
N PHE F 225 -14.17 -4.73 -21.30
CA PHE F 225 -15.45 -5.26 -21.86
C PHE F 225 -15.17 -6.27 -23.00
N LEU F 226 -13.95 -6.28 -23.59
CA LEU F 226 -13.62 -7.15 -24.74
C LEU F 226 -13.72 -8.62 -24.31
N THR F 227 -13.42 -8.88 -23.03
CA THR F 227 -13.40 -10.21 -22.39
C THR F 227 -14.80 -10.60 -21.93
N ASN F 228 -15.57 -9.63 -21.39
CA ASN F 228 -16.85 -9.91 -20.67
C ASN F 228 -18.06 -9.53 -21.53
N THR F 229 -18.08 -10.01 -22.77
CA THR F 229 -19.24 -9.93 -23.70
C THR F 229 -19.68 -11.36 -24.05
N PRO F 230 -20.78 -11.87 -23.47
CA PRO F 230 -21.18 -13.26 -23.70
C PRO F 230 -21.40 -13.59 -25.19
N GLY F 231 -20.80 -14.70 -25.66
CA GLY F 231 -20.97 -15.23 -27.01
C GLY F 231 -19.91 -14.74 -27.97
N TRP F 232 -18.97 -13.90 -27.51
CA TRP F 232 -17.92 -13.23 -28.32
C TRP F 232 -16.53 -13.34 -27.67
N SER F 233 -15.51 -13.70 -28.47
CA SER F 233 -14.06 -13.50 -28.18
C SER F 233 -13.66 -12.04 -28.45
N ALA F 234 -12.63 -11.54 -27.76
CA ALA F 234 -12.00 -10.23 -28.00
C ALA F 234 -11.52 -10.11 -29.46
N GLU F 235 -10.89 -11.14 -30.03
CA GLU F 235 -10.42 -11.10 -31.45
C GLU F 235 -11.68 -10.80 -32.32
N ASP F 236 -12.76 -11.56 -32.14
CA ASP F 236 -13.99 -11.46 -32.98
C ASP F 236 -14.58 -10.05 -32.88
N ILE F 237 -14.60 -9.45 -31.71
CA ILE F 237 -15.11 -8.06 -31.51
C ILE F 237 -14.20 -7.10 -32.30
N CYS F 238 -12.91 -7.18 -32.11
CA CYS F 238 -11.93 -6.24 -32.73
C CYS F 238 -12.06 -6.16 -34.27
N LEU F 239 -12.38 -7.33 -34.88
CA LEU F 239 -12.54 -7.54 -36.34
C LEU F 239 -13.90 -7.01 -36.78
N GLY F 240 -14.95 -7.46 -36.09
CA GLY F 240 -16.33 -6.98 -36.28
C GLY F 240 -16.36 -5.47 -36.28
N TYR F 241 -15.54 -4.84 -35.44
CA TYR F 241 -15.44 -3.37 -35.32
C TYR F 241 -14.76 -2.81 -36.54
N ALA F 242 -13.65 -3.40 -36.95
CA ALA F 242 -12.90 -2.94 -38.14
C ALA F 242 -13.82 -3.04 -39.37
N LEU F 243 -14.68 -4.04 -39.39
CA LEU F 243 -15.60 -4.28 -40.53
C LEU F 243 -16.73 -3.25 -40.57
N THR F 244 -16.92 -2.41 -39.56
CA THR F 244 -18.01 -1.40 -39.58
C THR F 244 -17.40 -0.08 -40.05
N GLU F 245 -16.08 0.06 -40.07
CA GLU F 245 -15.45 1.32 -40.47
C GLU F 245 -15.66 1.46 -41.98
N PRO F 246 -16.51 2.41 -42.42
CA PRO F 246 -16.84 2.46 -43.86
C PRO F 246 -15.72 2.97 -44.78
N SER F 247 -14.67 3.64 -44.26
CA SER F 247 -13.60 4.25 -45.08
C SER F 247 -12.56 3.19 -45.55
N LEU F 248 -12.62 1.98 -44.99
CA LEU F 248 -11.75 0.86 -45.40
C LEU F 248 -12.40 0.13 -46.57
N ALA F 249 -11.65 0.01 -47.67
CA ALA F 249 -12.05 -0.90 -48.76
C ALA F 249 -12.11 -2.32 -48.24
N THR F 250 -11.12 -2.74 -47.45
CA THR F 250 -11.07 -4.12 -46.90
C THR F 250 -10.18 -4.15 -45.68
N VAL F 251 -10.31 -5.20 -44.88
CA VAL F 251 -9.52 -5.47 -43.66
C VAL F 251 -8.58 -6.63 -43.93
N ARG F 252 -7.27 -6.44 -43.77
CA ARG F 252 -6.30 -7.54 -43.96
C ARG F 252 -6.36 -8.48 -42.76
N VAL F 253 -6.40 -9.78 -43.00
CA VAL F 253 -6.24 -10.78 -41.94
C VAL F 253 -5.17 -11.78 -42.38
N THR F 254 -4.54 -12.45 -41.41
CA THR F 254 -3.58 -13.57 -41.66
C THR F 254 -4.12 -14.85 -41.04
N ALA F 255 -4.14 -15.99 -41.72
CA ALA F 255 -4.83 -17.17 -41.13
C ALA F 255 -4.12 -18.48 -41.52
N ASP F 256 -4.08 -19.48 -40.64
CA ASP F 256 -3.11 -20.62 -40.73
C ASP F 256 -3.76 -21.87 -41.35
N ASN F 257 -5.06 -22.05 -41.12
CA ASN F 257 -5.77 -23.34 -41.36
C ASN F 257 -7.19 -23.01 -41.81
N ARG F 258 -7.88 -23.99 -42.38
CA ARG F 258 -9.28 -23.86 -42.86
C ARG F 258 -10.19 -23.28 -41.78
N GLN F 259 -10.22 -23.87 -40.58
CA GLN F 259 -11.28 -23.52 -39.60
C GLN F 259 -11.06 -22.07 -39.15
N GLU F 260 -9.82 -21.58 -39.13
CA GLU F 260 -9.53 -20.17 -38.78
C GLU F 260 -10.14 -19.23 -39.85
N ILE F 261 -10.02 -19.58 -41.13
CA ILE F 261 -10.66 -18.82 -42.24
C ILE F 261 -12.16 -18.78 -41.99
N GLU F 262 -12.80 -19.95 -41.92
CA GLU F 262 -14.28 -20.15 -41.73
C GLU F 262 -14.77 -19.26 -40.57
N ARG F 263 -14.07 -19.26 -39.43
CA ARG F 263 -14.47 -18.45 -38.23
C ARG F 263 -14.35 -16.95 -38.57
N LEU F 264 -13.29 -16.54 -39.25
CA LEU F 264 -13.07 -15.11 -39.64
C LEU F 264 -14.17 -14.66 -40.62
N ALA F 265 -14.56 -15.52 -41.56
CA ALA F 265 -15.68 -15.27 -42.50
C ALA F 265 -17.01 -15.12 -41.75
N ALA F 266 -17.33 -16.02 -40.80
CA ALA F 266 -18.51 -15.96 -39.90
C ALA F 266 -18.68 -14.54 -39.35
N VAL F 267 -17.58 -13.87 -38.94
CA VAL F 267 -17.65 -12.55 -38.23
C VAL F 267 -18.26 -11.48 -39.14
N VAL F 268 -18.06 -11.60 -40.46
CA VAL F 268 -18.54 -10.61 -41.47
C VAL F 268 -20.07 -10.51 -41.39
N GLU F 269 -20.73 -11.64 -41.14
CA GLU F 269 -22.18 -11.87 -41.37
C GLU F 269 -22.88 -11.91 -40.00
N ARG F 270 -22.11 -11.80 -38.90
CA ARG F 270 -22.62 -11.50 -37.54
C ARG F 270 -22.73 -9.98 -37.37
N ASP F 271 -23.67 -9.54 -36.52
CA ASP F 271 -23.85 -8.11 -36.14
C ASP F 271 -23.12 -7.86 -34.82
N LEU F 272 -22.48 -6.69 -34.69
CA LEU F 272 -21.88 -6.24 -33.41
C LEU F 272 -22.92 -6.45 -32.31
N PRO F 273 -22.52 -6.91 -31.11
CA PRO F 273 -23.44 -6.89 -29.95
C PRO F 273 -23.96 -5.47 -29.68
N THR F 274 -25.10 -5.34 -29.01
CA THR F 274 -25.98 -4.13 -29.11
C THR F 274 -25.23 -2.89 -28.54
N GLY F 275 -24.61 -3.00 -27.35
CA GLY F 275 -24.07 -1.83 -26.64
C GLY F 275 -22.62 -1.51 -26.93
N VAL F 276 -21.96 -2.14 -27.91
CA VAL F 276 -20.48 -2.08 -28.07
C VAL F 276 -20.01 -0.68 -28.46
N CYS F 277 -20.67 -0.07 -29.44
CA CYS F 277 -20.26 1.25 -29.98
C CYS F 277 -20.16 2.21 -28.78
N ALA F 278 -21.20 2.26 -27.96
CA ALA F 278 -21.22 3.03 -26.70
C ALA F 278 -19.97 2.78 -25.84
N GLN F 279 -19.61 1.52 -25.57
CA GLN F 279 -18.47 1.17 -24.68
C GLN F 279 -17.12 1.62 -25.29
N ILE F 280 -16.99 1.59 -26.62
CA ILE F 280 -15.75 2.04 -27.30
C ILE F 280 -15.52 3.53 -27.00
N GLU F 281 -16.62 4.28 -26.91
CA GLU F 281 -16.57 5.73 -26.58
C GLU F 281 -16.09 5.87 -25.14
N MSE F 282 -16.70 5.12 -24.19
CA MSE F 282 -16.35 5.13 -22.73
C MSE F 282 -14.84 4.95 -22.59
O MSE F 282 -14.19 5.72 -21.84
CB MSE F 282 -17.11 4.01 -22.01
CG MSE F 282 -17.81 4.33 -20.70
SE MSE F 282 -17.34 6.05 -19.89
CE MSE F 282 -18.69 6.63 -18.56
N ALA F 283 -14.25 3.99 -23.31
CA ALA F 283 -12.84 3.59 -23.22
C ALA F 283 -11.93 4.67 -23.84
N ARG F 284 -12.34 5.29 -24.95
CA ARG F 284 -11.56 6.35 -25.63
C ARG F 284 -11.63 7.65 -24.83
N PHE F 285 -12.70 7.87 -24.04
CA PHE F 285 -12.90 9.07 -23.18
C PHE F 285 -12.07 8.89 -21.88
N SER F 286 -11.71 7.65 -21.54
CA SER F 286 -10.72 7.34 -20.46
C SER F 286 -9.28 7.46 -21.02
N ALA F 287 -9.05 6.95 -22.25
CA ALA F 287 -7.80 7.17 -23.04
C ALA F 287 -7.40 8.65 -23.04
N GLN F 288 -8.36 9.57 -23.26
CA GLN F 288 -8.06 11.01 -23.51
C GLN F 288 -8.07 11.78 -22.17
N GLU F 289 -8.57 11.25 -21.05
CA GLU F 289 -8.37 11.72 -19.63
C GLU F 289 -6.90 11.55 -19.16
N ARG F 290 -6.00 10.94 -19.97
CA ARG F 290 -4.53 10.75 -19.75
C ARG F 290 -3.76 11.19 -21.02
N GLU F 291 -3.67 12.51 -21.29
CA GLU F 291 -3.08 13.13 -22.53
C GLU F 291 -2.76 14.61 -22.27
P1 C2E G . 32.51 -30.73 -21.83
O2P C2E G . 33.30 -29.96 -20.82
O1P C2E G . 31.03 -30.68 -21.80
O5' C2E G . 32.87 -30.41 -23.34
C5' C2E G . 31.96 -31.14 -24.21
C4' C2E G . 32.53 -31.18 -25.61
O4' C2E G . 32.65 -29.83 -26.11
C3' C2E G . 33.94 -31.72 -25.72
O3' C2E G . 33.91 -33.11 -25.79
C2' C2E G . 34.37 -31.13 -27.04
O2' C2E G . 33.95 -31.90 -28.14
C1' C2E G . 33.77 -29.73 -26.95
N9 C2E G . 34.64 -28.74 -26.35
C8 C2E G . 34.66 -28.37 -25.04
N7 C2E G . 35.56 -27.45 -24.75
C5 C2E G . 36.18 -27.22 -25.97
C6 C2E G . 37.22 -26.34 -26.30
O6 C2E G . 37.84 -25.55 -25.60
N1 C2E G . 37.56 -26.43 -27.63
C2 C2E G . 37.02 -27.28 -28.54
N2 C2E G . 37.56 -27.20 -29.75
N3 C2E G . 36.00 -28.10 -28.26
C4 C2E G . 35.63 -28.02 -26.96
P11 C2E G . 35.26 -33.94 -25.70
O21 C2E G . 36.28 -33.08 -26.39
O11 C2E G . 34.98 -35.33 -26.16
O5A C2E G . 35.44 -33.95 -24.11
C5A C2E G . 34.30 -34.37 -23.36
C4A C2E G . 34.53 -33.99 -21.92
O4A C2E G . 35.83 -34.47 -21.45
C3A C2E G . 34.50 -32.48 -21.62
O3A C2E G . 33.13 -32.16 -21.52
C2A C2E G . 35.29 -32.46 -20.32
O2A C2E G . 34.50 -32.93 -19.24
C1A C2E G . 36.36 -33.52 -20.55
N91 C2E G . 37.58 -32.95 -21.12
C81 C2E G . 37.97 -33.02 -22.45
N71 C2E G . 39.08 -32.39 -22.69
C51 C2E G . 39.42 -31.81 -21.46
C61 C2E G . 40.52 -30.98 -21.12
O61 C2E G . 41.47 -30.56 -21.83
N11 C2E G . 40.46 -30.64 -19.79
C21 C2E G . 39.49 -30.99 -18.90
N21 C2E G . 39.67 -30.51 -17.66
N31 C2E G . 38.46 -31.78 -19.20
C41 C2E G . 38.50 -32.14 -20.49
P1 C2E H . 40.21 -23.51 -28.40
O2P C2E H . 39.11 -24.48 -28.73
O1P C2E H . 41.01 -22.58 -29.29
O5' C2E H . 39.54 -22.60 -27.30
C5' C2E H . 40.36 -21.59 -26.72
C4' C2E H . 39.67 -21.05 -25.50
O4' C2E H . 38.33 -20.67 -25.86
C3' C2E H . 39.55 -22.04 -24.38
O3' C2E H . 40.71 -22.05 -23.64
C2' C2E H . 38.40 -21.43 -23.59
O2' C2E H . 38.67 -20.40 -22.65
C1' C2E H . 37.50 -20.97 -24.75
N9 C2E H . 36.54 -22.01 -25.12
C8 C2E H . 36.47 -22.69 -26.31
N7 C2E H . 35.51 -23.57 -26.37
C5 C2E H . 34.86 -23.41 -25.15
C6 C2E H . 33.73 -24.11 -24.64
O6 C2E H . 33.07 -25.01 -25.17
N1 C2E H . 33.36 -23.63 -23.39
C2 C2E H . 34.03 -22.65 -22.71
N2 C2E H . 33.56 -22.38 -21.50
N3 C2E H . 35.14 -22.05 -23.15
C4 C2E H . 35.48 -22.47 -24.38
P11 C2E H . 41.10 -23.33 -22.73
O21 C2E H . 39.90 -23.66 -21.88
O11 C2E H . 42.52 -23.29 -22.22
O5A C2E H . 41.35 -24.33 -23.95
C5A C2E H . 42.49 -24.25 -24.82
C4A C2E H . 42.37 -25.30 -25.87
O4A C2E H . 42.29 -26.63 -25.29
C3A C2E H . 41.12 -25.17 -26.70
O3A C2E H . 41.41 -24.29 -27.71
C2A C2E H . 40.98 -26.58 -27.25
O2A C2E H . 41.89 -26.84 -28.29
C1A C2E H . 41.44 -27.44 -26.07
N91 C2E H . 40.35 -27.95 -25.26
C81 C2E H . 40.06 -27.62 -23.97
N71 C2E H . 39.07 -28.31 -23.46
C51 C2E H . 38.70 -29.14 -24.50
C61 C2E H . 37.69 -30.13 -24.57
O61 C2E H . 36.87 -30.46 -23.70
N11 C2E H . 37.67 -30.77 -25.80
C21 C2E H . 38.49 -30.47 -26.84
N21 C2E H . 38.35 -31.18 -27.96
N31 C2E H . 39.46 -29.56 -26.76
C41 C2E H . 39.49 -28.93 -25.58
MG MG I . 26.30 -6.26 -23.33
P1 C2E J . 25.87 -12.66 22.66
O2P C2E J . 26.58 -12.02 21.47
O1P C2E J . 25.92 -14.16 22.61
O5' C2E J . 26.52 -12.20 24.06
C5' C2E J . 25.88 -12.67 25.27
C4' C2E J . 26.30 -11.83 26.46
O4' C2E J . 27.74 -11.54 26.50
C3' C2E J . 25.65 -10.47 26.45
O3' C2E J . 24.33 -10.73 26.85
C2' C2E J . 26.57 -9.72 27.40
O2' C2E J . 26.36 -10.21 28.70
C1' C2E J . 27.92 -10.23 27.02
N9 C2E J . 28.57 -9.43 26.01
C8 C2E J . 28.71 -9.79 24.70
N7 C2E J . 29.34 -8.88 24.00
C5 C2E J . 29.70 -7.93 24.92
C6 C2E J . 30.45 -6.74 24.76
O6 C2E J . 30.97 -6.29 23.73
N1 C2E J . 30.59 -6.08 25.99
C2 C2E J . 30.05 -6.41 27.19
N2 C2E J . 30.32 -5.58 28.21
N3 C2E J . 29.35 -7.53 27.35
C4 C2E J . 29.22 -8.24 26.18
P11 C2E J . 23.21 -9.64 26.66
O21 C2E J . 23.78 -8.30 26.89
O11 C2E J . 22.05 -10.14 27.51
O5A C2E J . 22.91 -9.78 25.10
C5A C2E J . 22.31 -11.03 24.66
C4A C2E J . 22.39 -11.17 23.16
O4A C2E J . 21.66 -10.13 22.46
C3A C2E J . 23.79 -11.07 22.62
O3A C2E J . 24.30 -12.35 22.85
C2A C2E J . 23.48 -10.80 21.17
O2A C2E J . 23.05 -12.03 20.60
C1A C2E J . 22.38 -9.74 21.33
N91 C2E J . 22.87 -8.39 21.54
C81 C2E J . 22.94 -7.73 22.74
N71 C2E J . 23.38 -6.49 22.65
C51 C2E J . 23.64 -6.35 21.29
C61 C2E J . 24.18 -5.25 20.58
O61 C2E J . 24.53 -4.11 20.98
N11 C2E J . 24.27 -5.54 19.23
C21 C2E J . 23.90 -6.69 18.64
N21 C2E J . 24.05 -6.69 17.33
N31 C2E J . 23.43 -7.75 19.28
C41 C2E J . 23.32 -7.49 20.59
P1 C2E K . 33.09 -3.03 25.33
O2P C2E K . 32.53 -4.15 26.14
O1P C2E K . 34.20 -2.11 25.84
O5' C2E K . 33.53 -3.80 23.96
C5' C2E K . 34.85 -3.49 23.35
C4' C2E K . 35.02 -4.17 22.02
O4' C2E K . 35.65 -5.44 22.29
C3' C2E K . 33.75 -4.55 21.26
O3' C2E K . 33.29 -3.49 20.43
C2' C2E K . 34.25 -5.77 20.48
O2' C2E K . 35.16 -5.46 19.47
C1' C2E K . 35.07 -6.49 21.53
N9 C2E K . 34.30 -7.37 22.42
C8 C2E K . 33.96 -7.11 23.73
N7 C2E K . 33.33 -8.11 24.31
C5 C2E K . 33.23 -9.07 23.34
C6 C2E K . 32.62 -10.34 23.41
O6 C2E K . 31.99 -10.86 24.35
N1 C2E K . 32.76 -11.00 22.20
C2 C2E K . 33.43 -10.51 21.09
N2 C2E K . 33.47 -11.32 20.01
N3 C2E K . 33.98 -9.31 21.01
C4 C2E K . 33.83 -8.63 22.17
P11 C2E K . 31.80 -3.57 19.81
O21 C2E K . 31.51 -4.97 19.36
O11 C2E K . 31.39 -2.49 18.84
O5A C2E K . 30.93 -3.21 21.13
C5A C2E K . 30.90 -1.84 21.66
C4A C2E K . 30.24 -1.84 23.01
O4A C2E K . 28.87 -2.31 22.92
C3A C2E K . 30.88 -2.73 24.09
O3A C2E K . 31.95 -2.07 24.77
C2A C2E K . 29.72 -2.84 25.08
O2A C2E K . 29.85 -1.64 25.78
C1A C2E K . 28.51 -2.91 24.15
N91 C2E K . 28.02 -4.25 23.81
C81 C2E K . 28.19 -4.94 22.62
N71 C2E K . 27.54 -6.07 22.57
C51 C2E K . 26.93 -6.16 23.79
C61 C2E K . 26.12 -7.19 24.32
O61 C2E K . 25.75 -8.23 23.78
N11 C2E K . 25.69 -6.89 25.59
C21 C2E K . 26.05 -5.80 26.32
N21 C2E K . 25.54 -5.74 27.54
N31 C2E K . 26.79 -4.79 25.83
C41 C2E K . 27.20 -5.05 24.57
MG MG L . 50.61 -16.40 18.61
P1 C2E M . 0.10 8.34 48.83
O2P C2E M . -0.22 9.65 48.18
O1P C2E M . 0.04 7.06 48.03
O5' C2E M . 1.51 8.25 49.56
C5' C2E M . 2.03 6.94 49.80
C4' C2E M . 3.32 7.10 50.55
O4' C2E M . 4.28 7.76 49.70
C3' C2E M . 3.18 8.01 51.74
O3' C2E M . 2.64 7.20 52.78
C2' C2E M . 4.62 8.50 51.90
O2' C2E M . 5.23 7.51 52.67
C1' C2E M . 5.13 8.59 50.47
N9 C2E M . 5.03 9.93 49.88
C8 C2E M . 4.03 10.42 49.05
N7 C2E M . 4.13 11.74 48.82
C5 C2E M . 5.30 12.09 49.46
C6 C2E M . 5.93 13.35 49.57
O6 C2E M . 5.68 14.45 49.07
N1 C2E M . 7.05 13.29 50.34
C2 C2E M . 7.47 12.22 51.06
N2 C2E M . 8.51 12.55 51.85
N3 C2E M . 6.93 11.00 50.98
C4 C2E M . 5.84 11.01 50.15
P11 C2E M . 2.03 7.97 54.06
O21 C2E M . 2.96 9.06 54.49
O11 C2E M . 1.64 6.82 54.93
O5A C2E M . 0.64 8.54 53.52
C5A C2E M . -0.49 7.65 53.29
C4A C2E M . -1.53 8.39 52.46
O4A C2E M . -2.12 9.48 53.22
C3A C2E M . -0.98 9.03 51.17
O3A C2E M . -0.92 8.15 50.07
C2A C2E M . -2.04 10.05 50.91
O2A C2E M . -3.14 9.30 50.47
C1A C2E M . -2.30 10.56 52.32
N91 C2E M . -1.44 11.72 52.72
C81 C2E M . -0.34 11.71 53.55
N71 C2E M . 0.19 12.88 53.74
C51 C2E M . -0.64 13.74 53.03
C61 C2E M . -0.59 15.17 52.91
O61 C2E M . 0.14 15.98 53.49
N11 C2E M . -1.63 15.66 52.11
C21 C2E M . -2.57 14.87 51.48
N21 C2E M . -3.49 15.50 50.73
N31 C2E M . -2.62 13.49 51.54
C41 C2E M . -1.63 13.04 52.38
P1 C2E N . 8.84 16.70 49.94
O2P C2E N . 8.33 15.28 49.98
O1P C2E N . 10.27 17.05 50.19
O5' C2E N . 8.50 17.16 48.44
C5' C2E N . 8.02 18.43 48.04
C4' C2E N . 7.21 18.24 46.78
O4' C2E N . 7.72 17.14 45.95
C3' C2E N . 5.77 17.85 47.06
O3' C2E N . 5.16 19.07 47.34
C2' C2E N . 5.35 17.24 45.72
O2' C2E N . 4.98 18.35 44.94
C1' C2E N . 6.63 16.50 45.29
N9 C2E N . 6.61 15.07 45.69
C8 C2E N . 7.42 14.45 46.60
N7 C2E N . 7.20 13.16 46.68
C5 C2E N . 6.18 12.90 45.80
C6 C2E N . 5.50 11.69 45.48
O6 C2E N . 5.64 10.54 45.95
N1 C2E N . 4.45 11.91 44.61
C2 C2E N . 4.16 13.08 43.98
N2 C2E N . 3.21 13.02 43.01
N3 C2E N . 4.84 14.21 44.21
C4 C2E N . 5.80 14.07 45.18
P11 C2E N . 3.86 18.96 48.29
O21 C2E N . 2.89 17.97 47.70
O11 C2E N . 3.42 20.36 48.72
O5A C2E N . 4.38 18.43 49.71
C5A C2E N . 5.31 19.17 50.53
C4A C2E N . 5.79 18.26 51.64
O4A C2E N . 4.69 17.52 52.24
C3A C2E N . 6.72 17.17 51.23
O3A C2E N . 8.06 17.66 50.99
C2A C2E N . 6.64 16.23 52.42
O2A C2E N . 7.27 16.66 53.61
C1A C2E N . 5.14 16.28 52.75
N91 C2E N . 4.39 15.21 52.11
C81 C2E N . 3.46 15.40 51.15
N71 C2E N . 2.72 14.38 50.99
C51 C2E N . 3.25 13.44 51.85
C61 C2E N . 2.84 12.13 52.07
O61 C2E N . 1.86 11.57 51.56
N11 C2E N . 3.60 11.47 53.00
C21 C2E N . 4.63 12.02 53.63
N21 C2E N . 5.21 11.21 54.48
N31 C2E N . 5.03 13.27 53.44
C41 C2E N . 4.27 13.92 52.54
MG MG O . 11.72 13.44 27.10
P1 C2E P . -28.97 20.40 15.84
O2P C2E P . -27.56 20.63 16.27
O1P C2E P . -29.85 19.91 16.95
O5' C2E P . -29.55 21.68 15.05
C5' C2E P . -30.99 21.82 14.84
C4' C2E P . -31.34 22.80 13.73
O4' C2E P . -30.94 24.19 14.01
C3' C2E P . -30.66 22.49 12.39
O3' C2E P . -31.36 21.51 11.65
C2' C2E P . -30.72 23.83 11.67
O2' C2E P . -32.04 24.09 11.31
C1' C2E P . -30.37 24.74 12.80
N9 C2E P . -28.92 24.81 12.99
C8 C2E P . -28.18 24.17 13.98
N7 C2E P . -26.97 24.65 14.13
C5 C2E P . -26.95 25.66 13.19
C6 C2E P . -25.91 26.50 12.79
O6 C2E P . -24.78 26.64 13.22
N1 C2E P . -26.27 27.40 11.79
C2 C2E P . -27.46 27.43 11.14
N2 C2E P . -27.53 28.39 10.21
N3 C2E P . -28.49 26.65 11.43
C4 C2E P . -28.14 25.79 12.49
P11 C2E P . -30.57 20.79 10.43
O21 C2E P . -29.69 21.70 9.63
O11 C2E P . -31.52 19.96 9.62
O5A C2E P . -29.68 19.77 11.26
C5A C2E P . -30.15 18.54 11.81
C4A C2E P . -29.04 17.98 12.68
O4A C2E P . -28.02 17.50 11.78
C3A C2E P . -28.30 18.97 13.61
O3A C2E P . -29.03 19.13 14.83
C2A C2E P . -27.07 18.17 13.82
O2A C2E P . -27.51 17.04 14.54
C1A C2E P . -26.77 17.67 12.40
N91 C2E P . -25.94 18.53 11.57
C81 C2E P . -26.33 19.33 10.52
N71 C2E P . -25.35 19.95 9.92
C51 C2E P . -24.23 19.51 10.60
C61 C2E P . -22.88 19.84 10.37
O61 C2E P . -22.41 20.64 9.56
N11 C2E P . -22.10 19.17 11.29
C21 C2E P . -22.54 18.31 12.27
N21 C2E P . -21.56 17.73 13.00
N31 C2E P . -23.80 17.99 12.50
C41 C2E P . -24.58 18.63 11.61
P1 C2E Q . -23.80 30.49 11.20
O2P C2E Q . -25.27 30.16 11.18
O1P C2E Q . -23.36 31.88 10.71
O5' C2E Q . -23.32 30.15 12.70
C5' C2E Q . -22.01 30.70 13.12
C4' C2E Q . -21.61 30.16 14.47
O4' C2E Q . -22.69 30.44 15.40
C3' C2E Q . -21.40 28.65 14.53
O3' C2E Q . -20.10 28.30 14.04
C2' C2E Q . -21.68 28.40 16.01
O2' C2E Q . -20.54 28.81 16.71
C1' C2E Q . -22.83 29.38 16.31
N9 C2E Q . -24.15 28.78 16.13
C8 C2E Q . -25.10 29.05 15.17
N7 C2E Q . -26.22 28.34 15.32
C5 C2E Q . -25.94 27.51 16.37
C6 C2E Q . -26.77 26.55 17.04
O6 C2E Q . -27.94 26.25 16.81
N1 C2E Q . -26.13 26.01 18.14
C2 C2E Q . -24.86 26.34 18.59
N2 C2E Q . -24.43 25.66 19.67
N3 C2E Q . -24.06 27.24 18.01
C4 C2E Q . -24.68 27.79 16.91
P11 C2E Q . -19.93 26.77 13.45
O21 C2E Q . -20.50 25.79 14.42
O11 C2E Q . -18.52 26.49 13.03
O5A C2E Q . -20.86 26.68 12.11
C5A C2E Q . -20.60 27.49 10.92
C4A C2E Q . -21.77 27.47 9.95
O4A C2E Q . -22.16 26.12 9.55
C3A C2E Q . -23.04 28.08 10.42
O3A C2E Q . -22.80 29.48 10.43
C2A C2E Q . -24.01 27.51 9.33
O2A C2E Q . -23.93 28.43 8.25
C1A C2E Q . -23.49 26.08 9.10
N91 C2E Q . -24.11 24.97 9.98
C81 C2E Q . -23.49 24.37 11.07
N71 C2E Q . -24.27 23.48 11.81
C51 C2E Q . -25.47 23.50 11.10
C61 C2E Q . -26.64 22.75 11.30
O61 C2E Q . -26.88 21.89 12.12
N11 C2E Q . -27.60 23.06 10.31
C21 C2E Q . -27.45 23.99 9.28
N21 C2E Q . -28.47 24.15 8.37
N31 C2E Q . -26.33 24.71 9.05
C41 C2E Q . -25.39 24.42 9.99
MG MG R . -23.15 38.50 32.26
P1 C2E S . -34.09 24.22 -27.60
O2P C2E S . -32.63 24.50 -27.88
O1P C2E S . -34.24 23.07 -26.67
O5' C2E S . -34.71 25.54 -26.97
C5' C2E S . -35.82 25.31 -26.13
C4' C2E S . -36.42 26.64 -25.76
O4' C2E S . -35.47 27.37 -24.93
C3' C2E S . -36.67 27.57 -26.91
O3' C2E S . -37.89 27.28 -27.53
C2' C2E S . -36.67 28.92 -26.19
O2' C2E S . -37.89 29.22 -25.56
C1' C2E S . -35.53 28.75 -25.18
N9 C2E S . -34.21 29.17 -25.65
C8 C2E S . -33.16 28.41 -26.07
N7 C2E S . -32.07 29.10 -26.36
C5 C2E S . -32.43 30.40 -26.06
C6 C2E S . -31.69 31.59 -26.14
O6 C2E S . -30.53 31.72 -26.50
N1 C2E S . -32.41 32.70 -25.71
C2 C2E S . -33.71 32.67 -25.30
N2 C2E S . -34.27 33.84 -24.93
N3 C2E S . -34.43 31.56 -25.25
C4 C2E S . -33.73 30.46 -25.63
P11 C2E S . -38.07 27.95 -28.98
O21 C2E S . -37.78 29.41 -28.79
O11 C2E S . -39.44 27.58 -29.52
O5A C2E S . -37.11 27.01 -29.89
C5A C2E S . -37.47 25.56 -30.02
C4A C2E S . -36.35 24.77 -30.68
O4A C2E S . -36.12 25.20 -32.04
C3A C2E S . -34.99 24.90 -29.97
O3A C2E S . -34.91 23.91 -28.93
C2A C2E S . -34.04 24.60 -31.13
O2A C2E S . -33.93 23.23 -31.46
C1A C2E S . -34.74 25.29 -32.30
N91 C2E S . -34.36 26.69 -32.45
C81 C2E S . -35.10 27.79 -32.06
N71 C2E S . -34.53 28.93 -32.37
C51 C2E S . -33.33 28.58 -32.98
C61 C2E S . -32.28 29.40 -33.54
O61 C2E S . -32.18 30.65 -33.68
N11 C2E S . -31.26 28.61 -34.06
C21 C2E S . -31.25 27.26 -34.03
N21 C2E S . -30.18 26.71 -34.61
N31 C2E S . -32.22 26.48 -33.56
C41 C2E S . -33.23 27.20 -33.05
P1 C2E T . -29.63 35.46 -25.55
O2P C2E T . -30.97 34.79 -25.46
O1P C2E T . -29.62 36.83 -24.92
O5' C2E T . -28.49 34.44 -25.05
C5' C2E T . -27.10 34.84 -24.94
C4' C2E T . -26.17 33.67 -25.19
O4' C2E T . -26.22 32.78 -24.02
C3' C2E T . -26.55 32.79 -26.38
O3' C2E T . -25.95 33.17 -27.60
C2' C2E T . -26.00 31.45 -25.92
O2' C2E T . -24.61 31.44 -26.16
C1' C2E T . -26.34 31.43 -24.43
N9 C2E T . -27.66 30.85 -24.13
C8 C2E T . -28.85 31.48 -23.83
N7 C2E T . -29.85 30.65 -23.64
C5 C2E T . -29.28 29.38 -23.76
C6 C2E T . -29.85 28.09 -23.60
O6 C2E T . -31.01 27.75 -23.31
N1 C2E T . -28.90 27.11 -23.78
C2 C2E T . -27.57 27.30 -24.10
N2 C2E T . -26.78 26.19 -24.19
N3 C2E T . -27.04 28.51 -24.26
C4 C2E T . -27.95 29.49 -24.09
P11 C2E T . -26.34 32.41 -28.99
O21 C2E T . -26.56 30.91 -28.86
O11 C2E T . -25.48 33.02 -30.06
O5A C2E T . -27.78 33.06 -29.26
C5A C2E T . -27.81 34.47 -29.51
C4A C2E T . -29.24 34.92 -29.39
O4A C2E T . -30.09 34.09 -30.20
C3A C2E T . -29.79 34.77 -27.99
O3A C2E T . -29.32 35.76 -27.11
C2A C2E T . -31.30 34.76 -28.29
O2A C2E T . -31.84 36.05 -28.35
C1A C2E T . -31.37 34.02 -29.62
N91 C2E T . -31.80 32.61 -29.54
C81 C2E T . -31.06 31.47 -29.77
N71 C2E T . -31.76 30.36 -29.71
C51 C2E T . -33.04 30.78 -29.41
C61 C2E T . -34.23 30.03 -29.23
O61 C2E T . -34.34 28.79 -29.29
N11 C2E T . -35.32 30.84 -28.94
C21 C2E T . -35.26 32.21 -28.81
N21 C2E T . -36.43 32.86 -28.55
N31 C2E T . -34.16 32.93 -29.04
C41 C2E T . -33.09 32.16 -29.31
MG MG U . -15.72 26.04 -9.98
P1 C2E V . 0.85 -6.94 -38.02
O2P C2E V . 1.27 -5.56 -37.51
O1P C2E V . -0.50 -7.32 -38.57
O5' C2E V . 2.03 -7.35 -39.04
C5' C2E V . 2.01 -8.80 -39.47
C4' C2E V . 3.33 -9.15 -40.10
O4' C2E V . 3.65 -8.20 -41.15
C3' C2E V . 4.50 -9.08 -39.14
O3' C2E V . 4.36 -10.28 -38.41
C2' C2E V . 5.66 -8.86 -40.18
O2' C2E V . 6.17 -10.08 -40.71
C1' C2E V . 5.04 -8.01 -41.33
N9 C2E V . 5.36 -6.55 -40.99
C8 C2E V . 4.41 -5.63 -40.53
N7 C2E V . 4.93 -4.42 -40.39
C5 C2E V . 6.25 -4.53 -40.81
C6 C2E V . 7.30 -3.58 -40.95
O6 C2E V . 7.22 -2.39 -40.73
N1 C2E V . 8.47 -4.09 -41.47
C2 C2E V . 8.68 -5.39 -41.73
N2 C2E V . 9.93 -5.72 -42.14
N3 C2E V . 7.73 -6.33 -41.62
C4 C2E V . 6.54 -5.81 -41.14
P11 C2E V . 5.14 -10.24 -37.11
O21 C2E V . 6.42 -9.39 -37.31
O11 C2E V . 5.16 -11.70 -36.65
O5A C2E V . 4.03 -9.34 -36.35
C5A C2E V . 2.81 -9.99 -35.83
C4A C2E V . 1.99 -8.95 -35.11
O4A C2E V . 2.62 -8.48 -33.89
C3A C2E V . 1.86 -7.72 -35.92
O3A C2E V . 0.94 -8.11 -36.93
C2A C2E V . 1.40 -6.72 -34.86
O2A C2E V . 0.12 -7.00 -34.27
C1A C2E V . 2.41 -7.08 -33.80
N91 C2E V . 3.80 -6.31 -33.93
C81 C2E V . 5.00 -6.81 -34.43
N71 C2E V . 6.01 -5.90 -34.41
C51 C2E V . 5.47 -4.80 -33.84
C61 C2E V . 6.13 -3.58 -33.59
O61 C2E V . 7.37 -3.27 -33.75
N11 C2E V . 5.22 -2.73 -32.99
C21 C2E V . 3.82 -3.03 -32.77
N21 C2E V . 3.14 -2.07 -32.14
N31 C2E V . 3.20 -4.19 -33.02
C41 C2E V . 4.07 -5.03 -33.61
P1 C2E W . 11.15 -1.16 -41.92
O2P C2E W . 10.45 -2.51 -41.90
O1P C2E W . 12.43 -0.94 -42.71
O5' C2E W . 9.91 -0.22 -42.26
C5' C2E W . 10.03 1.21 -42.47
C4' C2E W . 8.70 1.87 -42.22
O4' C2E W . 7.80 1.51 -43.30
C3' C2E W . 8.01 1.43 -40.92
O3' C2E W . 8.49 2.25 -39.81
C2' C2E W . 6.51 1.47 -41.35
O2' C2E W . 5.87 2.69 -40.96
C1' C2E W . 6.47 1.30 -42.89
N9 C2E W . 6.05 -0.13 -43.31
C8 C2E W . 6.84 -1.20 -43.62
N7 C2E W . 6.18 -2.29 -43.63
C5 C2E W . 4.87 -1.93 -43.37
C6 C2E W . 3.67 -2.68 -43.37
O6 C2E W . 3.51 -3.91 -43.45
N1 C2E W . 2.59 -1.91 -43.05
C2 C2E W . 2.57 -0.56 -42.89
N2 C2E W . 1.41 0.02 -42.64
N3 C2E W . 3.69 0.14 -42.91
C4 C2E W . 4.77 -0.59 -43.21
P11 C2E W . 7.93 1.99 -38.32
O21 C2E W . 6.48 1.54 -38.45
O11 C2E W . 8.40 2.99 -37.30
O5A C2E W . 8.87 0.78 -37.83
C5A C2E W . 10.30 0.85 -38.00
C4A C2E W . 10.83 -0.56 -38.17
O4A C2E W . 10.18 -1.48 -37.24
C3A C2E W . 10.51 -1.23 -39.49
O3A C2E W . 11.45 -0.72 -40.41
C2A C2E W . 10.77 -2.70 -39.18
O2A C2E W . 12.15 -2.88 -38.96
C1A C2E W . 10.12 -2.81 -37.81
N91 C2E W . 8.82 -3.29 -37.72
C81 C2E W . 7.67 -2.57 -37.37
N71 C2E W . 6.59 -3.29 -37.19
C51 C2E W . 7.06 -4.55 -37.47
C61 C2E W . 6.39 -5.78 -37.44
O61 C2E W . 5.21 -6.00 -37.13
N11 C2E W . 7.22 -6.82 -37.82
C21 C2E W . 8.55 -6.70 -38.08
N21 C2E W . 9.23 -7.83 -38.38
N31 C2E W . 9.21 -5.56 -38.05
C41 C2E W . 8.40 -4.53 -37.73
MG MG X . -3.17 9.20 -57.10
#